data_5NNP
#
_entry.id   5NNP
#
_cell.length_a   93.319
_cell.length_b   106.041
_cell.length_c   130.937
_cell.angle_alpha   90.00
_cell.angle_beta   94.98
_cell.angle_gamma   90.00
#
_symmetry.space_group_name_H-M   'P 1 21 1'
#
loop_
_entity.id
_entity.type
_entity.pdbx_description
1 polymer 'N-terminal acetyltransferase-like protein'
2 polymer 'Putative uncharacterized protein'
3 polymer 'Putative uncharacterized protein'
4 polymer Ser-Glu-Ser-Ser
5 non-polymer GLYCEROL
6 non-polymer 'PHOSPHATE ION'
7 non-polymer 'CARBOXYMETHYL COENZYME *A'
8 water water
#
loop_
_entity_poly.entity_id
_entity_poly.type
_entity_poly.pdbx_seq_one_letter_code
_entity_poly.pdbx_strand_id
1 'polypeptide(L)'
;MGPQPLSTREANLFRTVIRHYEDKQYKRGLKAAEQILKKNPKHGDTMSMKALILNAQGKTEEAFALAKEALTIDMKSYIC
WHVYGILYRTNKNFDEAIKAYKFALKLEPESHQIQRDLAVLQIQMRDYAGYVQSRLNMLKARPQIRQNWTALAIAYHLEG
NLEKAEHILTTYEKSLTTPPPKTDLEHSEALLYKNTIIAERGDIERALQHLETDCKHCLDRLAVMELRASYLSKLARKDE
AAKAYRALLDRNPEHMDYYKGLISALDISADDEEAQKAVYDEYAAKYPRSDAAKRLPLNFLSGERFRTTAKAYLTLMFDK
GVPSTFANLKHLYSDSFKKETLASLAEEYLNEYVNARPSDNQADGDGSKGKGAALYYLAQHYNYYMSRDLTRALEYVEKA
IELDPKNVDFHMTKARIFKHQGDLAKAAETMDYARSLDPKDRYINSKAAKYQLRNNENEKALATMGLFTRAETAGGPLAD
LTDMQCIWFLTEDGEAWQRRGNTALALKRYHTVFSIFDTWQEDQFDFHSFSLRKGQIRAYVDMVRWEDRLREHPFYFRAA
LDAVNLYLSMYDKPQSANGANGTEAANPNGEDAAEKKKAAKKARKEAQKAEREAAERAAKQDPNKPGAQKGKEEDIKKKD
DDPNGEKLAATKDPLGDAMKFLNYILQFSPKNIDGQIAGFEVYIRKKKYLLALRCLKAASAIDKNHPKVLEQAAKLRKIV
SSALDSMAPKLREVIQAELVGVPGA
;
A,E
2 'polypeptide(L)'
;(FME)DIRLLRPSDIPLIQHANLENLPENYFLKYYLYHALSWPQLSFVAVDVSRPAKSPYDYPKIVGYVLAKMEEEPADG
VPHGHITSLSVMRTHRRLGIAEKLMRQSQLAMVETYNAHYVSLHVRVSNKAAIHLYRDTLGFKTEKVEAKYYADGEDAYC
MKLDLTALREQIAAQREKELEEDKAAAGSNGVNHHHHHH
;
B,F
3 'polypeptide(L)' GAMGKVDPADVNLLVEELELSKAKATELLKAHDGDAIKAMKAYIQPAFGSGSGSWSHPQFEK C,G
4 'polypeptide(L)' SESS I,L
#
loop_
_chem_comp.id
_chem_comp.type
_chem_comp.name
_chem_comp.formula
CMC non-polymer 'CARBOXYMETHYL COENZYME *A' 'C23 H38 N7 O18 P3 S'
GOL non-polymer GLYCEROL 'C3 H8 O3'
PO4 non-polymer 'PHOSPHATE ION' 'O4 P -3'
#
# COMPACT_ATOMS: atom_id res chain seq x y z
N THR A 8 -37.35 59.03 1.40
CA THR A 8 -36.05 59.53 0.98
C THR A 8 -34.90 59.00 1.83
N ARG A 9 -35.17 58.72 3.10
CA ARG A 9 -34.16 58.08 3.95
C ARG A 9 -34.12 56.60 3.65
N GLU A 10 -35.27 56.03 3.30
CA GLU A 10 -35.33 54.65 2.86
C GLU A 10 -34.69 54.54 1.49
N ALA A 11 -34.85 55.60 0.69
CA ALA A 11 -34.28 55.66 -0.64
C ALA A 11 -32.77 55.49 -0.58
N ASN A 12 -32.13 56.24 0.33
CA ASN A 12 -30.70 56.11 0.54
C ASN A 12 -30.36 54.84 1.31
N LEU A 13 -31.30 54.34 2.10
CA LEU A 13 -31.11 53.11 2.85
C LEU A 13 -31.10 51.88 1.91
N PHE A 14 -31.90 51.96 0.86
CA PHE A 14 -31.92 50.93 -0.18
C PHE A 14 -30.54 50.82 -0.83
N ARG A 15 -29.88 51.96 -1.04
CA ARG A 15 -28.55 52.00 -1.61
C ARG A 15 -27.51 51.35 -0.71
N THR A 16 -27.70 51.46 0.61
CA THR A 16 -26.75 50.90 1.56
C THR A 16 -26.97 49.41 1.70
N VAL A 17 -28.07 48.91 1.13
CA VAL A 17 -28.31 47.47 1.08
C VAL A 17 -27.53 46.82 -0.05
N ILE A 18 -27.47 47.53 -1.18
CA ILE A 18 -26.65 47.13 -2.33
C ILE A 18 -25.16 47.25 -2.00
N ARG A 19 -24.77 48.36 -1.36
CA ARG A 19 -23.39 48.55 -0.95
C ARG A 19 -22.94 47.44 0.00
N HIS A 20 -23.80 47.10 0.96
CA HIS A 20 -23.49 46.06 1.91
C HIS A 20 -23.50 44.69 1.24
N TYR A 21 -24.20 44.60 0.12
CA TYR A 21 -24.26 43.33 -0.62
C TYR A 21 -23.00 43.14 -1.47
N GLU A 22 -22.59 44.21 -2.14
CA GLU A 22 -21.41 44.19 -2.98
C GLU A 22 -20.13 44.15 -2.16
N ASP A 23 -20.26 44.27 -0.84
CA ASP A 23 -19.13 44.15 0.07
C ASP A 23 -19.24 42.86 0.87
N LYS A 24 -20.20 42.02 0.50
CA LYS A 24 -20.44 40.74 1.16
C LYS A 24 -20.72 40.89 2.65
N GLN A 25 -21.16 42.08 3.04
CA GLN A 25 -21.60 42.35 4.41
C GLN A 25 -23.11 42.10 4.56
N TYR A 26 -23.45 40.82 4.70
CA TYR A 26 -24.84 40.37 4.78
C TYR A 26 -25.60 40.99 5.94
N LYS A 27 -25.01 40.91 7.13
CA LYS A 27 -25.63 41.44 8.34
C LYS A 27 -25.86 42.94 8.22
N ARG A 28 -24.84 43.67 7.78
CA ARG A 28 -24.95 45.12 7.59
C ARG A 28 -26.05 45.47 6.59
N GLY A 29 -26.34 44.55 5.67
CA GLY A 29 -27.34 44.76 4.63
C GLY A 29 -28.75 44.28 4.99
N LEU A 30 -28.83 43.09 5.58
CA LEU A 30 -30.09 42.56 6.08
C LEU A 30 -30.72 43.48 7.13
N LYS A 31 -29.96 43.80 8.19
CA LYS A 31 -30.45 44.67 9.25
C LYS A 31 -30.96 45.99 8.67
N ALA A 32 -30.32 46.42 7.59
CA ALA A 32 -30.71 47.65 6.90
C ALA A 32 -32.02 47.45 6.15
N ALA A 33 -32.09 46.40 5.35
CA ALA A 33 -33.29 46.09 4.56
C ALA A 33 -34.51 45.85 5.47
N GLU A 34 -34.27 45.21 6.60
CA GLU A 34 -35.36 44.92 7.53
C GLU A 34 -35.99 46.19 8.07
N GLN A 35 -35.22 47.28 8.08
CA GLN A 35 -35.75 48.56 8.55
C GLN A 35 -36.68 49.20 7.51
N ILE A 36 -36.49 48.88 6.24
CA ILE A 36 -37.37 49.37 5.19
C ILE A 36 -38.67 48.57 5.16
N LEU A 37 -38.54 47.26 5.40
CA LEU A 37 -39.66 46.33 5.30
C LEU A 37 -40.61 46.41 6.52
N LYS A 38 -40.16 47.06 7.58
CA LYS A 38 -41.01 47.25 8.76
C LYS A 38 -41.92 48.45 8.55
N LYS A 39 -41.50 49.36 7.67
CA LYS A 39 -42.29 50.55 7.33
C LYS A 39 -43.06 50.35 6.02
N ASN A 40 -42.38 49.80 5.02
CA ASN A 40 -43.02 49.49 3.74
C ASN A 40 -42.82 48.02 3.39
N PRO A 41 -43.61 47.13 4.02
CA PRO A 41 -43.41 45.67 3.92
C PRO A 41 -43.69 45.08 2.54
N LYS A 42 -44.42 45.80 1.69
CA LYS A 42 -44.59 45.37 0.31
C LYS A 42 -43.75 46.22 -0.64
N HIS A 43 -42.48 46.41 -0.30
CA HIS A 43 -41.56 47.04 -1.23
C HIS A 43 -40.77 45.95 -1.95
N GLY A 44 -41.20 45.67 -3.18
CA GLY A 44 -40.61 44.61 -3.99
C GLY A 44 -39.11 44.66 -4.20
N ASP A 45 -38.59 45.83 -4.58
CA ASP A 45 -37.16 45.95 -4.87
C ASP A 45 -36.33 45.54 -3.68
N THR A 46 -36.79 45.89 -2.48
CA THR A 46 -36.07 45.53 -1.26
C THR A 46 -36.17 44.03 -0.96
N MET A 47 -37.35 43.44 -1.20
CA MET A 47 -37.52 42.02 -0.94
C MET A 47 -36.58 41.20 -1.80
N SER A 48 -36.44 41.60 -3.07
CA SER A 48 -35.53 40.95 -4.01
C SER A 48 -34.07 41.07 -3.56
N MET A 49 -33.68 42.25 -3.09
CA MET A 49 -32.32 42.46 -2.60
C MET A 49 -32.03 41.59 -1.39
N LYS A 50 -33.06 41.34 -0.59
CA LYS A 50 -32.93 40.46 0.56
C LYS A 50 -32.86 39.01 0.11
N ALA A 51 -33.55 38.70 -0.98
CA ALA A 51 -33.56 37.36 -1.57
C ALA A 51 -32.17 36.98 -2.06
N LEU A 52 -31.44 37.96 -2.58
CA LEU A 52 -30.06 37.74 -3.03
C LEU A 52 -29.16 37.33 -1.88
N ILE A 53 -29.18 38.12 -0.82
CA ILE A 53 -28.36 37.87 0.36
C ILE A 53 -28.69 36.52 0.97
N LEU A 54 -29.97 36.16 0.98
CA LEU A 54 -30.37 34.86 1.48
C LEU A 54 -29.73 33.75 0.65
N ASN A 55 -29.80 33.89 -0.67
CA ASN A 55 -29.21 32.94 -1.60
C ASN A 55 -27.70 32.90 -1.46
N ALA A 56 -27.11 34.04 -1.11
CA ALA A 56 -25.68 34.16 -0.93
C ALA A 56 -25.22 33.58 0.42
N GLN A 57 -26.13 32.86 1.08
CA GLN A 57 -25.81 32.20 2.34
C GLN A 57 -26.66 30.94 2.47
N GLY A 58 -26.78 30.21 1.38
CA GLY A 58 -27.38 28.88 1.40
C GLY A 58 -28.90 28.82 1.48
N LYS A 59 -29.53 29.94 1.80
CA LYS A 59 -30.98 29.95 2.00
C LYS A 59 -31.69 29.84 0.66
N THR A 60 -31.26 28.87 -0.14
CA THR A 60 -31.71 28.77 -1.53
C THR A 60 -33.23 28.65 -1.68
N GLU A 61 -33.84 27.71 -0.96
CA GLU A 61 -35.29 27.54 -1.06
C GLU A 61 -36.02 28.81 -0.64
N GLU A 62 -35.58 29.37 0.49
CA GLU A 62 -36.18 30.55 1.10
C GLU A 62 -36.02 31.78 0.20
N ALA A 63 -34.84 31.91 -0.40
CA ALA A 63 -34.56 33.00 -1.32
C ALA A 63 -35.51 32.96 -2.52
N PHE A 64 -35.76 31.76 -3.03
CA PHE A 64 -36.64 31.58 -4.20
C PHE A 64 -38.08 31.91 -3.87
N ALA A 65 -38.53 31.47 -2.69
CA ALA A 65 -39.88 31.79 -2.25
C ALA A 65 -40.05 33.31 -2.15
N LEU A 66 -39.02 33.96 -1.61
CA LEU A 66 -39.04 35.41 -1.39
C LEU A 66 -38.95 36.20 -2.69
N ALA A 67 -37.96 35.87 -3.53
CA ALA A 67 -37.82 36.51 -4.82
C ALA A 67 -39.12 36.41 -5.61
N LYS A 68 -39.70 35.22 -5.60
CA LYS A 68 -40.92 34.94 -6.33
C LYS A 68 -42.11 35.75 -5.80
N GLU A 69 -42.18 35.87 -4.48
CA GLU A 69 -43.16 36.73 -3.83
C GLU A 69 -42.97 38.20 -4.22
N ALA A 70 -41.71 38.59 -4.44
CA ALA A 70 -41.37 39.99 -4.67
C ALA A 70 -41.85 40.42 -6.04
N LEU A 71 -41.62 39.56 -7.03
CA LEU A 71 -42.01 39.91 -8.38
C LEU A 71 -43.52 39.76 -8.55
N THR A 72 -44.19 39.12 -7.60
CA THR A 72 -45.65 39.14 -7.58
C THR A 72 -46.12 40.54 -7.20
N ILE A 73 -45.49 41.11 -6.19
CA ILE A 73 -45.88 42.41 -5.68
C ILE A 73 -45.63 43.50 -6.70
N ASP A 74 -44.48 43.42 -7.35
CA ASP A 74 -44.08 44.42 -8.34
C ASP A 74 -43.65 43.73 -9.62
N MET A 75 -44.63 43.41 -10.47
CA MET A 75 -44.38 42.56 -11.63
C MET A 75 -43.69 43.33 -12.74
N LYS A 76 -43.70 44.65 -12.64
CA LYS A 76 -43.09 45.50 -13.65
C LYS A 76 -41.71 46.07 -13.22
N SER A 77 -41.15 45.52 -12.14
CA SER A 77 -39.81 45.92 -11.68
C SER A 77 -38.72 45.07 -12.33
N TYR A 78 -37.73 45.72 -12.94
CA TYR A 78 -36.69 44.98 -13.65
C TYR A 78 -35.69 44.38 -12.66
N ILE A 79 -35.60 44.97 -11.47
CA ILE A 79 -34.78 44.43 -10.41
C ILE A 79 -35.30 43.08 -9.93
N CYS A 80 -36.61 43.01 -9.64
CA CYS A 80 -37.19 41.76 -9.18
C CYS A 80 -36.95 40.62 -10.20
N TRP A 81 -37.14 40.91 -11.48
CA TRP A 81 -36.94 39.89 -12.51
C TRP A 81 -35.45 39.53 -12.68
N HIS A 82 -34.60 40.55 -12.66
CA HIS A 82 -33.14 40.35 -12.70
C HIS A 82 -32.67 39.41 -11.58
N VAL A 83 -33.10 39.68 -10.35
CA VAL A 83 -32.78 38.85 -9.19
C VAL A 83 -33.21 37.39 -9.40
N TYR A 84 -34.47 37.23 -9.78
CA TYR A 84 -35.05 35.93 -10.06
C TYR A 84 -34.15 35.14 -11.03
N GLY A 85 -33.66 35.81 -12.06
CA GLY A 85 -32.76 35.21 -13.03
C GLY A 85 -31.43 34.81 -12.42
N ILE A 86 -30.84 35.74 -11.65
CA ILE A 86 -29.57 35.50 -10.98
C ILE A 86 -29.63 34.25 -10.09
N LEU A 87 -30.69 34.10 -9.31
CA LEU A 87 -30.90 32.91 -8.52
C LEU A 87 -30.88 31.65 -9.39
N TYR A 88 -31.75 31.64 -10.40
CA TYR A 88 -31.83 30.54 -11.36
C TYR A 88 -30.50 30.22 -12.00
N ARG A 89 -29.81 31.25 -12.49
CA ARG A 89 -28.51 31.03 -13.11
C ARG A 89 -27.54 30.43 -12.11
N THR A 90 -27.65 30.84 -10.85
CA THR A 90 -26.80 30.29 -9.80
C THR A 90 -27.08 28.81 -9.58
N ASN A 91 -28.36 28.45 -9.55
CA ASN A 91 -28.78 27.07 -9.36
C ASN A 91 -28.75 26.27 -10.67
N LYS A 92 -28.04 26.81 -11.65
CA LYS A 92 -27.73 26.12 -12.90
C LYS A 92 -28.95 25.82 -13.78
N ASN A 93 -30.08 26.42 -13.46
CA ASN A 93 -31.25 26.36 -14.33
C ASN A 93 -31.26 27.50 -15.34
N PHE A 94 -30.42 27.36 -16.35
CA PHE A 94 -30.22 28.39 -17.34
C PHE A 94 -31.47 28.70 -18.15
N ASP A 95 -32.40 27.77 -18.20
CA ASP A 95 -33.52 28.00 -19.06
C ASP A 95 -34.49 28.92 -18.39
N GLU A 96 -34.72 28.72 -17.10
CA GLU A 96 -35.61 29.60 -16.36
C GLU A 96 -34.93 30.94 -16.16
N ALA A 97 -33.60 30.94 -16.15
CA ALA A 97 -32.85 32.18 -16.08
C ALA A 97 -33.13 33.04 -17.31
N ILE A 98 -33.11 32.40 -18.49
CA ILE A 98 -33.31 33.13 -19.75
C ILE A 98 -34.66 33.86 -19.75
N LYS A 99 -35.72 33.17 -19.33
CA LYS A 99 -37.06 33.74 -19.32
C LYS A 99 -37.12 35.03 -18.49
N ALA A 100 -36.38 35.04 -17.38
CA ALA A 100 -36.42 36.12 -16.42
C ALA A 100 -35.51 37.29 -16.83
N TYR A 101 -34.31 36.98 -17.31
CA TYR A 101 -33.44 38.00 -17.88
C TYR A 101 -34.13 38.73 -19.05
N LYS A 102 -34.79 37.95 -19.91
CA LYS A 102 -35.46 38.49 -21.09
C LYS A 102 -36.53 39.53 -20.76
N PHE A 103 -37.28 39.28 -19.69
CA PHE A 103 -38.34 40.18 -19.28
C PHE A 103 -37.76 41.42 -18.57
N ALA A 104 -36.76 41.18 -17.72
CA ALA A 104 -36.03 42.28 -17.12
C ALA A 104 -35.51 43.24 -18.20
N LEU A 105 -34.91 42.70 -19.25
CA LEU A 105 -34.45 43.55 -20.34
C LEU A 105 -35.59 44.28 -21.09
N LYS A 106 -36.78 43.69 -21.16
CA LYS A 106 -37.90 44.39 -21.80
C LYS A 106 -38.39 45.53 -20.89
N LEU A 107 -38.11 45.40 -19.59
CA LEU A 107 -38.47 46.44 -18.63
C LEU A 107 -37.40 47.53 -18.56
N GLU A 108 -36.14 47.14 -18.70
CA GLU A 108 -35.02 48.08 -18.64
C GLU A 108 -34.03 47.90 -19.78
N PRO A 109 -34.44 48.20 -21.03
CA PRO A 109 -33.67 47.94 -22.26
C PRO A 109 -32.28 48.60 -22.26
N GLU A 110 -32.07 49.57 -21.38
CA GLU A 110 -30.80 50.27 -21.29
C GLU A 110 -29.73 49.46 -20.55
N SER A 111 -30.13 48.41 -19.86
CA SER A 111 -29.19 47.66 -19.03
C SER A 111 -28.19 46.81 -19.82
N HIS A 112 -26.96 47.29 -19.94
CA HIS A 112 -25.93 46.54 -20.66
C HIS A 112 -25.61 45.23 -19.95
N GLN A 113 -25.72 45.22 -18.62
CA GLN A 113 -25.39 44.01 -17.87
C GLN A 113 -26.41 42.91 -18.12
N ILE A 114 -27.68 43.29 -18.12
CA ILE A 114 -28.73 42.32 -18.32
C ILE A 114 -28.65 41.72 -19.72
N GLN A 115 -28.38 42.57 -20.72
CA GLN A 115 -28.29 42.11 -22.11
C GLN A 115 -27.07 41.23 -22.30
N ARG A 116 -25.99 41.58 -21.61
CA ARG A 116 -24.74 40.84 -21.69
C ARG A 116 -24.91 39.41 -21.17
N ASP A 117 -25.56 39.29 -20.01
CA ASP A 117 -25.68 38.03 -19.32
C ASP A 117 -26.70 37.11 -19.98
N LEU A 118 -27.76 37.71 -20.50
CA LEU A 118 -28.77 36.96 -21.25
C LEU A 118 -28.21 36.34 -22.52
N ALA A 119 -27.41 37.12 -23.24
CA ALA A 119 -26.86 36.67 -24.50
C ALA A 119 -26.00 35.44 -24.27
N VAL A 120 -25.23 35.49 -23.19
CA VAL A 120 -24.37 34.37 -22.83
C VAL A 120 -25.23 33.14 -22.55
N LEU A 121 -26.23 33.31 -21.70
CA LEU A 121 -27.15 32.22 -21.37
C LEU A 121 -27.81 31.64 -22.62
N GLN A 122 -28.19 32.51 -23.54
CA GLN A 122 -28.91 32.05 -24.72
C GLN A 122 -28.05 31.16 -25.62
N ILE A 123 -26.79 31.54 -25.84
CA ILE A 123 -25.93 30.72 -26.67
C ILE A 123 -25.57 29.43 -25.91
N GLN A 124 -25.38 29.54 -24.60
CA GLN A 124 -25.14 28.36 -23.76
C GLN A 124 -26.24 27.32 -23.92
N MET A 125 -27.48 27.75 -24.17
CA MET A 125 -28.59 26.80 -24.32
C MET A 125 -28.98 26.67 -25.78
N ARG A 126 -28.14 27.17 -26.66
CA ARG A 126 -28.37 27.07 -28.09
C ARG A 126 -29.75 27.64 -28.50
N ASP A 127 -30.15 28.71 -27.84
CA ASP A 127 -31.27 29.54 -28.31
C ASP A 127 -30.73 30.48 -29.38
N TYR A 128 -30.59 29.97 -30.60
CA TYR A 128 -29.90 30.67 -31.67
C TYR A 128 -30.58 31.97 -32.09
N ALA A 129 -31.90 31.93 -32.27
CA ALA A 129 -32.67 33.11 -32.67
C ALA A 129 -32.55 34.19 -31.62
N GLY A 130 -32.65 33.79 -30.35
CA GLY A 130 -32.44 34.69 -29.24
C GLY A 130 -31.06 35.34 -29.25
N TYR A 131 -30.05 34.55 -29.59
CA TYR A 131 -28.66 34.99 -29.48
C TYR A 131 -28.37 35.98 -30.58
N VAL A 132 -28.94 35.71 -31.75
CA VAL A 132 -28.84 36.64 -32.84
C VAL A 132 -29.43 38.00 -32.47
N GLN A 133 -30.67 38.01 -32.00
CA GLN A 133 -31.30 39.25 -31.58
C GLN A 133 -30.43 40.00 -30.56
N SER A 134 -29.93 39.27 -29.56
CA SER A 134 -29.08 39.86 -28.55
C SER A 134 -27.84 40.55 -29.13
N ARG A 135 -27.15 39.84 -30.01
CA ARG A 135 -25.91 40.37 -30.57
C ARG A 135 -26.16 41.55 -31.47
N LEU A 136 -27.27 41.48 -32.21
CA LEU A 136 -27.66 42.60 -33.08
C LEU A 136 -27.86 43.84 -32.23
N ASN A 137 -28.50 43.64 -31.08
CA ASN A 137 -28.70 44.68 -30.11
C ASN A 137 -27.41 45.21 -29.55
N MET A 138 -26.56 44.30 -29.08
CA MET A 138 -25.30 44.70 -28.52
C MET A 138 -24.46 45.45 -29.57
N LEU A 139 -24.47 44.95 -30.80
CA LEU A 139 -23.76 45.61 -31.90
C LEU A 139 -24.30 47.02 -32.18
N LYS A 140 -25.62 47.17 -32.08
CA LYS A 140 -26.23 48.47 -32.30
C LYS A 140 -25.76 49.44 -31.23
N ALA A 141 -25.58 48.93 -30.02
CA ALA A 141 -25.20 49.76 -28.91
C ALA A 141 -23.73 50.14 -28.93
N ARG A 142 -22.87 49.24 -29.42
CA ARG A 142 -21.43 49.48 -29.44
C ARG A 142 -20.76 48.99 -30.74
N PRO A 143 -21.05 49.66 -31.86
CA PRO A 143 -20.56 49.26 -33.19
C PRO A 143 -19.13 49.70 -33.50
N GLN A 144 -18.50 50.43 -32.60
CA GLN A 144 -17.13 50.84 -32.86
C GLN A 144 -16.18 49.72 -32.48
N ILE A 145 -16.71 48.69 -31.79
CA ILE A 145 -15.89 47.58 -31.31
C ILE A 145 -16.01 46.32 -32.19
N ARG A 146 -14.89 45.85 -32.74
CA ARG A 146 -14.94 44.77 -33.74
C ARG A 146 -15.55 43.48 -33.19
N GLN A 147 -15.30 43.16 -31.93
CA GLN A 147 -15.87 41.93 -31.31
C GLN A 147 -17.34 41.78 -31.55
N ASN A 148 -18.07 42.88 -31.45
CA ASN A 148 -19.51 42.81 -31.59
C ASN A 148 -19.96 42.50 -33.00
N TRP A 149 -19.13 42.78 -34.02
CA TRP A 149 -19.48 42.40 -35.40
C TRP A 149 -19.28 40.91 -35.57
N THR A 150 -18.10 40.45 -35.17
CA THR A 150 -17.74 39.03 -35.21
C THR A 150 -18.75 38.15 -34.46
N ALA A 151 -19.13 38.59 -33.27
CA ALA A 151 -20.14 37.89 -32.47
C ALA A 151 -21.47 37.73 -33.19
N LEU A 152 -21.94 38.79 -33.86
CA LEU A 152 -23.19 38.71 -34.62
C LEU A 152 -23.01 37.78 -35.81
N ALA A 153 -21.84 37.81 -36.44
CA ALA A 153 -21.54 36.83 -37.49
C ALA A 153 -21.55 35.37 -36.96
N ILE A 154 -20.97 35.17 -35.78
CA ILE A 154 -20.97 33.84 -35.15
C ILE A 154 -22.40 33.36 -34.86
N ALA A 155 -23.24 34.24 -34.32
CA ALA A 155 -24.63 33.87 -34.01
C ALA A 155 -25.37 33.44 -35.25
N TYR A 156 -25.19 34.20 -36.33
CA TYR A 156 -25.81 33.85 -37.60
C TYR A 156 -25.30 32.51 -38.11
N HIS A 157 -23.98 32.34 -38.05
CA HIS A 157 -23.28 31.13 -38.47
C HIS A 157 -23.78 29.88 -37.74
N LEU A 158 -23.86 29.96 -36.41
CA LEU A 158 -24.30 28.82 -35.63
C LEU A 158 -25.79 28.57 -35.84
N GLU A 159 -26.52 29.62 -36.25
CA GLU A 159 -27.96 29.50 -36.51
C GLU A 159 -28.22 28.80 -37.82
N GLY A 160 -27.20 28.68 -38.66
CA GLY A 160 -27.37 28.11 -39.99
C GLY A 160 -27.50 29.15 -41.11
N ASN A 161 -27.49 30.43 -40.74
CA ASN A 161 -27.55 31.51 -41.73
C ASN A 161 -26.15 31.94 -42.19
N LEU A 162 -25.52 31.10 -43.00
CA LEU A 162 -24.16 31.37 -43.46
C LEU A 162 -24.07 32.64 -44.31
N GLU A 163 -25.00 32.82 -45.24
CA GLU A 163 -25.02 34.04 -46.06
C GLU A 163 -25.00 35.32 -45.22
N LYS A 164 -25.82 35.37 -44.17
CA LYS A 164 -25.85 36.59 -43.36
C LYS A 164 -24.56 36.71 -42.52
N ALA A 165 -24.01 35.60 -42.07
CA ALA A 165 -22.78 35.68 -41.30
C ALA A 165 -21.63 36.21 -42.15
N GLU A 166 -21.58 35.78 -43.42
CA GLU A 166 -20.55 36.29 -44.29
C GLU A 166 -20.75 37.78 -44.56
N HIS A 167 -22.00 38.18 -44.72
CA HIS A 167 -22.36 39.58 -44.94
C HIS A 167 -21.90 40.48 -43.79
N ILE A 168 -22.10 40.03 -42.55
CA ILE A 168 -21.72 40.82 -41.39
C ILE A 168 -20.21 40.98 -41.33
N LEU A 169 -19.49 39.89 -41.64
CA LEU A 169 -18.03 39.92 -41.66
C LEU A 169 -17.49 40.84 -42.73
N THR A 170 -18.05 40.73 -43.94
CA THR A 170 -17.60 41.57 -45.02
C THR A 170 -17.96 43.04 -44.78
N THR A 171 -19.10 43.28 -44.15
CA THR A 171 -19.53 44.65 -43.90
C THR A 171 -18.51 45.35 -43.01
N TYR A 172 -18.03 44.65 -41.99
CA TYR A 172 -17.00 45.21 -41.13
C TYR A 172 -15.74 45.56 -41.93
N GLU A 173 -15.22 44.58 -42.67
CA GLU A 173 -14.02 44.79 -43.47
C GLU A 173 -14.14 45.99 -44.40
N LYS A 174 -15.35 46.23 -44.87
CA LYS A 174 -15.57 47.33 -45.80
C LYS A 174 -15.57 48.67 -45.08
N SER A 175 -15.73 48.67 -43.76
CA SER A 175 -15.65 49.95 -43.04
C SER A 175 -14.21 50.40 -42.81
N LEU A 176 -13.27 49.47 -42.87
CA LEU A 176 -11.86 49.79 -42.66
C LEU A 176 -11.35 50.79 -43.67
N THR A 177 -10.89 51.94 -43.18
CA THR A 177 -10.27 52.95 -44.03
C THR A 177 -8.85 52.57 -44.38
N THR A 178 -8.15 51.95 -43.43
CA THR A 178 -6.76 51.53 -43.64
C THR A 178 -6.61 50.03 -43.48
N PRO A 179 -5.83 49.39 -44.37
CA PRO A 179 -5.61 47.94 -44.23
C PRO A 179 -4.84 47.62 -42.96
N PRO A 180 -5.39 46.77 -42.08
CA PRO A 180 -4.65 46.44 -40.87
C PRO A 180 -3.32 45.76 -41.19
N PRO A 181 -2.30 45.98 -40.35
CA PRO A 181 -1.00 45.35 -40.58
C PRO A 181 -1.11 43.84 -40.38
N LYS A 182 -0.27 43.10 -41.09
CA LYS A 182 -0.30 41.64 -41.05
C LYS A 182 0.01 41.09 -39.67
N THR A 183 0.42 41.95 -38.73
CA THR A 183 0.65 41.56 -37.34
C THR A 183 -0.64 41.50 -36.50
N ASP A 184 -1.71 42.10 -37.00
CA ASP A 184 -3.01 42.09 -36.35
C ASP A 184 -3.58 40.67 -36.36
N LEU A 185 -3.46 39.97 -35.24
CA LEU A 185 -3.94 38.59 -35.16
C LEU A 185 -5.46 38.49 -35.24
N GLU A 186 -6.15 39.47 -34.67
CA GLU A 186 -7.61 39.51 -34.73
C GLU A 186 -8.10 39.57 -36.18
N HIS A 187 -7.51 40.48 -36.96
CA HIS A 187 -7.88 40.60 -38.37
C HIS A 187 -7.52 39.33 -39.14
N SER A 188 -6.35 38.76 -38.87
CA SER A 188 -5.93 37.51 -39.50
C SER A 188 -6.90 36.37 -39.26
N GLU A 189 -7.26 36.16 -37.99
CA GLU A 189 -8.25 35.17 -37.61
C GLU A 189 -9.62 35.45 -38.20
N ALA A 190 -9.98 36.72 -38.32
CA ALA A 190 -11.26 37.08 -38.89
C ALA A 190 -11.32 36.73 -40.37
N LEU A 191 -10.21 36.89 -41.08
CA LEU A 191 -10.14 36.50 -42.50
C LEU A 191 -10.31 34.99 -42.67
N LEU A 192 -9.64 34.20 -41.83
CA LEU A 192 -9.74 32.77 -41.98
C LEU A 192 -11.14 32.27 -41.63
N TYR A 193 -11.74 32.85 -40.61
CA TYR A 193 -13.10 32.46 -40.22
C TYR A 193 -14.09 32.67 -41.36
N LYS A 194 -14.06 33.85 -41.98
CA LYS A 194 -14.85 34.13 -43.18
C LYS A 194 -14.55 33.13 -44.29
N ASN A 195 -13.27 32.81 -44.49
CA ASN A 195 -12.90 31.82 -45.51
C ASN A 195 -13.58 30.47 -45.22
N THR A 196 -13.53 29.99 -43.98
CA THR A 196 -14.17 28.71 -43.69
C THR A 196 -15.67 28.82 -43.97
N ILE A 197 -16.25 30.00 -43.76
CA ILE A 197 -17.68 30.18 -43.98
C ILE A 197 -18.04 30.07 -45.46
N ILE A 198 -17.23 30.68 -46.32
CA ILE A 198 -17.41 30.54 -47.76
C ILE A 198 -17.38 29.07 -48.20
N ALA A 199 -16.47 28.29 -47.64
CA ALA A 199 -16.37 26.90 -48.05
C ALA A 199 -17.56 26.11 -47.52
N GLU A 200 -17.94 26.36 -46.27
CA GLU A 200 -19.13 25.70 -45.74
C GLU A 200 -20.38 26.02 -46.57
N ARG A 201 -20.41 27.18 -47.22
CA ARG A 201 -21.51 27.47 -48.12
C ARG A 201 -21.38 26.61 -49.38
N GLY A 202 -20.22 25.98 -49.57
CA GLY A 202 -20.05 25.00 -50.63
C GLY A 202 -19.42 25.57 -51.88
N ASP A 203 -18.92 26.80 -51.76
CA ASP A 203 -18.30 27.50 -52.88
C ASP A 203 -16.78 27.36 -52.85
N ILE A 204 -16.30 26.16 -53.18
CA ILE A 204 -14.87 25.88 -53.06
C ILE A 204 -14.06 26.74 -54.02
N GLU A 205 -14.64 27.01 -55.19
CA GLU A 205 -14.00 27.88 -56.16
C GLU A 205 -13.72 29.26 -55.55
N ARG A 206 -14.72 29.81 -54.86
CA ARG A 206 -14.59 31.16 -54.34
C ARG A 206 -13.69 31.22 -53.12
N ALA A 207 -13.74 30.16 -52.30
CA ALA A 207 -12.94 30.10 -51.10
C ALA A 207 -11.44 30.06 -51.42
N LEU A 208 -11.08 29.37 -52.49
CA LEU A 208 -9.68 29.30 -52.90
C LEU A 208 -9.22 30.68 -53.38
N GLN A 209 -10.07 31.30 -54.19
CA GLN A 209 -9.88 32.66 -54.63
C GLN A 209 -9.69 33.62 -53.45
N HIS A 210 -10.53 33.48 -52.43
CA HIS A 210 -10.46 34.37 -51.27
C HIS A 210 -9.25 34.04 -50.43
N LEU A 211 -8.87 32.77 -50.41
CA LEU A 211 -7.70 32.33 -49.67
C LEU A 211 -6.46 33.00 -50.21
N GLU A 212 -6.25 32.83 -51.51
CA GLU A 212 -5.07 33.35 -52.20
C GLU A 212 -5.05 34.89 -52.25
N THR A 213 -6.21 35.50 -52.35
CA THR A 213 -6.28 36.95 -52.44
C THR A 213 -6.19 37.68 -51.09
N ASP A 214 -6.95 37.25 -50.09
CA ASP A 214 -7.03 38.02 -48.86
C ASP A 214 -6.32 37.37 -47.70
N CYS A 215 -6.07 36.07 -47.80
CA CYS A 215 -5.63 35.29 -46.65
C CYS A 215 -4.19 34.88 -46.74
N LYS A 216 -3.54 35.31 -47.81
CA LYS A 216 -2.22 34.83 -48.18
C LYS A 216 -1.21 34.89 -47.05
N HIS A 217 -1.25 35.99 -46.31
CA HIS A 217 -0.26 36.24 -45.28
C HIS A 217 -0.78 36.07 -43.86
N CYS A 218 -1.89 35.35 -43.67
CA CYS A 218 -2.41 35.11 -42.33
C CYS A 218 -1.37 34.39 -41.45
N LEU A 219 -1.44 34.60 -40.15
CA LEU A 219 -0.42 34.14 -39.21
C LEU A 219 -0.54 32.65 -38.93
N ASP A 220 -1.76 32.12 -39.00
CA ASP A 220 -1.98 30.70 -38.82
C ASP A 220 -1.53 29.97 -40.09
N ARG A 221 -0.23 29.66 -40.17
CA ARG A 221 0.37 29.16 -41.41
C ARG A 221 -0.15 27.78 -41.83
N LEU A 222 -0.31 26.87 -40.86
CA LEU A 222 -0.82 25.54 -41.14
C LEU A 222 -2.24 25.56 -41.73
N ALA A 223 -3.07 26.48 -41.22
CA ALA A 223 -4.43 26.59 -41.70
C ALA A 223 -4.45 26.99 -43.17
N VAL A 224 -3.67 28.01 -43.53
CA VAL A 224 -3.60 28.45 -44.91
C VAL A 224 -3.11 27.30 -45.78
N MET A 225 -2.14 26.56 -45.29
CA MET A 225 -1.55 25.50 -46.09
C MET A 225 -2.49 24.33 -46.27
N GLU A 226 -3.26 24.01 -45.23
CA GLU A 226 -4.18 22.87 -45.32
C GLU A 226 -5.43 23.22 -46.14
N LEU A 227 -5.95 24.43 -45.95
CA LEU A 227 -7.07 24.90 -46.78
C LEU A 227 -6.69 24.94 -48.26
N ARG A 228 -5.49 25.44 -48.56
CA ARG A 228 -5.05 25.50 -49.95
C ARG A 228 -5.04 24.10 -50.59
N ALA A 229 -4.49 23.11 -49.88
CA ALA A 229 -4.38 21.77 -50.46
C ALA A 229 -5.75 21.14 -50.61
N SER A 230 -6.57 21.26 -49.57
CA SER A 230 -7.91 20.74 -49.58
C SER A 230 -8.74 21.27 -50.76
N TYR A 231 -8.68 22.58 -51.01
CA TYR A 231 -9.47 23.19 -52.08
C TYR A 231 -8.96 22.78 -53.45
N LEU A 232 -7.65 22.84 -53.63
CA LEU A 232 -7.07 22.45 -54.91
C LEU A 232 -7.45 21.01 -55.24
N SER A 233 -7.40 20.12 -54.25
CA SER A 233 -7.70 18.72 -54.52
C SER A 233 -9.17 18.56 -54.92
N LYS A 234 -10.07 19.19 -54.18
CA LYS A 234 -11.49 19.16 -54.54
C LYS A 234 -11.80 19.76 -55.90
N LEU A 235 -10.96 20.69 -56.36
CA LEU A 235 -11.15 21.29 -57.68
C LEU A 235 -10.44 20.48 -58.76
N ALA A 236 -9.82 19.37 -58.36
CA ALA A 236 -9.14 18.46 -59.29
C ALA A 236 -8.00 19.16 -60.00
N ARG A 237 -7.41 20.12 -59.30
CA ARG A 237 -6.23 20.83 -59.78
C ARG A 237 -4.99 20.12 -59.24
N LYS A 238 -4.63 19.02 -59.89
CA LYS A 238 -3.76 18.01 -59.30
C LYS A 238 -2.30 18.43 -59.21
N ASP A 239 -1.74 18.95 -60.30
CA ASP A 239 -0.37 19.46 -60.26
C ASP A 239 -0.17 20.40 -59.09
N GLU A 240 -1.10 21.34 -58.94
CA GLU A 240 -1.00 22.34 -57.87
C GLU A 240 -1.24 21.72 -56.49
N ALA A 241 -2.17 20.75 -56.41
CA ALA A 241 -2.44 20.12 -55.13
C ALA A 241 -1.23 19.29 -54.71
N ALA A 242 -0.58 18.69 -55.70
CA ALA A 242 0.65 17.94 -55.47
C ALA A 242 1.67 18.83 -54.79
N LYS A 243 1.88 20.01 -55.35
CA LYS A 243 2.84 20.94 -54.77
C LYS A 243 2.45 21.35 -53.35
N ALA A 244 1.15 21.41 -53.10
CA ALA A 244 0.62 21.85 -51.82
C ALA A 244 0.83 20.81 -50.73
N TYR A 245 0.61 19.54 -51.08
CA TYR A 245 0.81 18.45 -50.14
C TYR A 245 2.29 18.24 -49.84
N ARG A 246 3.13 18.52 -50.82
CA ARG A 246 4.57 18.49 -50.59
C ARG A 246 4.97 19.54 -49.56
N ALA A 247 4.41 20.73 -49.67
CA ALA A 247 4.66 21.80 -48.68
C ALA A 247 4.29 21.35 -47.26
N LEU A 248 3.15 20.68 -47.13
CA LEU A 248 2.70 20.22 -45.82
C LEU A 248 3.59 19.08 -45.30
N LEU A 249 4.08 18.24 -46.22
CA LEU A 249 4.91 17.11 -45.82
C LEU A 249 6.22 17.62 -45.27
N ASP A 250 6.79 18.61 -45.94
CA ASP A 250 8.02 19.23 -45.50
C ASP A 250 7.85 19.86 -44.12
N ARG A 251 6.63 20.31 -43.81
CA ARG A 251 6.32 20.91 -42.52
C ARG A 251 6.15 19.85 -41.42
N ASN A 252 5.60 18.71 -41.80
CA ASN A 252 5.27 17.69 -40.81
C ASN A 252 5.22 16.35 -41.50
N PRO A 253 6.40 15.73 -41.67
CA PRO A 253 6.61 14.46 -42.37
C PRO A 253 5.88 13.31 -41.70
N GLU A 254 5.22 13.58 -40.59
CA GLU A 254 4.64 12.54 -39.74
C GLU A 254 3.12 12.42 -39.86
N HIS A 255 2.53 13.11 -40.83
CA HIS A 255 1.07 13.18 -40.92
C HIS A 255 0.51 12.39 -42.12
N MET A 256 0.01 11.18 -41.85
CA MET A 256 -0.54 10.25 -42.86
C MET A 256 -1.27 10.86 -44.04
N ASP A 257 -2.20 11.77 -43.78
CA ASP A 257 -3.04 12.29 -44.86
C ASP A 257 -2.28 13.11 -45.91
N TYR A 258 -1.16 13.72 -45.53
CA TYR A 258 -0.38 14.48 -46.51
C TYR A 258 0.19 13.53 -47.56
N TYR A 259 0.62 12.33 -47.14
CA TYR A 259 1.09 11.36 -48.13
C TYR A 259 -0.07 10.91 -49.04
N LYS A 260 -1.23 10.62 -48.44
CA LYS A 260 -2.40 10.23 -49.23
C LYS A 260 -2.70 11.29 -50.29
N GLY A 261 -2.80 12.54 -49.85
CA GLY A 261 -3.01 13.67 -50.72
C GLY A 261 -2.02 13.77 -51.86
N LEU A 262 -0.73 13.72 -51.55
CA LEU A 262 0.31 13.79 -52.58
C LEU A 262 0.12 12.68 -53.59
N ILE A 263 0.05 11.46 -53.07
CA ILE A 263 -0.02 10.28 -53.90
C ILE A 263 -1.25 10.28 -54.82
N SER A 264 -2.38 10.74 -54.31
CA SER A 264 -3.55 10.93 -55.16
C SER A 264 -3.29 11.98 -56.24
N ALA A 265 -2.65 13.08 -55.85
CA ALA A 265 -2.43 14.19 -56.78
C ALA A 265 -1.48 13.81 -57.92
N LEU A 266 -0.63 12.84 -57.68
CA LEU A 266 0.32 12.37 -58.67
C LEU A 266 -0.32 11.37 -59.61
N ASP A 267 -1.55 10.97 -59.29
CA ASP A 267 -2.27 9.97 -60.08
C ASP A 267 -1.55 8.64 -60.05
N ILE A 268 -1.19 8.18 -58.87
CA ILE A 268 -0.52 6.89 -58.71
C ILE A 268 -1.52 5.87 -58.17
N SER A 269 -1.65 4.74 -58.85
CA SER A 269 -2.67 3.77 -58.49
C SER A 269 -2.22 2.93 -57.29
N ALA A 270 -3.15 2.63 -56.38
CA ALA A 270 -2.85 1.89 -55.17
C ALA A 270 -2.20 0.53 -55.47
N ASP A 271 -2.41 0.04 -56.69
CA ASP A 271 -1.80 -1.20 -57.12
C ASP A 271 -0.30 -1.04 -57.32
N ASP A 272 0.14 0.16 -57.69
CA ASP A 272 1.55 0.36 -58.01
C ASP A 272 2.36 0.55 -56.74
N GLU A 273 2.87 -0.57 -56.22
CA GLU A 273 3.56 -0.57 -54.94
C GLU A 273 4.86 0.19 -55.02
N GLU A 274 5.60 -0.07 -56.08
CA GLU A 274 6.92 0.49 -56.24
C GLU A 274 6.85 2.00 -56.49
N ALA A 275 5.83 2.45 -57.22
CA ALA A 275 5.68 3.88 -57.51
C ALA A 275 5.35 4.65 -56.25
N GLN A 276 4.65 4.00 -55.33
CA GLN A 276 4.30 4.61 -54.06
C GLN A 276 5.51 4.70 -53.14
N LYS A 277 6.32 3.65 -53.10
CA LYS A 277 7.42 3.64 -52.18
C LYS A 277 8.42 4.73 -52.51
N ALA A 278 8.52 5.05 -53.80
CA ALA A 278 9.43 6.09 -54.28
C ALA A 278 9.11 7.43 -53.60
N VAL A 279 7.84 7.77 -53.57
CA VAL A 279 7.41 8.96 -52.85
C VAL A 279 7.89 8.89 -51.40
N TYR A 280 7.62 7.77 -50.73
CA TYR A 280 7.99 7.63 -49.32
C TYR A 280 9.49 7.61 -49.10
N ASP A 281 10.22 6.91 -49.97
CA ASP A 281 11.67 6.85 -49.83
C ASP A 281 12.24 8.25 -49.96
N GLU A 282 11.64 9.04 -50.83
CA GLU A 282 12.12 10.40 -51.05
C GLU A 282 12.10 11.22 -49.76
N TYR A 283 11.01 11.14 -49.00
CA TYR A 283 10.94 11.91 -47.76
C TYR A 283 11.74 11.26 -46.64
N ALA A 284 11.92 9.95 -46.71
CA ALA A 284 12.74 9.23 -45.73
C ALA A 284 14.21 9.65 -45.82
N ALA A 285 14.68 9.80 -47.06
CA ALA A 285 16.00 10.33 -47.32
C ALA A 285 16.13 11.78 -46.85
N LYS A 286 15.10 12.57 -47.10
CA LYS A 286 15.14 14.00 -46.81
C LYS A 286 14.97 14.24 -45.32
N TYR A 287 14.30 13.32 -44.65
CA TYR A 287 13.96 13.45 -43.23
C TYR A 287 14.23 12.15 -42.46
N PRO A 288 15.52 11.87 -42.21
CA PRO A 288 16.02 10.64 -41.58
C PRO A 288 15.38 10.30 -40.24
N ARG A 289 14.82 11.28 -39.54
CA ARG A 289 14.19 11.01 -38.25
C ARG A 289 12.70 10.73 -38.36
N SER A 290 12.14 10.80 -39.56
CA SER A 290 10.74 10.47 -39.71
C SER A 290 10.52 8.98 -39.58
N ASP A 291 9.70 8.59 -38.62
CA ASP A 291 9.29 7.20 -38.52
C ASP A 291 8.31 6.89 -39.65
N ALA A 292 7.37 7.81 -39.88
CA ALA A 292 6.33 7.65 -40.89
C ALA A 292 6.90 7.29 -42.27
N ALA A 293 7.93 8.01 -42.69
CA ALA A 293 8.50 7.82 -44.02
C ALA A 293 9.12 6.43 -44.20
N LYS A 294 9.32 5.71 -43.10
CA LYS A 294 9.84 4.34 -43.17
C LYS A 294 8.75 3.31 -42.94
N ARG A 295 7.80 3.64 -42.07
CA ARG A 295 6.83 2.68 -41.54
C ARG A 295 5.60 2.49 -42.42
N LEU A 296 5.12 3.60 -42.98
CA LEU A 296 3.89 3.64 -43.75
C LEU A 296 3.87 2.68 -44.95
N PRO A 297 4.97 2.61 -45.73
CA PRO A 297 5.10 1.67 -46.86
C PRO A 297 4.82 0.21 -46.51
N LEU A 298 4.80 -0.12 -45.22
CA LEU A 298 4.49 -1.48 -44.81
C LEU A 298 3.00 -1.73 -44.90
N ASN A 299 2.23 -0.69 -45.17
CA ASN A 299 0.78 -0.85 -45.29
C ASN A 299 0.38 -1.48 -46.62
N PHE A 300 1.04 -1.07 -47.70
CA PHE A 300 0.69 -1.53 -49.04
C PHE A 300 1.75 -2.43 -49.66
N LEU A 301 2.95 -2.46 -49.06
CA LEU A 301 3.96 -3.39 -49.52
C LEU A 301 3.52 -4.82 -49.24
N SER A 302 3.99 -5.75 -50.06
CA SER A 302 3.56 -7.13 -49.95
C SER A 302 4.61 -8.10 -50.46
N GLY A 303 4.45 -9.38 -50.15
CA GLY A 303 5.42 -10.39 -50.54
C GLY A 303 6.83 -10.04 -50.10
N GLU A 304 7.79 -10.33 -50.97
CA GLU A 304 9.20 -10.12 -50.66
C GLU A 304 9.52 -8.66 -50.42
N ARG A 305 8.82 -7.78 -51.11
CA ARG A 305 9.01 -6.34 -50.96
C ARG A 305 8.75 -5.95 -49.52
N PHE A 306 7.73 -6.58 -48.92
CA PHE A 306 7.38 -6.34 -47.54
C PHE A 306 8.43 -6.91 -46.58
N ARG A 307 8.80 -8.17 -46.78
CA ARG A 307 9.76 -8.81 -45.88
C ARG A 307 11.04 -7.99 -45.83
N THR A 308 11.55 -7.65 -47.01
CA THR A 308 12.80 -6.91 -47.13
C THR A 308 12.75 -5.57 -46.41
N THR A 309 11.70 -4.81 -46.65
CA THR A 309 11.52 -3.51 -45.98
C THR A 309 11.30 -3.69 -44.47
N ALA A 310 10.52 -4.70 -44.11
CA ALA A 310 10.20 -4.96 -42.71
C ALA A 310 11.44 -5.39 -41.91
N LYS A 311 12.32 -6.17 -42.53
CA LYS A 311 13.55 -6.55 -41.84
C LYS A 311 14.39 -5.32 -41.53
N ALA A 312 14.58 -4.45 -42.53
CA ALA A 312 15.39 -3.25 -42.35
C ALA A 312 14.81 -2.29 -41.31
N TYR A 313 13.49 -2.24 -41.20
CA TYR A 313 12.86 -1.40 -40.17
C TYR A 313 13.05 -2.03 -38.80
N LEU A 314 12.79 -3.32 -38.68
CA LEU A 314 12.95 -4.03 -37.40
C LEU A 314 14.39 -3.95 -36.87
N THR A 315 15.37 -4.07 -37.76
CA THR A 315 16.77 -3.99 -37.34
C THR A 315 17.09 -2.64 -36.69
N LEU A 316 16.62 -1.56 -37.31
CA LEU A 316 16.75 -0.22 -36.74
C LEU A 316 16.17 -0.15 -35.33
N MET A 317 14.95 -0.64 -35.17
CA MET A 317 14.28 -0.47 -33.89
C MET A 317 14.89 -1.37 -32.82
N PHE A 318 15.14 -2.62 -33.17
CA PHE A 318 15.74 -3.54 -32.21
C PHE A 318 17.12 -3.09 -31.79
N ASP A 319 17.92 -2.63 -32.75
CA ASP A 319 19.27 -2.17 -32.43
C ASP A 319 19.23 -0.99 -31.47
N LYS A 320 18.20 -0.17 -31.62
CA LYS A 320 18.00 1.00 -30.79
C LYS A 320 17.40 0.58 -29.45
N GLY A 321 16.95 -0.67 -29.38
CA GLY A 321 16.41 -1.23 -28.15
C GLY A 321 14.99 -0.80 -27.85
N VAL A 322 14.30 -0.21 -28.82
CA VAL A 322 12.97 0.32 -28.58
C VAL A 322 11.95 -0.73 -28.17
N PRO A 323 11.35 -0.56 -26.98
CA PRO A 323 10.31 -1.46 -26.47
C PRO A 323 8.91 -1.22 -27.07
N SER A 324 8.69 -0.10 -27.77
CA SER A 324 7.38 0.19 -28.36
C SER A 324 7.26 -0.26 -29.82
N THR A 325 8.18 -1.09 -30.27
CA THR A 325 8.20 -1.50 -31.67
C THR A 325 6.91 -2.25 -32.03
N PHE A 326 6.54 -3.24 -31.24
CA PHE A 326 5.32 -3.98 -31.53
C PHE A 326 4.09 -3.05 -31.63
N ALA A 327 3.94 -2.13 -30.68
CA ALA A 327 2.78 -1.24 -30.65
C ALA A 327 2.68 -0.37 -31.90
N ASN A 328 3.83 -0.09 -32.49
CA ASN A 328 3.92 0.74 -33.68
C ASN A 328 3.61 -0.08 -34.95
N LEU A 329 3.56 -1.39 -34.82
CA LEU A 329 3.38 -2.24 -36.00
C LEU A 329 2.13 -3.15 -35.98
N LYS A 330 1.50 -3.31 -34.81
CA LYS A 330 0.41 -4.28 -34.66
C LYS A 330 -0.80 -4.04 -35.56
N HIS A 331 -0.94 -2.81 -36.05
CA HIS A 331 -2.00 -2.47 -37.00
C HIS A 331 -1.90 -3.28 -38.29
N LEU A 332 -0.72 -3.81 -38.59
CA LEU A 332 -0.50 -4.61 -39.80
C LEU A 332 -0.99 -6.05 -39.66
N TYR A 333 -1.25 -6.46 -38.42
CA TYR A 333 -1.57 -7.86 -38.12
C TYR A 333 -2.94 -8.31 -38.66
N SER A 334 -3.64 -7.40 -39.34
CA SER A 334 -4.90 -7.75 -39.98
C SER A 334 -4.60 -8.68 -41.16
N ASP A 335 -3.43 -8.48 -41.77
CA ASP A 335 -2.95 -9.34 -42.84
C ASP A 335 -2.14 -10.49 -42.24
N SER A 336 -2.62 -11.70 -42.46
CA SER A 336 -1.98 -12.88 -41.90
C SER A 336 -0.51 -12.98 -42.29
N PHE A 337 -0.24 -12.75 -43.57
CA PHE A 337 1.11 -12.83 -44.12
C PHE A 337 2.09 -11.90 -43.39
N LYS A 338 1.67 -10.67 -43.19
CA LYS A 338 2.52 -9.69 -42.53
C LYS A 338 2.72 -10.07 -41.07
N LYS A 339 1.69 -10.66 -40.49
CA LYS A 339 1.74 -11.17 -39.11
C LYS A 339 2.82 -12.24 -38.96
N GLU A 340 2.75 -13.27 -39.79
CA GLU A 340 3.70 -14.39 -39.67
C GLU A 340 5.10 -13.92 -40.06
N THR A 341 5.17 -13.05 -41.05
CA THR A 341 6.45 -12.56 -41.54
C THR A 341 7.15 -11.73 -40.47
N LEU A 342 6.40 -10.96 -39.70
CA LEU A 342 7.01 -10.10 -38.70
C LEU A 342 7.60 -10.94 -37.57
N ALA A 343 6.91 -12.03 -37.23
CA ALA A 343 7.40 -12.92 -36.19
C ALA A 343 8.67 -13.65 -36.66
N SER A 344 8.64 -14.12 -37.91
CA SER A 344 9.78 -14.80 -38.50
C SER A 344 11.00 -13.88 -38.55
N LEU A 345 10.80 -12.62 -38.89
CA LEU A 345 11.91 -11.68 -38.94
C LEU A 345 12.51 -11.41 -37.56
N ALA A 346 11.66 -11.33 -36.54
CA ALA A 346 12.12 -11.14 -35.19
C ALA A 346 12.97 -12.32 -34.73
N GLU A 347 12.46 -13.52 -34.97
CA GLU A 347 13.17 -14.73 -34.65
C GLU A 347 14.52 -14.76 -35.40
N GLU A 348 14.48 -14.25 -36.63
CA GLU A 348 15.64 -14.19 -37.50
C GLU A 348 16.70 -13.25 -36.93
N TYR A 349 16.25 -12.11 -36.42
CA TYR A 349 17.12 -11.11 -35.83
C TYR A 349 17.76 -11.64 -34.54
N LEU A 350 16.91 -12.23 -33.69
CA LEU A 350 17.33 -12.93 -32.49
C LEU A 350 18.49 -13.89 -32.73
N ASN A 351 18.37 -14.68 -33.78
CA ASN A 351 19.39 -15.63 -34.10
C ASN A 351 20.66 -14.95 -34.58
N GLU A 352 20.51 -13.84 -35.30
CA GLU A 352 21.64 -13.11 -35.88
C GLU A 352 22.33 -12.18 -34.88
N TYR A 353 21.76 -12.04 -33.69
CA TYR A 353 22.22 -11.03 -32.75
C TYR A 353 23.56 -11.36 -32.12
N VAL A 354 24.43 -10.36 -32.06
CA VAL A 354 25.67 -10.47 -31.31
C VAL A 354 25.77 -9.30 -30.37
N ASN A 355 26.32 -9.55 -29.19
CA ASN A 355 26.38 -8.57 -28.14
C ASN A 355 27.15 -7.33 -28.57
N ALA A 356 26.42 -6.26 -28.85
CA ALA A 356 27.06 -4.99 -29.13
C ALA A 356 27.67 -4.53 -27.81
N ARG A 357 28.67 -3.65 -27.88
CA ARG A 357 29.27 -3.11 -26.66
C ARG A 357 29.85 -4.21 -25.76
N PRO A 358 30.63 -5.13 -26.34
CA PRO A 358 31.15 -6.23 -25.54
C PRO A 358 32.18 -5.77 -24.51
N SER A 359 32.96 -4.75 -24.85
CA SER A 359 34.00 -4.24 -23.96
C SER A 359 33.57 -2.95 -23.23
N GLY A 367 23.49 -2.63 -24.28
CA GLY A 367 24.58 -3.53 -24.65
C GLY A 367 24.03 -4.82 -25.22
N SER A 368 23.04 -5.37 -24.53
CA SER A 368 22.27 -6.49 -25.06
C SER A 368 20.83 -6.04 -25.32
N LYS A 369 20.63 -4.75 -25.53
CA LYS A 369 19.26 -4.23 -25.65
C LYS A 369 18.54 -4.76 -26.88
N GLY A 370 19.26 -4.92 -27.99
CA GLY A 370 18.72 -5.53 -29.19
C GLY A 370 18.06 -6.88 -28.92
N LYS A 371 18.74 -7.74 -28.17
CA LYS A 371 18.22 -9.08 -27.89
C LYS A 371 16.99 -9.04 -27.00
N GLY A 372 17.03 -8.16 -25.99
CA GLY A 372 15.87 -7.92 -25.16
C GLY A 372 14.69 -7.44 -26.00
N ALA A 373 14.96 -6.52 -26.92
CA ALA A 373 13.91 -5.88 -27.71
C ALA A 373 13.21 -6.89 -28.65
N ALA A 374 13.97 -7.81 -29.22
CA ALA A 374 13.38 -8.85 -30.07
C ALA A 374 12.61 -9.87 -29.23
N LEU A 375 13.17 -10.27 -28.09
CA LEU A 375 12.48 -11.24 -27.24
C LEU A 375 11.17 -10.62 -26.74
N TYR A 376 11.24 -9.33 -26.40
CA TYR A 376 10.07 -8.60 -25.94
C TYR A 376 9.03 -8.44 -27.03
N TYR A 377 9.48 -8.28 -28.29
CA TYR A 377 8.55 -8.18 -29.41
C TYR A 377 7.81 -9.50 -29.55
N LEU A 378 8.56 -10.58 -29.44
CA LEU A 378 7.97 -11.90 -29.60
C LEU A 378 7.00 -12.19 -28.45
N ALA A 379 7.31 -11.67 -27.27
CA ALA A 379 6.46 -11.89 -26.10
C ALA A 379 5.09 -11.28 -26.36
N GLN A 380 5.13 -10.07 -26.92
CA GLN A 380 3.91 -9.34 -27.19
C GLN A 380 3.15 -9.91 -28.37
N HIS A 381 3.90 -10.35 -29.39
CA HIS A 381 3.30 -10.98 -30.55
C HIS A 381 2.35 -12.09 -30.13
N TYR A 382 2.86 -13.00 -29.31
CA TYR A 382 2.11 -14.18 -28.92
C TYR A 382 1.16 -13.92 -27.76
N ASN A 383 1.16 -12.68 -27.27
CA ASN A 383 0.17 -12.27 -26.28
C ASN A 383 -1.01 -11.59 -26.98
N TYR A 384 -0.76 -11.07 -28.18
CA TYR A 384 -1.76 -10.35 -28.95
C TYR A 384 -2.87 -11.31 -29.42
N TYR A 385 -4.11 -10.84 -29.38
CA TYR A 385 -5.24 -11.73 -29.57
C TYR A 385 -5.31 -12.25 -31.02
N MET A 386 -4.65 -11.55 -31.91
CA MET A 386 -4.68 -11.90 -33.33
C MET A 386 -3.70 -13.03 -33.63
N SER A 387 -2.72 -13.19 -32.75
CA SER A 387 -1.72 -14.25 -32.91
C SER A 387 -1.42 -14.94 -31.59
N ARG A 388 -2.44 -15.03 -30.73
CA ARG A 388 -2.24 -15.45 -29.34
C ARG A 388 -1.73 -16.87 -29.20
N ASP A 389 -0.69 -16.99 -28.39
CA ASP A 389 -0.20 -18.28 -27.90
C ASP A 389 0.42 -17.99 -26.54
N LEU A 390 -0.40 -18.04 -25.50
CA LEU A 390 0.00 -17.53 -24.20
C LEU A 390 1.17 -18.31 -23.60
N THR A 391 1.30 -19.57 -23.98
CA THR A 391 2.38 -20.36 -23.44
C THR A 391 3.72 -19.85 -23.99
N ARG A 392 3.79 -19.70 -25.31
CA ARG A 392 4.97 -19.19 -25.95
C ARG A 392 5.27 -17.77 -25.52
N ALA A 393 4.22 -17.00 -25.28
CA ALA A 393 4.41 -15.62 -24.89
C ALA A 393 5.11 -15.60 -23.54
N LEU A 394 4.68 -16.47 -22.64
CA LEU A 394 5.30 -16.60 -21.32
C LEU A 394 6.78 -16.91 -21.45
N GLU A 395 7.12 -17.90 -22.29
CA GLU A 395 8.51 -18.29 -22.48
C GLU A 395 9.36 -17.12 -22.91
N TYR A 396 8.88 -16.37 -23.91
CA TYR A 396 9.62 -15.25 -24.46
C TYR A 396 9.82 -14.12 -23.43
N VAL A 397 8.79 -13.83 -22.65
CA VAL A 397 8.93 -12.76 -21.67
C VAL A 397 9.89 -13.17 -20.57
N GLU A 398 9.86 -14.44 -20.19
CA GLU A 398 10.77 -14.95 -19.16
C GLU A 398 12.24 -14.89 -19.61
N LYS A 399 12.49 -15.17 -20.89
CA LYS A 399 13.83 -15.09 -21.41
C LYS A 399 14.30 -13.65 -21.43
N ALA A 400 13.37 -12.74 -21.74
CA ALA A 400 13.63 -11.32 -21.70
C ALA A 400 13.97 -10.83 -20.28
N ILE A 401 13.16 -11.26 -19.31
CA ILE A 401 13.37 -10.91 -17.92
C ILE A 401 14.65 -11.56 -17.33
N GLU A 402 15.03 -12.73 -17.81
CA GLU A 402 16.35 -13.26 -17.50
C GLU A 402 17.42 -12.26 -17.90
N LEU A 403 17.26 -11.70 -19.10
CA LEU A 403 18.27 -10.84 -19.66
C LEU A 403 18.26 -9.47 -19.00
N ASP A 404 17.08 -9.03 -18.57
CA ASP A 404 16.89 -7.69 -18.04
C ASP A 404 15.82 -7.72 -16.94
N PRO A 405 16.24 -8.07 -15.71
CA PRO A 405 15.37 -8.35 -14.56
C PRO A 405 14.71 -7.12 -13.95
N LYS A 406 15.22 -5.94 -14.27
CA LYS A 406 14.67 -4.73 -13.68
C LYS A 406 13.83 -3.97 -14.69
N ASN A 407 13.56 -4.61 -15.81
CA ASN A 407 12.80 -3.99 -16.88
C ASN A 407 11.32 -3.92 -16.57
N VAL A 408 10.82 -2.71 -16.37
CA VAL A 408 9.41 -2.48 -16.06
C VAL A 408 8.47 -3.02 -17.15
N ASP A 409 8.77 -2.72 -18.41
CA ASP A 409 7.89 -3.15 -19.51
C ASP A 409 7.84 -4.65 -19.67
N PHE A 410 8.97 -5.30 -19.41
CA PHE A 410 8.99 -6.75 -19.47
C PHE A 410 8.00 -7.33 -18.46
N HIS A 411 8.09 -6.91 -17.19
CA HIS A 411 7.18 -7.44 -16.18
C HIS A 411 5.72 -7.05 -16.45
N MET A 412 5.52 -5.88 -17.04
CA MET A 412 4.18 -5.38 -17.36
C MET A 412 3.48 -6.32 -18.33
N THR A 413 4.21 -6.70 -19.38
CA THR A 413 3.69 -7.63 -20.37
C THR A 413 3.41 -9.00 -19.74
N LYS A 414 4.29 -9.42 -18.84
CA LYS A 414 4.13 -10.69 -18.16
C LYS A 414 2.80 -10.77 -17.42
N ALA A 415 2.54 -9.75 -16.62
CA ALA A 415 1.26 -9.61 -15.93
C ALA A 415 0.07 -9.71 -16.89
N ARG A 416 0.22 -9.14 -18.08
CA ARG A 416 -0.88 -9.09 -19.04
C ARG A 416 -1.17 -10.49 -19.59
N ILE A 417 -0.14 -11.31 -19.66
CA ILE A 417 -0.29 -12.69 -20.10
C ILE A 417 -1.07 -13.48 -19.05
N PHE A 418 -0.72 -13.26 -17.79
CA PHE A 418 -1.46 -13.85 -16.68
C PHE A 418 -2.91 -13.45 -16.76
N LYS A 419 -3.16 -12.14 -16.90
CA LYS A 419 -4.51 -11.65 -17.13
C LYS A 419 -5.23 -12.47 -18.20
N HIS A 420 -4.61 -12.63 -19.36
CA HIS A 420 -5.23 -13.39 -20.45
C HIS A 420 -5.39 -14.86 -20.09
N GLN A 421 -4.48 -15.39 -19.27
CA GLN A 421 -4.63 -16.77 -18.78
C GLN A 421 -5.77 -16.88 -17.77
N GLY A 422 -6.22 -15.74 -17.27
CA GLY A 422 -7.35 -15.67 -16.35
C GLY A 422 -6.96 -15.56 -14.88
N ASP A 423 -5.66 -15.53 -14.63
CA ASP A 423 -5.15 -15.45 -13.26
C ASP A 423 -5.02 -13.99 -12.84
N LEU A 424 -6.15 -13.40 -12.45
CA LEU A 424 -6.21 -12.00 -12.05
C LEU A 424 -5.35 -11.68 -10.84
N ALA A 425 -5.36 -12.58 -9.85
CA ALA A 425 -4.50 -12.44 -8.68
C ALA A 425 -3.03 -12.32 -9.07
N LYS A 426 -2.55 -13.33 -9.79
CA LYS A 426 -1.18 -13.33 -10.27
C LYS A 426 -0.88 -12.08 -11.12
N ALA A 427 -1.86 -11.65 -11.89
CA ALA A 427 -1.69 -10.49 -12.77
C ALA A 427 -1.52 -9.20 -11.96
N ALA A 428 -2.27 -9.05 -10.87
CA ALA A 428 -2.14 -7.86 -10.05
C ALA A 428 -0.85 -7.89 -9.23
N GLU A 429 -0.49 -9.05 -8.71
CA GLU A 429 0.76 -9.17 -8.00
C GLU A 429 1.95 -8.80 -8.89
N THR A 430 1.93 -9.25 -10.15
CA THR A 430 3.03 -9.01 -11.07
C THR A 430 3.08 -7.57 -11.57
N MET A 431 1.92 -6.97 -11.83
CA MET A 431 1.90 -5.60 -12.28
C MET A 431 2.38 -4.69 -11.18
N ASP A 432 2.02 -5.02 -9.95
CA ASP A 432 2.45 -4.21 -8.82
C ASP A 432 3.96 -4.33 -8.66
N TYR A 433 4.50 -5.52 -8.89
CA TYR A 433 5.96 -5.66 -8.84
C TYR A 433 6.57 -4.75 -9.90
N ALA A 434 6.01 -4.76 -11.09
CA ALA A 434 6.49 -3.89 -12.17
C ALA A 434 6.51 -2.43 -11.73
N ARG A 435 5.46 -2.02 -11.02
CA ARG A 435 5.35 -0.66 -10.51
C ARG A 435 6.52 -0.35 -9.57
N SER A 436 6.78 -1.30 -8.66
CA SER A 436 7.79 -1.07 -7.65
C SER A 436 9.19 -0.84 -8.24
N LEU A 437 9.36 -1.18 -9.52
CA LEU A 437 10.62 -0.96 -10.23
C LEU A 437 10.81 0.45 -10.81
N ASP A 438 9.70 1.17 -11.01
CA ASP A 438 9.77 2.57 -11.42
C ASP A 438 8.75 3.32 -10.59
N PRO A 439 9.07 3.58 -9.31
CA PRO A 439 8.09 4.23 -8.45
C PRO A 439 7.84 5.71 -8.85
N LYS A 440 8.66 6.28 -9.73
CA LYS A 440 8.50 7.67 -10.16
C LYS A 440 7.56 7.85 -11.36
N ASP A 441 7.10 6.75 -11.95
CA ASP A 441 6.35 6.79 -13.18
C ASP A 441 4.87 6.50 -12.98
N ARG A 442 4.00 7.45 -13.32
CA ARG A 442 2.59 7.27 -12.99
C ARG A 442 1.88 6.24 -13.87
N TYR A 443 2.33 6.07 -15.11
CA TYR A 443 1.68 5.13 -16.01
C TYR A 443 1.66 3.74 -15.44
N ILE A 444 2.80 3.27 -14.94
CA ILE A 444 2.84 1.93 -14.36
C ILE A 444 2.07 1.93 -13.03
N ASN A 445 2.05 3.05 -12.32
CA ASN A 445 1.24 3.10 -11.11
C ASN A 445 -0.24 2.92 -11.45
N SER A 446 -0.69 3.58 -12.52
CA SER A 446 -2.08 3.49 -12.96
C SER A 446 -2.46 2.08 -13.40
N LYS A 447 -1.55 1.39 -14.07
CA LYS A 447 -1.75 0.02 -14.48
C LYS A 447 -1.95 -0.92 -13.29
N ALA A 448 -1.13 -0.74 -12.27
CA ALA A 448 -1.19 -1.62 -11.11
C ALA A 448 -2.53 -1.44 -10.41
N ALA A 449 -2.91 -0.18 -10.17
CA ALA A 449 -4.20 0.10 -9.57
C ALA A 449 -5.37 -0.54 -10.37
N LYS A 450 -5.30 -0.45 -11.69
CA LYS A 450 -6.34 -0.99 -12.54
C LYS A 450 -6.42 -2.48 -12.36
N TYR A 451 -5.26 -3.14 -12.45
CA TYR A 451 -5.19 -4.58 -12.25
C TYR A 451 -5.71 -5.01 -10.87
N GLN A 452 -5.46 -4.20 -9.85
CA GLN A 452 -5.97 -4.52 -8.53
C GLN A 452 -7.50 -4.41 -8.48
N LEU A 453 -8.04 -3.36 -9.11
CA LEU A 453 -9.50 -3.23 -9.26
C LEU A 453 -10.08 -4.39 -10.08
N ARG A 454 -9.37 -4.79 -11.13
CA ARG A 454 -9.78 -5.96 -11.89
C ARG A 454 -9.79 -7.21 -11.02
N ASN A 455 -8.97 -7.22 -9.97
CA ASN A 455 -8.97 -8.31 -8.99
C ASN A 455 -9.86 -7.99 -7.78
N ASN A 456 -10.71 -6.99 -7.94
CA ASN A 456 -11.64 -6.55 -6.94
C ASN A 456 -11.01 -6.11 -5.63
N GLU A 457 -9.79 -5.57 -5.69
CA GLU A 457 -9.16 -5.02 -4.49
C GLU A 457 -9.23 -3.50 -4.43
N ASN A 458 -10.42 -2.97 -4.23
CA ASN A 458 -10.64 -1.52 -4.30
C ASN A 458 -9.75 -0.73 -3.36
N GLU A 459 -9.77 -1.12 -2.09
CA GLU A 459 -9.10 -0.36 -1.06
C GLU A 459 -7.58 -0.36 -1.30
N LYS A 460 -7.06 -1.48 -1.79
CA LYS A 460 -5.66 -1.55 -2.20
C LYS A 460 -5.40 -0.65 -3.40
N ALA A 461 -6.24 -0.76 -4.43
CA ALA A 461 -6.03 0.03 -5.65
C ALA A 461 -5.99 1.52 -5.32
N LEU A 462 -6.89 1.95 -4.44
CA LEU A 462 -6.95 3.35 -4.02
C LEU A 462 -5.68 3.78 -3.29
N ALA A 463 -5.04 2.86 -2.58
CA ALA A 463 -3.83 3.23 -1.84
C ALA A 463 -2.64 3.32 -2.79
N THR A 464 -2.68 2.54 -3.87
CA THR A 464 -1.68 2.64 -4.92
C THR A 464 -1.75 4.02 -5.58
N MET A 465 -2.97 4.44 -5.91
CA MET A 465 -3.15 5.73 -6.55
C MET A 465 -2.73 6.84 -5.58
N GLY A 466 -2.89 6.59 -4.28
CA GLY A 466 -2.47 7.51 -3.24
C GLY A 466 -1.00 7.88 -3.34
N LEU A 467 -0.19 7.03 -3.98
CA LEU A 467 1.21 7.35 -4.19
C LEU A 467 1.41 8.57 -5.12
N PHE A 468 0.40 8.92 -5.90
CA PHE A 468 0.52 10.05 -6.84
C PHE A 468 -0.50 11.18 -6.69
N THR A 469 -1.49 11.01 -5.82
CA THR A 469 -2.49 12.06 -5.54
C THR A 469 -1.95 13.05 -4.51
N ARG A 470 -2.37 14.31 -4.59
CA ARG A 470 -1.82 15.33 -3.68
C ARG A 470 -2.05 14.93 -2.23
N ALA A 471 -1.01 15.08 -1.42
CA ALA A 471 -0.92 14.40 -0.13
C ALA A 471 -1.99 14.81 0.89
N GLU A 472 -2.06 16.09 1.20
CA GLU A 472 -2.93 16.51 2.30
C GLU A 472 -4.32 16.93 1.81
N THR A 473 -4.71 16.41 0.65
CA THR A 473 -6.07 16.56 0.15
C THR A 473 -7.02 16.00 1.19
N ALA A 474 -8.13 16.70 1.42
CA ALA A 474 -9.11 16.22 2.39
C ALA A 474 -10.09 15.30 1.70
N GLY A 475 -10.28 14.13 2.28
CA GLY A 475 -11.13 13.13 1.68
C GLY A 475 -10.27 12.09 0.98
N GLY A 476 -8.96 12.16 1.22
CA GLY A 476 -8.02 11.19 0.67
C GLY A 476 -7.95 11.18 -0.84
N PRO A 477 -7.17 10.25 -1.39
CA PRO A 477 -6.96 10.06 -2.83
C PRO A 477 -8.24 10.18 -3.63
N LEU A 478 -9.32 9.54 -3.16
CA LEU A 478 -10.58 9.53 -3.90
C LEU A 478 -11.07 10.95 -4.17
N ALA A 479 -10.89 11.83 -3.19
CA ALA A 479 -11.35 13.21 -3.33
C ALA A 479 -10.52 13.91 -4.41
N ASP A 480 -9.21 13.68 -4.37
CA ASP A 480 -8.35 14.34 -5.32
C ASP A 480 -8.69 13.83 -6.72
N LEU A 481 -8.86 12.51 -6.85
CA LEU A 481 -9.16 11.93 -8.15
C LEU A 481 -10.50 12.42 -8.69
N THR A 482 -11.47 12.60 -7.81
CA THR A 482 -12.77 13.15 -8.17
C THR A 482 -12.63 14.57 -8.67
N ASP A 483 -11.98 15.40 -7.85
CA ASP A 483 -11.59 16.75 -8.21
C ASP A 483 -10.95 16.87 -9.59
N MET A 484 -9.99 16.00 -9.88
CA MET A 484 -9.26 16.03 -11.15
C MET A 484 -9.99 15.28 -12.24
N GLN A 485 -11.25 14.95 -12.00
CA GLN A 485 -12.14 14.44 -13.04
C GLN A 485 -11.62 13.13 -13.66
N CYS A 486 -11.09 12.24 -12.82
CA CYS A 486 -10.49 11.00 -13.32
C CYS A 486 -11.54 9.92 -13.58
N ILE A 487 -12.03 9.87 -14.81
CA ILE A 487 -13.14 8.99 -15.20
C ILE A 487 -12.76 7.50 -15.30
N TRP A 488 -11.55 7.18 -15.76
CA TRP A 488 -11.17 5.78 -15.88
C TRP A 488 -11.20 5.15 -14.50
N PHE A 489 -10.62 5.81 -13.51
CA PHE A 489 -10.55 5.20 -12.20
C PHE A 489 -11.94 5.12 -11.57
N LEU A 490 -12.70 6.20 -11.68
CA LEU A 490 -14.05 6.23 -11.12
C LEU A 490 -14.91 5.11 -11.71
N THR A 491 -14.82 4.90 -13.02
CA THR A 491 -15.60 3.85 -13.66
C THR A 491 -15.15 2.46 -13.19
N GLU A 492 -13.85 2.21 -13.25
CA GLU A 492 -13.28 0.95 -12.79
C GLU A 492 -13.61 0.66 -11.33
N ASP A 493 -13.48 1.68 -10.50
CA ASP A 493 -13.80 1.54 -9.08
C ASP A 493 -15.26 1.14 -8.89
N GLY A 494 -16.14 1.72 -9.69
CA GLY A 494 -17.55 1.43 -9.60
C GLY A 494 -17.86 -0.01 -9.99
N GLU A 495 -17.34 -0.42 -11.14
CA GLU A 495 -17.58 -1.76 -11.64
C GLU A 495 -17.07 -2.80 -10.65
N ALA A 496 -15.92 -2.52 -10.02
CA ALA A 496 -15.38 -3.38 -8.97
C ALA A 496 -16.31 -3.49 -7.75
N TRP A 497 -16.76 -2.35 -7.24
CA TRP A 497 -17.69 -2.31 -6.12
C TRP A 497 -18.99 -3.03 -6.46
N GLN A 498 -19.44 -2.89 -7.71
CA GLN A 498 -20.65 -3.58 -8.15
C GLN A 498 -20.42 -5.07 -8.10
N ARG A 499 -19.25 -5.51 -8.54
CA ARG A 499 -18.90 -6.93 -8.53
C ARG A 499 -18.85 -7.50 -7.12
N ARG A 500 -18.62 -6.65 -6.13
CA ARG A 500 -18.53 -7.10 -4.75
C ARG A 500 -19.88 -7.03 -4.08
N GLY A 501 -20.86 -6.51 -4.81
CA GLY A 501 -22.21 -6.39 -4.29
C GLY A 501 -22.52 -5.06 -3.62
N ASN A 502 -21.62 -4.08 -3.74
CA ASN A 502 -21.81 -2.80 -3.06
C ASN A 502 -22.55 -1.79 -3.95
N THR A 503 -23.86 -2.00 -4.08
CA THR A 503 -24.70 -1.18 -4.95
C THR A 503 -24.55 0.32 -4.65
N ALA A 504 -24.37 0.65 -3.38
CA ALA A 504 -24.28 2.03 -2.96
C ALA A 504 -23.09 2.75 -3.57
N LEU A 505 -21.88 2.20 -3.40
CA LEU A 505 -20.68 2.88 -3.89
C LEU A 505 -20.58 2.76 -5.40
N ALA A 506 -21.12 1.68 -5.95
CA ALA A 506 -21.15 1.54 -7.40
C ALA A 506 -21.96 2.69 -8.01
N LEU A 507 -23.17 2.92 -7.51
CA LEU A 507 -24.02 3.98 -8.05
C LEU A 507 -23.37 5.35 -7.84
N LYS A 508 -22.78 5.55 -6.67
CA LYS A 508 -22.15 6.81 -6.32
C LYS A 508 -21.09 7.16 -7.37
N ARG A 509 -20.28 6.17 -7.74
CA ARG A 509 -19.25 6.38 -8.76
C ARG A 509 -19.84 6.73 -10.12
N TYR A 510 -20.80 5.94 -10.59
CA TYR A 510 -21.45 6.20 -11.86
C TYR A 510 -22.09 7.61 -11.86
N HIS A 511 -22.73 7.96 -10.76
CA HIS A 511 -23.28 9.32 -10.64
C HIS A 511 -22.19 10.39 -10.71
N THR A 512 -21.01 10.10 -10.16
CA THR A 512 -19.93 11.06 -10.21
C THR A 512 -19.43 11.32 -11.64
N VAL A 513 -19.31 10.26 -12.44
CA VAL A 513 -18.96 10.40 -13.85
C VAL A 513 -20.03 11.20 -14.62
N PHE A 514 -21.29 11.00 -14.25
CA PHE A 514 -22.38 11.75 -14.84
C PHE A 514 -22.22 13.27 -14.55
N SER A 515 -21.86 13.60 -13.32
CA SER A 515 -21.65 14.98 -12.90
C SER A 515 -20.44 15.64 -13.56
N ILE A 516 -19.40 14.85 -13.78
CA ILE A 516 -18.25 15.35 -14.50
C ILE A 516 -18.67 15.79 -15.89
N PHE A 517 -19.62 15.06 -16.50
CA PHE A 517 -20.07 15.45 -17.83
C PHE A 517 -20.93 16.71 -17.75
N ASP A 518 -21.67 16.90 -16.67
CA ASP A 518 -22.42 18.13 -16.51
C ASP A 518 -21.45 19.31 -16.44
N THR A 519 -20.30 19.09 -15.82
CA THR A 519 -19.33 20.15 -15.63
C THR A 519 -18.71 20.55 -16.95
N TRP A 520 -18.31 19.55 -17.71
CA TRP A 520 -17.76 19.73 -19.04
C TRP A 520 -18.72 20.55 -19.90
N GLN A 521 -20.01 20.29 -19.75
CA GLN A 521 -21.00 21.05 -20.50
C GLN A 521 -21.08 22.48 -20.02
N GLU A 522 -20.79 22.71 -18.76
CA GLU A 522 -20.93 24.03 -18.18
C GLU A 522 -19.62 24.81 -18.37
N ASP A 523 -18.54 24.07 -18.64
CA ASP A 523 -17.22 24.65 -18.82
C ASP A 523 -17.13 25.62 -19.99
N GLN A 524 -17.98 25.42 -21.00
CA GLN A 524 -17.94 26.26 -22.20
C GLN A 524 -18.53 27.66 -21.92
N PHE A 525 -19.05 27.86 -20.72
CA PHE A 525 -19.86 29.03 -20.39
C PHE A 525 -19.10 30.37 -20.47
N ASP A 526 -17.95 30.45 -19.85
CA ASP A 526 -17.18 31.69 -19.83
C ASP A 526 -16.53 31.99 -21.17
N PHE A 527 -16.51 31.01 -22.07
CA PHE A 527 -15.76 31.15 -23.31
C PHE A 527 -16.57 31.80 -24.45
N HIS A 528 -17.90 31.79 -24.33
CA HIS A 528 -18.73 32.54 -25.29
C HIS A 528 -18.24 34.00 -25.35
N SER A 529 -17.84 34.56 -24.21
CA SER A 529 -17.28 35.92 -24.16
C SER A 529 -15.79 35.95 -24.40
N PHE A 530 -15.09 35.01 -23.80
CA PHE A 530 -13.65 35.01 -23.79
C PHE A 530 -13.07 34.87 -25.19
N SER A 531 -13.65 33.98 -25.99
CA SER A 531 -13.18 33.77 -27.35
C SER A 531 -13.31 35.02 -28.21
N LEU A 532 -14.29 35.88 -27.90
CA LEU A 532 -14.45 37.13 -28.63
C LEU A 532 -13.28 38.08 -28.30
N ARG A 533 -12.74 37.96 -27.09
CA ARG A 533 -11.60 38.79 -26.70
C ARG A 533 -10.31 38.30 -27.36
N LYS A 534 -10.13 36.99 -27.42
CA LYS A 534 -8.98 36.39 -28.10
C LYS A 534 -9.04 36.51 -29.63
N GLY A 535 -10.25 36.58 -30.19
CA GLY A 535 -10.41 36.62 -31.64
C GLY A 535 -10.20 35.30 -32.36
N GLN A 536 -9.86 34.24 -31.62
CA GLN A 536 -9.61 32.93 -32.20
C GLN A 536 -10.90 32.18 -32.50
N ILE A 537 -11.57 32.59 -33.57
CA ILE A 537 -12.96 32.26 -33.77
C ILE A 537 -13.24 30.83 -34.26
N ARG A 538 -12.44 30.34 -35.19
CA ARG A 538 -12.61 28.96 -35.64
C ARG A 538 -12.50 27.96 -34.48
N ALA A 539 -11.61 28.18 -33.53
CA ALA A 539 -11.49 27.26 -32.41
C ALA A 539 -12.77 27.29 -31.58
N TYR A 540 -13.28 28.50 -31.36
CA TYR A 540 -14.53 28.64 -30.63
C TYR A 540 -15.66 27.82 -31.28
N VAL A 541 -15.81 27.94 -32.60
CA VAL A 541 -16.87 27.24 -33.29
C VAL A 541 -16.60 25.74 -33.28
N ASP A 542 -15.33 25.33 -33.26
CA ASP A 542 -14.97 23.92 -33.08
C ASP A 542 -15.44 23.40 -31.72
N MET A 543 -15.26 24.22 -30.70
CA MET A 543 -15.60 23.82 -29.34
C MET A 543 -17.10 23.63 -29.21
N VAL A 544 -17.86 24.65 -29.62
CA VAL A 544 -19.31 24.61 -29.65
C VAL A 544 -19.85 23.34 -30.33
N ARG A 545 -19.31 23.02 -31.49
CA ARG A 545 -19.79 21.85 -32.23
C ARG A 545 -19.43 20.56 -31.52
N TRP A 546 -18.24 20.49 -30.92
CA TRP A 546 -17.89 19.35 -30.09
C TRP A 546 -18.82 19.22 -28.88
N GLU A 547 -19.07 20.34 -28.22
CA GLU A 547 -19.97 20.40 -27.08
C GLU A 547 -21.41 19.94 -27.43
N ASP A 548 -21.86 20.22 -28.65
CA ASP A 548 -23.19 19.83 -29.07
C ASP A 548 -23.34 18.30 -29.07
N ARG A 549 -22.21 17.60 -29.13
CA ARG A 549 -22.26 16.15 -29.13
C ARG A 549 -21.48 15.56 -27.97
N LEU A 550 -21.48 16.27 -26.84
CA LEU A 550 -20.57 15.98 -25.74
C LEU A 550 -20.63 14.54 -25.30
N ARG A 551 -21.83 14.08 -25.00
CA ARG A 551 -21.97 12.83 -24.29
C ARG A 551 -22.03 11.64 -25.22
N GLU A 552 -21.62 11.81 -26.47
CA GLU A 552 -21.49 10.65 -27.37
C GLU A 552 -20.17 9.92 -27.07
N HIS A 553 -19.34 10.57 -26.25
CA HIS A 553 -18.01 10.04 -25.94
C HIS A 553 -18.15 8.74 -25.17
N PRO A 554 -17.34 7.73 -25.53
CA PRO A 554 -17.43 6.47 -24.79
C PRO A 554 -17.17 6.66 -23.30
N PHE A 555 -16.46 7.72 -22.93
CA PHE A 555 -16.23 8.04 -21.52
C PHE A 555 -17.52 8.27 -20.75
N TYR A 556 -18.53 8.84 -21.42
CA TYR A 556 -19.87 8.93 -20.83
C TYR A 556 -20.59 7.58 -20.92
N PHE A 557 -20.56 6.98 -22.11
CA PHE A 557 -21.39 5.83 -22.41
C PHE A 557 -21.14 4.65 -21.46
N ARG A 558 -19.88 4.35 -21.19
CA ARG A 558 -19.55 3.18 -20.36
C ARG A 558 -20.16 3.26 -18.95
N ALA A 559 -19.82 4.32 -18.22
CA ALA A 559 -20.36 4.52 -16.89
C ALA A 559 -21.87 4.59 -16.93
N ALA A 560 -22.43 5.18 -17.99
CA ALA A 560 -23.88 5.34 -18.07
C ALA A 560 -24.58 4.01 -18.33
N LEU A 561 -23.99 3.17 -19.15
CA LEU A 561 -24.59 1.86 -19.39
C LEU A 561 -24.46 0.99 -18.14
N ASP A 562 -23.41 1.21 -17.34
CA ASP A 562 -23.29 0.52 -16.06
C ASP A 562 -24.45 0.89 -15.13
N ALA A 563 -24.65 2.19 -14.89
CA ALA A 563 -25.78 2.66 -14.10
C ALA A 563 -27.11 2.03 -14.52
N VAL A 564 -27.41 2.04 -15.82
CA VAL A 564 -28.69 1.56 -16.30
C VAL A 564 -28.86 0.07 -16.03
N ASN A 565 -27.80 -0.69 -16.29
CA ASN A 565 -27.79 -2.11 -15.96
C ASN A 565 -27.94 -2.41 -14.45
N LEU A 566 -27.35 -1.56 -13.61
CA LEU A 566 -27.41 -1.76 -12.17
C LEU A 566 -28.79 -1.39 -11.61
N TYR A 567 -29.45 -0.39 -12.20
CA TYR A 567 -30.81 -0.05 -11.80
C TYR A 567 -31.80 -1.14 -12.22
N LEU A 568 -31.60 -1.68 -13.43
CA LEU A 568 -32.38 -2.80 -13.93
C LEU A 568 -32.28 -4.00 -12.98
N SER A 569 -31.06 -4.25 -12.52
CA SER A 569 -30.82 -5.31 -11.56
C SER A 569 -31.55 -5.04 -10.26
N MET A 570 -31.41 -3.81 -9.76
CA MET A 570 -32.10 -3.40 -8.53
C MET A 570 -33.61 -3.50 -8.66
N TYR A 571 -34.14 -3.31 -9.87
CA TYR A 571 -35.57 -3.40 -10.08
C TYR A 571 -36.06 -4.84 -9.95
N ASP A 572 -35.23 -5.79 -10.35
CA ASP A 572 -35.60 -7.21 -10.31
C ASP A 572 -35.24 -7.86 -8.99
N LYS A 573 -34.48 -7.15 -8.16
CA LYS A 573 -33.93 -7.69 -6.92
C LYS A 573 -34.22 -6.76 -5.74
N PRO A 574 -35.52 -6.54 -5.44
CA PRO A 574 -35.90 -5.65 -4.35
C PRO A 574 -35.50 -6.19 -2.97
N LYS A 639 -20.67 19.56 3.20
CA LYS A 639 -21.79 20.00 2.36
C LYS A 639 -22.28 18.86 1.45
N ASP A 640 -21.42 17.92 1.15
CA ASP A 640 -21.81 16.76 0.34
C ASP A 640 -22.73 15.84 1.12
N ASP A 641 -23.97 15.74 0.67
CA ASP A 641 -24.92 14.80 1.25
C ASP A 641 -24.80 13.45 0.54
N ASP A 642 -25.13 12.38 1.25
CA ASP A 642 -25.05 11.03 0.69
C ASP A 642 -23.70 10.73 0.03
N PRO A 643 -22.62 10.74 0.83
CA PRO A 643 -21.25 10.50 0.34
C PRO A 643 -21.00 9.06 -0.11
N ASN A 644 -21.70 8.10 0.49
CA ASN A 644 -21.52 6.70 0.12
C ASN A 644 -22.64 6.19 -0.75
N GLY A 645 -23.44 7.11 -1.26
CA GLY A 645 -24.55 6.78 -2.13
C GLY A 645 -25.57 5.86 -1.51
N GLU A 646 -25.63 5.81 -0.19
CA GLU A 646 -26.62 4.97 0.47
C GLU A 646 -28.06 5.39 0.10
N LYS A 647 -28.29 6.69 -0.08
CA LYS A 647 -29.61 7.15 -0.52
C LYS A 647 -29.89 6.70 -1.96
N LEU A 648 -28.86 6.66 -2.79
CA LEU A 648 -28.99 6.13 -4.15
C LEU A 648 -29.48 4.69 -4.17
N ALA A 649 -28.82 3.84 -3.40
CA ALA A 649 -29.14 2.42 -3.35
C ALA A 649 -30.53 2.17 -2.76
N ALA A 650 -30.99 3.09 -1.91
CA ALA A 650 -32.23 2.91 -1.18
C ALA A 650 -33.44 3.45 -1.94
N THR A 651 -33.30 3.62 -3.25
CA THR A 651 -34.34 4.24 -4.05
C THR A 651 -35.59 3.35 -4.14
N LYS A 652 -36.75 3.98 -4.23
CA LYS A 652 -37.99 3.25 -4.45
C LYS A 652 -38.33 3.22 -5.95
N ASP A 653 -37.66 4.09 -6.71
CA ASP A 653 -37.89 4.19 -8.14
C ASP A 653 -36.57 4.13 -8.91
N PRO A 654 -36.06 2.92 -9.14
CA PRO A 654 -34.78 2.75 -9.83
C PRO A 654 -34.90 3.03 -11.33
N LEU A 655 -35.98 2.57 -11.93
CA LEU A 655 -36.16 2.77 -13.36
C LEU A 655 -36.32 4.26 -13.65
N GLY A 656 -36.94 4.98 -12.72
CA GLY A 656 -37.04 6.42 -12.82
C GLY A 656 -35.67 7.08 -12.70
N ASP A 657 -34.82 6.52 -11.83
CA ASP A 657 -33.49 7.06 -11.59
C ASP A 657 -32.55 6.78 -12.77
N ALA A 658 -32.87 5.76 -13.55
CA ALA A 658 -32.08 5.37 -14.70
C ALA A 658 -32.27 6.28 -15.90
N MET A 659 -33.41 6.96 -15.97
CA MET A 659 -33.79 7.73 -17.15
C MET A 659 -32.79 8.81 -17.57
N LYS A 660 -32.23 9.56 -16.62
CA LYS A 660 -31.28 10.61 -17.01
C LYS A 660 -30.02 10.03 -17.66
N PHE A 661 -29.60 8.83 -17.21
CA PHE A 661 -28.50 8.13 -17.86
C PHE A 661 -28.88 7.63 -19.24
N LEU A 662 -30.03 6.98 -19.32
CA LEU A 662 -30.51 6.34 -20.54
C LEU A 662 -30.81 7.32 -21.66
N ASN A 663 -31.51 8.40 -21.33
CA ASN A 663 -31.83 9.46 -22.30
C ASN A 663 -30.63 9.95 -23.11
N TYR A 664 -29.51 10.17 -22.43
CA TYR A 664 -28.29 10.59 -23.13
C TYR A 664 -27.75 9.46 -23.97
N ILE A 665 -27.90 8.24 -23.47
CA ILE A 665 -27.40 7.07 -24.19
C ILE A 665 -28.09 6.95 -25.52
N LEU A 666 -29.42 6.95 -25.47
CA LEU A 666 -30.25 6.80 -26.68
C LEU A 666 -30.17 8.02 -27.60
N GLN A 667 -29.95 9.20 -27.03
CA GLN A 667 -29.94 10.40 -27.83
C GLN A 667 -28.59 10.70 -28.46
N PHE A 668 -27.52 10.28 -27.81
CA PHE A 668 -26.20 10.64 -28.33
C PHE A 668 -25.45 9.44 -28.89
N SER A 669 -25.87 8.24 -28.51
CA SER A 669 -25.23 7.02 -29.00
C SER A 669 -26.25 6.03 -29.60
N PRO A 670 -27.19 6.53 -30.41
CA PRO A 670 -28.22 5.63 -30.92
C PRO A 670 -27.68 4.46 -31.72
N LYS A 671 -26.52 4.63 -32.37
CA LYS A 671 -25.98 3.57 -33.22
C LYS A 671 -25.34 2.44 -32.40
N ASN A 672 -25.47 2.53 -31.09
CA ASN A 672 -24.85 1.57 -30.20
C ASN A 672 -25.89 0.58 -29.64
N ILE A 673 -25.83 -0.67 -30.12
CA ILE A 673 -26.85 -1.67 -29.81
C ILE A 673 -27.00 -1.97 -28.32
N ASP A 674 -25.89 -1.97 -27.58
CA ASP A 674 -25.93 -2.26 -26.15
C ASP A 674 -26.88 -1.31 -25.45
N GLY A 675 -26.83 -0.05 -25.86
CA GLY A 675 -27.74 0.98 -25.36
C GLY A 675 -29.19 0.70 -25.71
N GLN A 676 -29.44 0.31 -26.97
CA GLN A 676 -30.80 -0.04 -27.43
C GLN A 676 -31.38 -1.25 -26.71
N ILE A 677 -30.54 -2.26 -26.49
CA ILE A 677 -30.95 -3.45 -25.78
C ILE A 677 -31.30 -3.10 -24.34
N ALA A 678 -30.50 -2.24 -23.72
CA ALA A 678 -30.73 -1.82 -22.33
C ALA A 678 -31.97 -0.93 -22.23
N GLY A 679 -32.16 -0.07 -23.22
CA GLY A 679 -33.36 0.75 -23.28
C GLY A 679 -34.61 -0.12 -23.34
N PHE A 680 -34.57 -1.16 -24.17
CA PHE A 680 -35.72 -2.04 -24.29
C PHE A 680 -36.11 -2.64 -22.93
N GLU A 681 -35.13 -3.17 -22.23
CA GLU A 681 -35.35 -3.74 -20.90
C GLU A 681 -35.98 -2.74 -19.91
N VAL A 682 -35.54 -1.48 -19.97
CA VAL A 682 -36.08 -0.43 -19.10
C VAL A 682 -37.54 -0.08 -19.42
N TYR A 683 -37.87 0.04 -20.71
CA TYR A 683 -39.21 0.46 -21.11
C TYR A 683 -40.31 -0.60 -20.98
N ILE A 684 -40.01 -1.88 -21.20
CA ILE A 684 -41.05 -2.89 -20.99
C ILE A 684 -41.45 -2.91 -19.52
N ARG A 685 -40.46 -2.74 -18.65
CA ARG A 685 -40.69 -2.71 -17.20
C ARG A 685 -41.48 -1.48 -16.80
N LYS A 686 -41.22 -0.38 -17.51
CA LYS A 686 -41.90 0.88 -17.28
C LYS A 686 -43.31 0.87 -17.85
N LYS A 687 -43.66 -0.22 -18.54
CA LYS A 687 -44.95 -0.40 -19.22
C LYS A 687 -45.15 0.57 -20.39
N LYS A 688 -44.05 1.11 -20.90
CA LYS A 688 -44.09 2.02 -22.04
C LYS A 688 -43.69 1.27 -23.30
N TYR A 689 -44.64 0.52 -23.85
CA TYR A 689 -44.37 -0.42 -24.92
C TYR A 689 -44.05 0.24 -26.26
N LEU A 690 -44.40 1.51 -26.44
CA LEU A 690 -44.09 2.20 -27.68
C LEU A 690 -42.60 2.57 -27.76
N LEU A 691 -42.03 3.01 -26.64
CA LEU A 691 -40.62 3.32 -26.58
C LEU A 691 -39.79 2.04 -26.65
N ALA A 692 -40.29 1.01 -25.99
CA ALA A 692 -39.68 -0.32 -26.08
C ALA A 692 -39.50 -0.73 -27.54
N LEU A 693 -40.55 -0.60 -28.33
CA LEU A 693 -40.50 -0.95 -29.74
C LEU A 693 -39.48 -0.09 -30.49
N ARG A 694 -39.38 1.17 -30.10
CA ARG A 694 -38.49 2.09 -30.77
C ARG A 694 -37.05 1.64 -30.61
N CYS A 695 -36.68 1.30 -29.37
CA CYS A 695 -35.40 0.68 -29.07
C CYS A 695 -35.19 -0.61 -29.85
N LEU A 696 -36.18 -1.48 -29.84
CA LEU A 696 -36.09 -2.75 -30.55
C LEU A 696 -35.85 -2.52 -32.04
N LYS A 697 -36.64 -1.66 -32.68
CA LYS A 697 -36.47 -1.35 -34.10
C LYS A 697 -35.08 -0.77 -34.40
N ALA A 698 -34.53 -0.01 -33.45
CA ALA A 698 -33.17 0.53 -33.62
C ALA A 698 -32.12 -0.58 -33.57
N ALA A 699 -32.14 -1.34 -32.47
CA ALA A 699 -31.23 -2.44 -32.27
C ALA A 699 -31.29 -3.43 -33.42
N SER A 700 -32.48 -3.66 -33.94
CA SER A 700 -32.64 -4.65 -35.02
C SER A 700 -32.10 -4.09 -36.33
N ALA A 701 -32.16 -2.78 -36.47
CA ALA A 701 -31.64 -2.16 -37.68
C ALA A 701 -30.12 -2.24 -37.68
N ILE A 702 -29.53 -2.35 -36.48
CA ILE A 702 -28.07 -2.47 -36.36
C ILE A 702 -27.59 -3.92 -36.55
N ASP A 703 -28.27 -4.86 -35.90
CA ASP A 703 -27.95 -6.28 -36.06
C ASP A 703 -29.23 -7.09 -36.05
N LYS A 704 -29.77 -7.33 -37.24
CA LYS A 704 -30.99 -8.12 -37.40
C LYS A 704 -30.97 -9.41 -36.58
N ASN A 705 -29.86 -10.16 -36.63
CA ASN A 705 -29.83 -11.48 -36.00
C ASN A 705 -29.10 -11.55 -34.66
N HIS A 706 -28.85 -10.40 -34.05
CA HIS A 706 -28.34 -10.36 -32.69
C HIS A 706 -29.24 -11.16 -31.76
N PRO A 707 -28.65 -12.06 -30.96
CA PRO A 707 -29.42 -12.99 -30.12
C PRO A 707 -30.35 -12.27 -29.16
N LYS A 708 -29.92 -11.12 -28.63
CA LYS A 708 -30.73 -10.39 -27.66
C LYS A 708 -31.92 -9.72 -28.33
N VAL A 709 -31.72 -9.14 -29.52
CA VAL A 709 -32.81 -8.44 -30.20
C VAL A 709 -33.86 -9.46 -30.63
N LEU A 710 -33.43 -10.70 -30.85
CA LEU A 710 -34.35 -11.77 -31.24
C LEU A 710 -35.18 -12.19 -30.03
N GLU A 711 -34.50 -12.30 -28.89
CA GLU A 711 -35.14 -12.62 -27.63
C GLU A 711 -36.14 -11.55 -27.20
N GLN A 712 -35.71 -10.31 -27.21
CA GLN A 712 -36.58 -9.19 -26.85
C GLN A 712 -37.75 -9.04 -27.85
N ALA A 713 -37.50 -9.34 -29.12
CA ALA A 713 -38.56 -9.31 -30.13
C ALA A 713 -39.66 -10.31 -29.78
N ALA A 714 -39.24 -11.52 -29.42
CA ALA A 714 -40.19 -12.55 -29.04
C ALA A 714 -40.85 -12.24 -27.69
N LYS A 715 -40.10 -11.64 -26.78
CA LYS A 715 -40.63 -11.32 -25.45
C LYS A 715 -41.69 -10.22 -25.54
N LEU A 716 -41.49 -9.30 -26.48
CA LEU A 716 -42.40 -8.17 -26.64
C LEU A 716 -43.75 -8.64 -27.16
N ARG A 717 -43.72 -9.49 -28.18
CA ARG A 717 -44.93 -9.93 -28.83
C ARG A 717 -45.92 -10.60 -27.87
N LYS A 718 -45.40 -11.32 -26.88
CA LYS A 718 -46.26 -11.94 -25.86
C LYS A 718 -46.99 -10.86 -25.04
N ILE A 719 -46.24 -9.85 -24.61
CA ILE A 719 -46.77 -8.77 -23.79
C ILE A 719 -47.85 -7.99 -24.52
N VAL A 720 -47.60 -7.71 -25.80
CA VAL A 720 -48.54 -7.01 -26.67
C VAL A 720 -49.89 -7.74 -26.82
N SER A 721 -49.83 -9.04 -27.11
CA SER A 721 -51.04 -9.84 -27.25
C SER A 721 -51.79 -9.92 -25.92
N SER A 722 -51.08 -9.64 -24.83
CA SER A 722 -51.64 -9.78 -23.50
C SER A 722 -52.32 -8.51 -23.02
N ALA A 723 -51.62 -7.39 -23.13
CA ALA A 723 -52.13 -6.13 -22.57
C ALA A 723 -52.77 -5.21 -23.60
N LEU A 724 -53.21 -5.76 -24.73
CA LEU A 724 -53.71 -4.90 -25.82
C LEU A 724 -55.14 -4.40 -25.57
N ASP A 725 -55.91 -5.14 -24.78
CA ASP A 725 -57.25 -4.69 -24.40
C ASP A 725 -57.19 -3.45 -23.53
N SER A 726 -56.04 -3.24 -22.88
CA SER A 726 -55.89 -2.17 -21.91
C SER A 726 -55.37 -0.88 -22.55
N MET A 727 -54.71 -1.01 -23.70
CA MET A 727 -54.13 0.14 -24.37
C MET A 727 -55.11 0.81 -25.33
N ALA A 728 -54.96 2.12 -25.49
CA ALA A 728 -55.77 2.90 -26.42
C ALA A 728 -55.70 2.32 -27.82
N PRO A 729 -56.78 2.47 -28.60
CA PRO A 729 -56.85 1.91 -29.94
C PRO A 729 -55.80 2.46 -30.92
N LYS A 730 -55.40 3.72 -30.76
CA LYS A 730 -54.39 4.28 -31.66
C LYS A 730 -53.01 3.70 -31.38
N LEU A 731 -52.70 3.52 -30.09
CA LEU A 731 -51.46 2.88 -29.67
C LEU A 731 -51.42 1.43 -30.12
N ARG A 732 -52.54 0.73 -29.91
CA ARG A 732 -52.69 -0.65 -30.34
C ARG A 732 -52.39 -0.79 -31.83
N GLU A 733 -52.88 0.17 -32.61
CA GLU A 733 -52.71 0.14 -34.06
C GLU A 733 -51.26 0.29 -34.48
N VAL A 734 -50.59 1.31 -33.93
CA VAL A 734 -49.22 1.61 -34.30
C VAL A 734 -48.29 0.50 -33.88
N ILE A 735 -48.56 -0.05 -32.70
CA ILE A 735 -47.76 -1.15 -32.14
C ILE A 735 -47.76 -2.36 -33.07
N GLN A 736 -48.95 -2.89 -33.35
CA GLN A 736 -49.09 -4.09 -34.16
C GLN A 736 -48.59 -3.88 -35.59
N ALA A 737 -48.76 -2.67 -36.10
CA ALA A 737 -48.36 -2.37 -37.47
C ALA A 737 -46.84 -2.37 -37.64
N GLU A 738 -46.14 -1.66 -36.75
CA GLU A 738 -44.69 -1.51 -36.86
C GLU A 738 -43.94 -2.67 -36.23
N LEU A 739 -44.67 -3.58 -35.63
CA LEU A 739 -44.08 -4.77 -35.04
C LEU A 739 -43.82 -5.85 -36.09
N VAL A 740 -44.75 -5.97 -37.04
CA VAL A 740 -44.64 -6.94 -38.13
C VAL A 740 -43.43 -6.70 -39.02
N GLY A 741 -43.01 -5.44 -39.09
CA GLY A 741 -41.90 -5.03 -39.95
C GLY A 741 -40.67 -5.92 -39.84
N VAL A 742 -40.11 -6.00 -38.64
CA VAL A 742 -38.90 -6.80 -38.43
C VAL A 742 -38.85 -7.41 -37.03
N PRO A 743 -39.00 -8.75 -36.98
CA PRO A 743 -38.85 -9.56 -35.77
C PRO A 743 -37.39 -9.98 -35.54
N FME B 1 2.08 5.92 -35.41
CN FME B 1 1.56 4.89 -36.14
O1 FME B 1 0.34 4.79 -36.35
CA FME B 1 1.29 6.97 -34.81
CB FME B 1 1.76 7.40 -33.41
CG FME B 1 1.97 6.19 -32.53
SD FME B 1 0.46 5.25 -32.56
CE FME B 1 1.08 3.63 -32.77
C FME B 1 1.33 8.25 -35.63
O FME B 1 2.34 8.65 -36.19
N ASP B 2 0.18 8.91 -35.70
CA ASP B 2 0.05 10.11 -36.51
C ASP B 2 0.24 11.35 -35.65
N ILE B 3 0.92 12.36 -36.19
CA ILE B 3 1.03 13.65 -35.49
C ILE B 3 0.17 14.74 -36.15
N ARG B 4 -0.67 15.40 -35.36
CA ARG B 4 -1.57 16.42 -35.90
C ARG B 4 -1.98 17.45 -34.85
N LEU B 5 -2.51 18.57 -35.31
CA LEU B 5 -2.94 19.64 -34.41
C LEU B 5 -4.05 19.19 -33.46
N LEU B 6 -3.99 19.67 -32.22
CA LEU B 6 -5.03 19.44 -31.21
C LEU B 6 -6.40 19.83 -31.70
N ARG B 7 -7.39 19.05 -31.31
CA ARG B 7 -8.78 19.34 -31.62
C ARG B 7 -9.54 19.47 -30.30
N PRO B 8 -10.42 20.45 -30.19
CA PRO B 8 -11.22 20.56 -28.96
C PRO B 8 -11.88 19.23 -28.58
N SER B 9 -12.37 18.48 -29.58
CA SER B 9 -13.02 17.19 -29.29
C SER B 9 -12.02 16.14 -28.74
N ASP B 10 -10.73 16.39 -28.91
CA ASP B 10 -9.68 15.54 -28.37
C ASP B 10 -9.47 15.71 -26.86
N ILE B 11 -10.03 16.77 -26.27
CA ILE B 11 -9.65 17.18 -24.93
C ILE B 11 -9.90 16.13 -23.81
N PRO B 12 -11.02 15.39 -23.85
CA PRO B 12 -11.13 14.35 -22.80
C PRO B 12 -10.01 13.30 -22.79
N LEU B 13 -9.60 12.85 -23.97
CA LEU B 13 -8.56 11.83 -24.09
C LEU B 13 -7.14 12.41 -23.88
N ILE B 14 -6.96 13.70 -24.19
CA ILE B 14 -5.74 14.41 -23.80
C ILE B 14 -5.66 14.47 -22.27
N GLN B 15 -6.73 14.93 -21.63
CA GLN B 15 -6.77 14.98 -20.19
C GLN B 15 -6.55 13.59 -19.57
N HIS B 16 -7.11 12.58 -20.22
CA HIS B 16 -6.94 11.24 -19.70
C HIS B 16 -5.50 10.78 -19.81
N ALA B 17 -4.84 11.17 -20.91
CA ALA B 17 -3.44 10.80 -21.12
C ALA B 17 -2.56 11.47 -20.05
N ASN B 18 -2.87 12.72 -19.74
CA ASN B 18 -2.20 13.44 -18.67
C ASN B 18 -2.38 12.75 -17.30
N LEU B 19 -3.61 12.36 -17.00
CA LEU B 19 -3.90 11.62 -15.77
C LEU B 19 -3.11 10.31 -15.62
N GLU B 20 -2.88 9.61 -16.73
CA GLU B 20 -2.18 8.31 -16.71
C GLU B 20 -0.67 8.49 -16.53
N ASN B 21 -0.11 9.53 -17.14
CA ASN B 21 1.34 9.66 -17.29
C ASN B 21 2.04 10.75 -16.45
N LEU B 22 1.30 11.67 -15.86
CA LEU B 22 1.91 12.78 -15.15
C LEU B 22 1.22 13.04 -13.82
N PRO B 23 2.00 13.41 -12.79
CA PRO B 23 1.42 13.74 -11.48
C PRO B 23 0.78 15.14 -11.46
N GLU B 24 1.14 16.00 -12.42
CA GLU B 24 0.53 17.33 -12.52
C GLU B 24 -0.74 17.26 -13.38
N ASN B 25 -1.90 17.49 -12.77
CA ASN B 25 -3.18 17.40 -13.48
C ASN B 25 -4.00 18.72 -13.45
N TYR B 26 -4.94 18.89 -14.38
CA TYR B 26 -5.74 20.11 -14.43
C TYR B 26 -7.23 19.83 -14.74
N PHE B 27 -8.09 20.80 -14.47
CA PHE B 27 -9.50 20.71 -14.87
C PHE B 27 -9.57 20.73 -16.37
N LEU B 28 -10.60 20.11 -16.95
CA LEU B 28 -10.81 20.17 -18.40
C LEU B 28 -10.82 21.63 -18.87
N LYS B 29 -11.46 22.49 -18.10
CA LYS B 29 -11.55 23.90 -18.43
C LYS B 29 -10.22 24.57 -18.78
N TYR B 30 -9.12 24.06 -18.22
CA TYR B 30 -7.80 24.65 -18.42
C TYR B 30 -7.27 24.25 -19.78
N TYR B 31 -7.60 23.02 -20.21
CA TYR B 31 -7.36 22.59 -21.59
C TYR B 31 -8.13 23.44 -22.61
N LEU B 32 -9.41 23.67 -22.34
CA LEU B 32 -10.18 24.59 -23.16
C LEU B 32 -9.45 25.91 -23.35
N TYR B 33 -8.98 26.47 -22.24
CA TYR B 33 -8.36 27.79 -22.24
C TYR B 33 -7.12 27.86 -23.16
N HIS B 34 -6.34 26.79 -23.21
CA HIS B 34 -5.26 26.69 -24.17
C HIS B 34 -5.81 26.60 -25.61
N ALA B 35 -6.72 25.65 -25.83
CA ALA B 35 -7.28 25.37 -27.15
C ALA B 35 -7.96 26.59 -27.78
N LEU B 36 -8.59 27.40 -26.94
CA LEU B 36 -9.27 28.59 -27.42
C LEU B 36 -8.37 29.82 -27.39
N SER B 37 -7.27 29.79 -26.65
CA SER B 37 -6.36 30.95 -26.65
C SER B 37 -5.27 30.83 -27.72
N TRP B 38 -4.67 29.65 -27.84
CA TRP B 38 -3.58 29.42 -28.79
C TRP B 38 -3.82 28.09 -29.52
N PRO B 39 -4.82 28.07 -30.40
CA PRO B 39 -5.19 26.83 -31.09
C PRO B 39 -4.10 26.32 -32.04
N GLN B 40 -3.13 27.16 -32.37
CA GLN B 40 -2.07 26.78 -33.29
C GLN B 40 -0.85 26.10 -32.64
N LEU B 41 -0.84 25.95 -31.31
CA LEU B 41 0.40 25.54 -30.63
C LEU B 41 0.42 24.14 -30.02
N SER B 42 -0.74 23.50 -29.86
CA SER B 42 -0.81 22.21 -29.18
C SER B 42 -1.09 21.09 -30.16
N PHE B 43 -0.37 19.98 -30.00
CA PHE B 43 -0.45 18.86 -30.93
C PHE B 43 -0.66 17.53 -30.19
N VAL B 44 -1.15 16.53 -30.92
CA VAL B 44 -1.40 15.21 -30.35
C VAL B 44 -0.77 14.13 -31.22
N ALA B 45 -0.40 13.01 -30.59
CA ALA B 45 -0.04 11.80 -31.33
C ALA B 45 -1.23 10.85 -31.27
N VAL B 46 -1.62 10.30 -32.43
CA VAL B 46 -2.83 9.49 -32.49
C VAL B 46 -2.57 8.08 -33.03
N ASP B 47 -3.07 7.09 -32.32
CA ASP B 47 -3.00 5.74 -32.82
C ASP B 47 -4.21 5.57 -33.70
N VAL B 48 -4.02 5.85 -34.98
CA VAL B 48 -5.13 5.98 -35.91
C VAL B 48 -5.58 4.63 -36.44
N SER B 49 -4.70 3.65 -36.41
CA SER B 49 -5.01 2.33 -36.94
C SER B 49 -5.54 1.39 -35.87
N ARG B 50 -5.77 1.93 -34.67
CA ARG B 50 -6.48 1.21 -33.63
C ARG B 50 -7.91 0.90 -34.08
N PRO B 51 -8.26 -0.38 -34.16
CA PRO B 51 -9.60 -0.80 -34.60
C PRO B 51 -10.64 -0.24 -33.64
N ALA B 52 -11.79 0.17 -34.15
CA ALA B 52 -12.79 0.82 -33.30
C ALA B 52 -13.74 -0.20 -32.65
N LYS B 53 -13.83 -0.14 -31.33
CA LYS B 53 -14.70 -0.99 -30.54
C LYS B 53 -16.16 -0.54 -30.66
N SER B 54 -16.37 0.67 -31.15
CA SER B 54 -17.68 1.30 -31.16
C SER B 54 -17.80 2.37 -32.25
N PRO B 55 -19.03 2.64 -32.69
CA PRO B 55 -19.31 3.69 -33.68
C PRO B 55 -18.98 5.11 -33.20
N TYR B 56 -18.79 5.30 -31.89
CA TYR B 56 -18.49 6.63 -31.37
C TYR B 56 -17.06 6.75 -30.77
N ASP B 57 -16.18 5.85 -31.17
CA ASP B 57 -14.78 5.91 -30.67
C ASP B 57 -14.11 7.22 -31.06
N TYR B 58 -13.43 7.85 -30.11
CA TYR B 58 -12.69 9.08 -30.41
C TYR B 58 -11.26 8.74 -30.82
N PRO B 59 -10.55 9.71 -31.40
CA PRO B 59 -9.19 9.37 -31.78
C PRO B 59 -8.37 9.00 -30.55
N LYS B 60 -7.65 7.88 -30.61
CA LYS B 60 -6.93 7.38 -29.44
C LYS B 60 -5.63 8.13 -29.25
N ILE B 61 -5.59 8.96 -28.22
CA ILE B 61 -4.45 9.82 -27.98
C ILE B 61 -3.36 9.15 -27.17
N VAL B 62 -2.20 8.95 -27.79
CA VAL B 62 -1.07 8.30 -27.14
C VAL B 62 0.05 9.29 -26.81
N GLY B 63 -0.14 10.54 -27.19
CA GLY B 63 0.79 11.59 -26.83
C GLY B 63 0.19 12.97 -27.05
N TYR B 64 0.76 13.98 -26.41
CA TYR B 64 0.29 15.33 -26.64
C TYR B 64 1.35 16.32 -26.19
N VAL B 65 1.29 17.53 -26.73
CA VAL B 65 2.02 18.65 -26.17
C VAL B 65 1.03 19.79 -26.02
N LEU B 66 0.94 20.33 -24.80
CA LEU B 66 0.06 21.46 -24.48
C LEU B 66 0.89 22.73 -24.28
N ALA B 67 0.72 23.72 -25.17
CA ALA B 67 1.62 24.87 -25.18
C ALA B 67 0.86 26.19 -25.11
N LYS B 68 1.53 27.24 -24.65
CA LYS B 68 0.91 28.55 -24.59
C LYS B 68 1.93 29.65 -24.89
N MET B 69 1.45 30.85 -25.18
CA MET B 69 2.33 32.04 -25.22
C MET B 69 2.21 32.66 -23.86
N GLU B 70 3.29 33.28 -23.38
CA GLU B 70 3.22 33.92 -22.07
C GLU B 70 2.50 35.26 -22.20
N GLU B 71 1.41 35.38 -21.46
CA GLU B 71 0.53 36.55 -21.53
C GLU B 71 1.28 37.80 -21.06
N GLU B 72 2.21 37.60 -20.14
CA GLU B 72 3.09 38.67 -19.68
C GLU B 72 4.50 38.50 -20.23
N PRO B 73 4.79 39.16 -21.35
CA PRO B 73 6.16 39.15 -21.90
C PRO B 73 7.19 39.66 -20.87
N ALA B 74 8.36 39.04 -20.84
CA ALA B 74 9.42 39.42 -19.90
C ALA B 74 9.78 40.89 -20.02
N ASP B 75 10.12 41.32 -21.24
CA ASP B 75 10.44 42.71 -21.51
C ASP B 75 9.70 43.20 -22.75
N GLY B 76 8.46 42.75 -22.91
CA GLY B 76 7.72 42.97 -24.13
C GLY B 76 8.28 42.06 -25.21
N VAL B 77 8.88 40.95 -24.78
CA VAL B 77 9.44 39.98 -25.70
C VAL B 77 8.71 38.65 -25.64
N PRO B 78 8.01 38.33 -26.74
CA PRO B 78 7.08 37.20 -26.79
C PRO B 78 7.83 35.89 -26.65
N HIS B 79 7.29 34.99 -25.85
CA HIS B 79 7.93 33.69 -25.68
C HIS B 79 6.91 32.63 -25.30
N GLY B 80 7.11 31.42 -25.80
CA GLY B 80 6.23 30.31 -25.49
C GLY B 80 6.61 29.60 -24.21
N HIS B 81 5.64 28.88 -23.66
CA HIS B 81 5.86 28.03 -22.50
C HIS B 81 5.15 26.69 -22.72
N ILE B 82 5.82 25.60 -22.39
CA ILE B 82 5.20 24.29 -22.50
C ILE B 82 4.48 23.95 -21.21
N THR B 83 3.16 23.87 -21.25
CA THR B 83 2.39 23.59 -20.05
C THR B 83 2.50 22.13 -19.64
N SER B 84 2.44 21.24 -20.62
CA SER B 84 2.43 19.82 -20.35
C SER B 84 2.84 19.03 -21.59
N LEU B 85 3.59 17.95 -21.37
CA LEU B 85 4.02 17.07 -22.43
C LEU B 85 4.11 15.63 -21.89
N SER B 86 3.42 14.69 -22.53
CA SER B 86 3.63 13.28 -22.20
C SER B 86 3.25 12.34 -23.32
N VAL B 87 3.86 11.16 -23.27
CA VAL B 87 3.58 10.06 -24.18
C VAL B 87 3.28 8.82 -23.35
N MET B 88 2.19 8.12 -23.66
CA MET B 88 1.89 6.83 -23.05
C MET B 88 3.15 5.97 -22.96
N ARG B 89 3.33 5.24 -21.86
CA ARG B 89 4.55 4.47 -21.65
C ARG B 89 4.76 3.46 -22.79
N THR B 90 3.66 2.92 -23.28
CA THR B 90 3.63 1.95 -24.36
C THR B 90 4.12 2.50 -25.69
N HIS B 91 4.26 3.81 -25.78
CA HIS B 91 4.59 4.45 -27.04
C HIS B 91 5.83 5.34 -26.96
N ARG B 92 6.64 5.13 -25.93
CA ARG B 92 7.81 6.00 -25.74
C ARG B 92 8.96 5.47 -26.57
N ARG B 93 9.90 6.35 -26.87
CA ARG B 93 11.07 6.01 -27.67
C ARG B 93 10.72 5.67 -29.15
N LEU B 94 9.70 6.33 -29.67
CA LEU B 94 9.40 6.35 -31.10
C LEU B 94 9.64 7.73 -31.70
N GLY B 95 10.19 8.63 -30.90
CA GLY B 95 10.46 9.98 -31.38
C GLY B 95 9.28 10.94 -31.28
N ILE B 96 8.19 10.51 -30.65
CA ILE B 96 6.96 11.30 -30.65
C ILE B 96 7.13 12.66 -29.95
N ALA B 97 7.63 12.67 -28.72
CA ALA B 97 7.79 13.93 -28.01
C ALA B 97 8.65 14.91 -28.82
N GLU B 98 9.69 14.42 -29.48
CA GLU B 98 10.50 15.30 -30.31
C GLU B 98 9.69 15.97 -31.43
N LYS B 99 8.93 15.18 -32.17
CA LYS B 99 8.10 15.71 -33.25
C LYS B 99 7.07 16.71 -32.74
N LEU B 100 6.45 16.39 -31.62
CA LEU B 100 5.42 17.24 -31.03
C LEU B 100 6.02 18.59 -30.63
N MET B 101 7.22 18.55 -30.07
CA MET B 101 7.91 19.76 -29.63
C MET B 101 8.30 20.65 -30.81
N ARG B 102 8.79 20.04 -31.87
CA ARG B 102 9.23 20.84 -33.01
C ARG B 102 8.03 21.48 -33.76
N GLN B 103 6.88 20.81 -33.78
CA GLN B 103 5.68 21.40 -34.36
C GLN B 103 5.19 22.59 -33.56
N SER B 104 5.19 22.45 -32.23
CA SER B 104 4.75 23.53 -31.36
C SER B 104 5.69 24.73 -31.50
N GLN B 105 6.99 24.46 -31.49
CA GLN B 105 7.97 25.52 -31.59
C GLN B 105 7.84 26.31 -32.89
N LEU B 106 7.60 25.63 -34.01
CA LEU B 106 7.48 26.27 -35.30
C LEU B 106 6.28 27.23 -35.34
N ALA B 107 5.16 26.80 -34.77
CA ALA B 107 3.97 27.66 -34.75
C ALA B 107 4.16 28.86 -33.80
N MET B 108 4.89 28.65 -32.71
CA MET B 108 5.20 29.72 -31.78
C MET B 108 5.95 30.86 -32.46
N VAL B 109 6.90 30.50 -33.30
CA VAL B 109 7.66 31.48 -34.06
C VAL B 109 6.78 32.13 -35.15
N GLU B 110 6.19 31.30 -36.00
CA GLU B 110 5.40 31.82 -37.11
C GLU B 110 4.24 32.73 -36.67
N THR B 111 3.35 32.19 -35.83
CA THR B 111 2.14 32.91 -35.46
C THR B 111 2.31 33.98 -34.38
N TYR B 112 3.20 33.77 -33.44
CA TYR B 112 3.29 34.66 -32.27
C TYR B 112 4.65 35.33 -32.15
N ASN B 113 5.55 35.08 -33.10
CA ASN B 113 6.86 35.70 -33.11
C ASN B 113 7.69 35.38 -31.87
N ALA B 114 7.52 34.16 -31.36
CA ALA B 114 8.20 33.73 -30.14
C ALA B 114 9.69 33.87 -30.26
N HIS B 115 10.31 34.46 -29.24
CA HIS B 115 11.76 34.58 -29.23
C HIS B 115 12.43 33.39 -28.55
N TYR B 116 11.75 32.82 -27.58
CA TYR B 116 12.24 31.58 -26.97
C TYR B 116 11.08 30.78 -26.41
N VAL B 117 11.36 29.57 -25.95
CA VAL B 117 10.35 28.75 -25.32
C VAL B 117 10.95 28.20 -24.02
N SER B 118 10.13 28.10 -22.98
CA SER B 118 10.62 27.62 -21.69
C SER B 118 9.71 26.56 -21.11
N LEU B 119 10.20 25.93 -20.05
CA LEU B 119 9.45 24.86 -19.42
C LEU B 119 10.08 24.45 -18.09
N HIS B 120 9.32 23.72 -17.30
CA HIS B 120 9.83 23.12 -16.08
C HIS B 120 9.84 21.60 -16.19
N VAL B 121 10.86 20.97 -15.63
CA VAL B 121 11.00 19.52 -15.59
C VAL B 121 11.60 19.10 -14.24
N ARG B 122 11.10 18.00 -13.66
CA ARG B 122 11.67 17.44 -12.44
C ARG B 122 13.15 17.18 -12.61
N VAL B 123 13.95 17.47 -11.57
CA VAL B 123 15.40 17.31 -11.69
C VAL B 123 15.79 15.84 -11.87
N SER B 124 14.99 14.92 -11.36
CA SER B 124 15.26 13.50 -11.52
C SER B 124 14.71 12.89 -12.82
N ASN B 125 14.12 13.71 -13.68
CA ASN B 125 13.49 13.19 -14.88
C ASN B 125 14.47 13.02 -16.04
N LYS B 126 15.31 11.99 -15.94
CA LYS B 126 16.36 11.75 -16.95
C LYS B 126 15.80 11.79 -18.36
N ALA B 127 14.79 10.95 -18.63
CA ALA B 127 14.22 10.83 -19.98
C ALA B 127 13.86 12.19 -20.56
N ALA B 128 13.09 12.98 -19.82
CA ALA B 128 12.69 14.30 -20.28
C ALA B 128 13.89 15.25 -20.45
N ILE B 129 14.81 15.25 -19.49
CA ILE B 129 15.98 16.14 -19.55
C ILE B 129 16.86 15.87 -20.78
N HIS B 130 16.98 14.60 -21.17
CA HIS B 130 17.77 14.30 -22.34
C HIS B 130 17.06 14.71 -23.62
N LEU B 131 15.73 14.65 -23.61
CA LEU B 131 14.97 15.13 -24.75
C LEU B 131 15.24 16.63 -24.96
N TYR B 132 15.08 17.41 -23.90
CA TYR B 132 15.18 18.87 -24.00
C TYR B 132 16.60 19.36 -24.21
N ARG B 133 17.54 18.81 -23.46
CA ARG B 133 18.90 19.26 -23.60
C ARG B 133 19.55 18.69 -24.86
N ASP B 134 19.61 17.37 -24.95
CA ASP B 134 20.40 16.70 -25.97
C ASP B 134 19.78 16.69 -27.35
N THR B 135 18.47 16.59 -27.44
CA THR B 135 17.83 16.49 -28.74
C THR B 135 17.33 17.87 -29.22
N LEU B 136 16.78 18.67 -28.32
CA LEU B 136 16.16 19.93 -28.72
C LEU B 136 17.01 21.20 -28.48
N GLY B 137 18.05 21.11 -27.65
CA GLY B 137 18.92 22.24 -27.44
C GLY B 137 18.50 23.26 -26.39
N PHE B 138 17.67 22.85 -25.45
CA PHE B 138 17.34 23.70 -24.30
C PHE B 138 18.56 23.86 -23.41
N LYS B 139 18.78 25.08 -22.91
CA LYS B 139 19.74 25.28 -21.84
C LYS B 139 19.01 25.41 -20.51
N THR B 140 19.72 25.15 -19.41
CA THR B 140 19.16 25.24 -18.07
C THR B 140 19.36 26.64 -17.51
N GLU B 141 18.32 27.19 -16.90
CA GLU B 141 18.36 28.57 -16.47
C GLU B 141 18.49 28.73 -14.95
N LYS B 142 17.80 27.87 -14.21
CA LYS B 142 17.81 27.93 -12.75
C LYS B 142 17.13 26.70 -12.20
N VAL B 143 17.21 26.51 -10.89
CA VAL B 143 16.46 25.48 -10.20
C VAL B 143 15.39 26.10 -9.31
N GLU B 144 14.15 25.66 -9.49
CA GLU B 144 13.05 26.07 -8.61
C GLU B 144 12.85 25.03 -7.52
N ALA B 145 13.23 25.37 -6.30
CA ALA B 145 13.08 24.46 -5.18
C ALA B 145 11.61 24.20 -4.83
N LYS B 146 11.29 22.93 -4.55
CA LYS B 146 9.94 22.47 -4.18
C LYS B 146 8.87 23.02 -5.13
N TYR B 147 9.18 23.02 -6.41
CA TYR B 147 8.27 23.46 -7.44
C TYR B 147 7.06 22.53 -7.53
N TYR B 148 7.30 21.23 -7.49
CA TYR B 148 6.24 20.25 -7.61
C TYR B 148 5.60 19.92 -6.28
N ALA B 149 4.37 19.44 -6.36
CA ALA B 149 3.53 19.23 -5.18
C ALA B 149 4.20 18.35 -4.13
N ASP B 150 4.97 17.35 -4.56
CA ASP B 150 5.62 16.44 -3.60
C ASP B 150 6.97 16.97 -3.10
N GLY B 151 7.30 18.20 -3.47
CA GLY B 151 8.51 18.82 -2.99
C GLY B 151 9.68 18.79 -3.95
N GLU B 152 9.58 18.02 -5.03
CA GLU B 152 10.69 17.89 -5.96
C GLU B 152 11.03 19.23 -6.66
N ASP B 153 12.33 19.52 -6.71
CA ASP B 153 12.86 20.64 -7.45
C ASP B 153 12.62 20.51 -8.97
N ALA B 154 12.58 21.65 -9.68
CA ALA B 154 12.50 21.64 -11.14
C ALA B 154 13.63 22.42 -11.76
N TYR B 155 14.09 21.98 -12.93
CA TYR B 155 14.90 22.85 -13.77
C TYR B 155 13.95 23.70 -14.58
N CYS B 156 14.22 25.01 -14.62
CA CYS B 156 13.59 25.85 -15.64
C CYS B 156 14.54 25.89 -16.82
N MET B 157 14.12 25.31 -17.94
CA MET B 157 14.94 25.25 -19.15
C MET B 157 14.40 26.16 -20.23
N LYS B 158 15.30 26.71 -21.04
CA LYS B 158 14.90 27.68 -22.06
C LYS B 158 15.59 27.36 -23.39
N LEU B 159 14.83 27.50 -24.48
CA LEU B 159 15.37 27.30 -25.83
C LEU B 159 15.33 28.63 -26.60
N ASP B 160 16.50 29.08 -27.02
CA ASP B 160 16.65 30.23 -27.89
C ASP B 160 16.12 29.86 -29.27
N LEU B 161 15.16 30.64 -29.78
CA LEU B 161 14.57 30.35 -31.08
C LEU B 161 15.13 31.21 -32.24
N THR B 162 16.17 31.99 -31.96
CA THR B 162 16.84 32.84 -32.95
C THR B 162 17.16 32.09 -34.25
N ALA B 163 17.77 30.93 -34.11
CA ALA B 163 18.09 30.09 -35.25
C ALA B 163 16.86 29.71 -36.07
N LEU B 164 15.79 29.30 -35.41
CA LEU B 164 14.56 28.91 -36.09
C LEU B 164 13.92 30.11 -36.81
N ARG B 165 13.98 31.28 -36.17
CA ARG B 165 13.40 32.50 -36.70
C ARG B 165 14.06 32.94 -37.99
N GLU B 166 15.38 32.84 -38.02
CA GLU B 166 16.16 33.21 -39.20
C GLU B 166 15.97 32.16 -40.28
N GLN B 167 16.00 30.91 -39.87
CA GLN B 167 15.69 29.80 -40.76
C GLN B 167 14.33 30.00 -41.44
N ILE B 168 13.35 30.46 -40.66
CA ILE B 168 12.02 30.81 -41.17
C ILE B 168 12.06 31.98 -42.15
N ALA B 169 12.81 33.03 -41.79
CA ALA B 169 12.92 34.22 -42.63
C ALA B 169 13.64 33.92 -43.95
N ALA B 170 14.54 32.95 -43.92
CA ALA B 170 15.27 32.51 -45.12
C ALA B 170 14.34 31.83 -46.13
N GLN B 171 13.42 31.02 -45.62
CA GLN B 171 12.45 30.36 -46.47
C GLN B 171 11.36 31.33 -46.90
N ARG B 172 11.19 32.42 -46.16
CA ARG B 172 10.22 33.46 -46.50
C ARG B 172 10.71 34.30 -47.66
N GLU B 173 12.03 34.45 -47.75
CA GLU B 173 12.66 35.21 -48.80
C GLU B 173 12.64 34.47 -50.14
N LYS B 174 12.81 33.16 -50.09
CA LYS B 174 12.77 32.32 -51.30
C LYS B 174 11.37 32.29 -51.90
N GLU B 175 10.35 32.41 -51.05
CA GLU B 175 8.97 32.47 -51.48
C GLU B 175 8.65 33.84 -52.07
N LEU B 176 9.30 34.86 -51.53
CA LEU B 176 9.11 36.24 -51.98
C LEU B 176 9.73 36.45 -53.36
N GLU B 177 10.77 35.67 -53.65
CA GLU B 177 11.42 35.70 -54.97
C GLU B 177 10.48 35.09 -56.00
N GLU B 178 9.94 33.93 -55.65
CA GLU B 178 8.92 33.26 -56.46
C GLU B 178 7.70 34.15 -56.65
N ASP B 179 7.45 34.99 -55.63
CA ASP B 179 6.30 35.87 -55.60
C ASP B 179 6.48 37.05 -56.56
N MET C 3 -50.02 26.08 -38.87
CA MET C 3 -51.44 26.24 -39.12
C MET C 3 -52.21 24.95 -38.81
N GLY C 4 -51.48 23.96 -38.30
CA GLY C 4 -52.07 22.65 -38.01
C GLY C 4 -52.66 22.59 -36.62
N LYS C 5 -53.96 22.26 -36.55
CA LYS C 5 -54.63 22.14 -35.26
C LYS C 5 -54.55 20.71 -34.73
N VAL C 6 -54.45 20.58 -33.41
CA VAL C 6 -54.21 19.28 -32.78
C VAL C 6 -55.27 18.87 -31.75
N ASP C 7 -55.51 17.56 -31.65
CA ASP C 7 -56.48 16.99 -30.73
C ASP C 7 -55.82 16.80 -29.36
N PRO C 8 -56.41 17.40 -28.31
CA PRO C 8 -55.80 17.38 -26.98
C PRO C 8 -55.60 15.97 -26.44
N ALA C 9 -56.53 15.05 -26.70
CA ALA C 9 -56.33 13.65 -26.31
C ALA C 9 -55.11 13.06 -27.02
N ASP C 10 -54.86 13.47 -28.26
CA ASP C 10 -53.68 12.99 -28.97
C ASP C 10 -52.40 13.48 -28.28
N VAL C 11 -52.40 14.75 -27.89
CA VAL C 11 -51.27 15.35 -27.21
C VAL C 11 -50.98 14.62 -25.89
N ASN C 12 -52.03 14.28 -25.16
CA ASN C 12 -51.87 13.56 -23.90
C ASN C 12 -51.43 12.12 -24.13
N LEU C 13 -51.81 11.57 -25.27
CA LEU C 13 -51.42 10.21 -25.61
C LEU C 13 -49.93 10.17 -25.91
N LEU C 14 -49.46 11.09 -26.75
CA LEU C 14 -48.03 11.17 -27.06
C LEU C 14 -47.19 11.49 -25.83
N VAL C 15 -47.74 12.33 -24.94
CA VAL C 15 -47.02 12.69 -23.72
C VAL C 15 -46.78 11.45 -22.88
N GLU C 16 -47.83 10.67 -22.67
CA GLU C 16 -47.77 9.49 -21.83
C GLU C 16 -46.96 8.34 -22.47
N GLU C 17 -47.08 8.15 -23.78
CA GLU C 17 -46.53 6.94 -24.39
C GLU C 17 -45.18 7.16 -25.06
N LEU C 18 -44.80 8.42 -25.25
CA LEU C 18 -43.48 8.74 -25.80
C LEU C 18 -42.64 9.51 -24.77
N GLU C 19 -43.28 9.88 -23.67
CA GLU C 19 -42.62 10.56 -22.57
C GLU C 19 -42.06 11.89 -23.05
N LEU C 20 -42.87 12.61 -23.80
CA LEU C 20 -42.51 13.92 -24.31
C LEU C 20 -43.17 15.05 -23.53
N SER C 21 -42.54 16.22 -23.55
CA SER C 21 -43.16 17.42 -23.00
C SER C 21 -44.38 17.75 -23.84
N LYS C 22 -45.36 18.41 -23.23
CA LYS C 22 -46.57 18.81 -23.95
C LYS C 22 -46.16 19.64 -25.18
N ALA C 23 -45.11 20.44 -25.05
CA ALA C 23 -44.62 21.26 -26.16
C ALA C 23 -44.11 20.39 -27.32
N LYS C 24 -43.23 19.45 -27.03
CA LYS C 24 -42.65 18.59 -28.06
C LYS C 24 -43.66 17.61 -28.65
N ALA C 25 -44.62 17.17 -27.85
CA ALA C 25 -45.61 16.24 -28.34
C ALA C 25 -46.50 16.95 -29.34
N THR C 26 -46.85 18.18 -29.01
CA THR C 26 -47.68 19.00 -29.89
C THR C 26 -46.96 19.34 -31.18
N GLU C 27 -45.72 19.79 -31.04
CA GLU C 27 -44.88 20.10 -32.18
C GLU C 27 -44.77 18.89 -33.12
N LEU C 28 -44.59 17.70 -32.55
CA LEU C 28 -44.44 16.48 -33.36
C LEU C 28 -45.74 16.22 -34.09
N LEU C 29 -46.85 16.33 -33.37
CA LEU C 29 -48.16 16.19 -33.97
C LEU C 29 -48.42 17.22 -35.06
N LYS C 30 -47.99 18.47 -34.83
CA LYS C 30 -48.21 19.53 -35.81
C LYS C 30 -47.36 19.23 -37.05
N ALA C 31 -46.26 18.51 -36.85
CA ALA C 31 -45.36 18.15 -37.93
C ALA C 31 -45.99 17.13 -38.85
N HIS C 32 -47.06 16.50 -38.40
CA HIS C 32 -47.69 15.43 -39.15
C HIS C 32 -49.17 15.70 -39.36
N ASP C 33 -49.51 17.00 -39.33
CA ASP C 33 -50.88 17.46 -39.54
C ASP C 33 -51.83 16.84 -38.54
N GLY C 34 -51.45 16.83 -37.27
CA GLY C 34 -52.29 16.30 -36.22
C GLY C 34 -52.65 14.82 -36.37
N ASP C 35 -51.95 14.10 -37.25
CA ASP C 35 -52.18 12.67 -37.41
C ASP C 35 -51.32 11.89 -36.42
N ALA C 36 -51.91 11.52 -35.29
CA ALA C 36 -51.19 10.87 -34.20
C ALA C 36 -50.58 9.54 -34.60
N ILE C 37 -51.30 8.76 -35.39
CA ILE C 37 -50.82 7.46 -35.83
C ILE C 37 -49.66 7.64 -36.81
N LYS C 38 -49.71 8.70 -37.61
CA LYS C 38 -48.61 8.98 -38.50
C LYS C 38 -47.41 9.46 -37.68
N ALA C 39 -47.66 10.37 -36.74
CA ALA C 39 -46.57 10.93 -35.92
C ALA C 39 -45.86 9.85 -35.08
N MET C 40 -46.62 8.98 -34.42
CA MET C 40 -46.04 7.91 -33.62
C MET C 40 -45.22 6.92 -34.45
N LYS C 41 -45.70 6.60 -35.64
CA LYS C 41 -44.97 5.69 -36.51
C LYS C 41 -43.65 6.31 -36.99
N ALA C 42 -43.69 7.61 -37.27
CA ALA C 42 -42.51 8.33 -37.76
C ALA C 42 -41.42 8.39 -36.68
N TYR C 43 -41.86 8.74 -35.47
CA TYR C 43 -41.00 8.91 -34.32
C TYR C 43 -40.20 7.67 -33.92
N ILE C 44 -40.76 6.47 -34.09
CA ILE C 44 -40.06 5.24 -33.69
C ILE C 44 -39.22 4.62 -34.82
N GLN C 45 -39.13 5.29 -35.96
CA GLN C 45 -38.24 4.87 -37.04
C GLN C 45 -36.81 5.34 -36.79
N PRO C 46 -35.85 4.42 -36.87
CA PRO C 46 -34.43 4.72 -36.65
C PRO C 46 -33.79 5.56 -37.77
N ALA C 47 -32.67 6.20 -37.45
CA ALA C 47 -31.86 6.92 -38.44
C ALA C 47 -31.44 6.01 -39.60
N THR D 8 5.82 -46.75 72.95
CA THR D 8 6.25 -45.46 72.42
C THR D 8 7.71 -45.51 71.95
N ARG D 9 8.42 -46.58 72.30
CA ARG D 9 9.74 -46.86 71.74
C ARG D 9 9.65 -46.85 70.22
N GLU D 10 8.51 -47.32 69.72
CA GLU D 10 8.26 -47.34 68.28
C GLU D 10 8.18 -45.93 67.72
N ALA D 11 7.61 -45.02 68.50
CA ALA D 11 7.48 -43.62 68.09
C ALA D 11 8.86 -43.02 67.81
N ASN D 12 9.85 -43.40 68.62
CA ASN D 12 11.21 -42.90 68.44
C ASN D 12 11.85 -43.38 67.15
N LEU D 13 11.60 -44.62 66.76
CA LEU D 13 12.14 -45.13 65.49
C LEU D 13 11.56 -44.36 64.31
N PHE D 14 10.29 -43.95 64.43
CA PHE D 14 9.65 -43.15 63.40
C PHE D 14 10.42 -41.85 63.18
N ARG D 15 10.61 -41.09 64.26
CA ARG D 15 11.42 -39.87 64.23
C ARG D 15 12.85 -40.17 63.80
N THR D 16 13.33 -41.34 64.22
CA THR D 16 14.63 -41.83 63.80
C THR D 16 14.65 -41.92 62.27
N VAL D 17 13.57 -42.44 61.71
CA VAL D 17 13.40 -42.54 60.26
C VAL D 17 13.42 -41.15 59.59
N ILE D 18 12.82 -40.16 60.25
CA ILE D 18 12.67 -38.84 59.66
C ILE D 18 13.99 -38.14 59.43
N ARG D 19 14.61 -37.67 60.52
CA ARG D 19 15.88 -36.99 60.44
C ARG D 19 16.82 -37.76 59.55
N HIS D 20 16.91 -39.05 59.82
CA HIS D 20 17.79 -39.93 59.07
C HIS D 20 17.52 -39.88 57.58
N TYR D 21 16.26 -39.78 57.18
CA TYR D 21 15.97 -39.57 55.76
C TYR D 21 16.60 -38.25 55.29
N GLU D 22 16.39 -37.19 56.05
CA GLU D 22 16.75 -35.83 55.63
C GLU D 22 18.24 -35.62 55.34
N ASP D 23 19.13 -36.24 56.10
CA ASP D 23 20.55 -36.17 55.72
C ASP D 23 20.78 -37.08 54.51
N LYS D 24 20.21 -38.29 54.55
CA LYS D 24 20.23 -39.20 53.40
C LYS D 24 19.65 -40.57 53.77
N GLN D 25 20.33 -41.25 54.70
CA GLN D 25 19.96 -42.57 55.23
C GLN D 25 19.51 -43.56 54.16
N TYR D 26 20.40 -43.81 53.21
CA TYR D 26 20.16 -44.77 52.15
C TYR D 26 19.62 -46.08 52.71
N LYS D 27 20.08 -46.47 53.91
CA LYS D 27 19.65 -47.74 54.50
C LYS D 27 19.59 -47.77 56.03
N ARG D 28 20.24 -46.82 56.71
CA ARG D 28 20.30 -46.84 58.16
C ARG D 28 19.03 -46.26 58.80
N GLY D 29 18.10 -45.84 57.95
CA GLY D 29 16.80 -45.35 58.39
C GLY D 29 15.77 -46.15 57.60
N LEU D 30 16.26 -46.73 56.50
CA LEU D 30 15.53 -47.75 55.75
C LEU D 30 15.50 -49.05 56.56
N LYS D 31 16.55 -49.29 57.33
CA LYS D 31 16.63 -50.44 58.24
C LYS D 31 15.93 -50.12 59.56
N ALA D 32 15.95 -48.85 59.95
CA ALA D 32 15.25 -48.40 61.15
C ALA D 32 13.74 -48.53 60.98
N ALA D 33 13.29 -48.46 59.73
CA ALA D 33 11.88 -48.63 59.38
C ALA D 33 11.54 -50.09 59.12
N GLU D 34 12.48 -50.82 58.51
CA GLU D 34 12.32 -52.25 58.32
C GLU D 34 12.07 -52.93 59.66
N GLN D 35 12.67 -52.40 60.72
CA GLN D 35 12.48 -52.95 62.06
C GLN D 35 11.06 -52.71 62.54
N ILE D 36 10.48 -51.57 62.16
CA ILE D 36 9.10 -51.27 62.51
C ILE D 36 8.15 -52.18 61.73
N LEU D 37 8.55 -52.51 60.50
CA LEU D 37 7.69 -53.25 59.56
C LEU D 37 7.76 -54.78 59.75
N LYS D 38 8.66 -55.26 60.60
CA LYS D 38 8.68 -56.68 60.93
C LYS D 38 7.85 -56.92 62.19
N LYS D 39 7.60 -55.85 62.93
CA LYS D 39 6.71 -55.88 64.09
C LYS D 39 5.31 -55.40 63.70
N ASN D 40 5.26 -54.47 62.74
CA ASN D 40 4.00 -53.90 62.27
C ASN D 40 4.05 -53.63 60.77
N PRO D 41 3.82 -54.67 59.95
CA PRO D 41 3.96 -54.63 58.49
C PRO D 41 2.90 -53.80 57.79
N LYS D 42 1.92 -53.29 58.53
CA LYS D 42 0.88 -52.46 57.94
C LYS D 42 0.73 -51.10 58.63
N HIS D 43 1.86 -50.43 58.85
CA HIS D 43 1.84 -49.09 59.42
C HIS D 43 2.05 -48.06 58.33
N GLY D 44 0.97 -47.37 57.96
CA GLY D 44 0.97 -46.45 56.84
C GLY D 44 2.12 -45.46 56.79
N ASP D 45 2.34 -44.75 57.88
CA ASP D 45 3.37 -43.72 57.91
C ASP D 45 4.76 -44.28 57.65
N THR D 46 5.00 -45.50 58.13
CA THR D 46 6.31 -46.12 58.00
C THR D 46 6.55 -46.60 56.57
N MET D 47 5.53 -47.23 55.98
CA MET D 47 5.61 -47.64 54.58
C MET D 47 5.83 -46.44 53.69
N SER D 48 5.11 -45.35 53.96
CA SER D 48 5.27 -44.11 53.19
C SER D 48 6.70 -43.65 53.25
N MET D 49 7.22 -43.49 54.47
CA MET D 49 8.59 -43.02 54.69
C MET D 49 9.58 -43.93 54.00
N LYS D 50 9.26 -45.22 53.96
CA LYS D 50 10.07 -46.18 53.21
C LYS D 50 10.02 -45.85 51.72
N ALA D 51 8.81 -45.63 51.20
CA ALA D 51 8.61 -45.29 49.79
C ALA D 51 9.40 -44.04 49.40
N LEU D 52 9.49 -43.11 50.34
CA LEU D 52 10.24 -41.88 50.13
C LEU D 52 11.72 -42.19 49.94
N ILE D 53 12.26 -43.03 50.82
CA ILE D 53 13.66 -43.43 50.71
C ILE D 53 13.90 -44.30 49.49
N LEU D 54 12.96 -45.19 49.20
CA LEU D 54 13.08 -46.07 48.05
C LEU D 54 12.98 -45.31 46.74
N ASN D 55 12.38 -44.12 46.81
CA ASN D 55 12.21 -43.30 45.63
C ASN D 55 13.54 -42.80 45.10
N ALA D 56 14.49 -42.58 46.01
CA ALA D 56 15.86 -42.28 45.61
C ALA D 56 16.49 -43.47 44.88
N GLN D 57 16.07 -44.68 45.23
CA GLN D 57 16.61 -45.89 44.60
C GLN D 57 16.28 -45.99 43.12
N GLY D 58 15.29 -45.22 42.67
CA GLY D 58 14.91 -45.24 41.27
C GLY D 58 13.94 -46.37 40.99
N LYS D 59 13.74 -47.24 41.99
CA LYS D 59 12.70 -48.25 41.92
C LYS D 59 11.36 -47.53 42.01
N THR D 60 11.17 -46.58 41.11
CA THR D 60 10.09 -45.62 41.19
C THR D 60 8.73 -46.29 41.10
N GLU D 61 8.61 -47.32 40.26
CA GLU D 61 7.35 -48.05 40.14
C GLU D 61 7.06 -48.74 41.46
N GLU D 62 8.12 -49.16 42.14
CA GLU D 62 8.00 -49.81 43.44
C GLU D 62 7.77 -48.78 44.54
N ALA D 63 8.48 -47.65 44.46
CA ALA D 63 8.22 -46.56 45.39
C ALA D 63 6.76 -46.12 45.32
N PHE D 64 6.22 -46.01 44.11
CA PHE D 64 4.83 -45.60 43.92
C PHE D 64 3.86 -46.66 44.42
N ALA D 65 4.08 -47.90 44.01
CA ALA D 65 3.18 -48.98 44.40
C ALA D 65 3.20 -49.18 45.91
N LEU D 66 4.31 -48.81 46.56
CA LEU D 66 4.39 -48.88 48.01
C LEU D 66 3.66 -47.71 48.68
N ALA D 67 3.91 -46.51 48.17
CA ALA D 67 3.19 -45.32 48.64
C ALA D 67 1.69 -45.49 48.42
N LYS D 68 1.34 -46.02 47.25
CA LYS D 68 -0.04 -46.23 46.88
C LYS D 68 -0.70 -47.30 47.75
N GLU D 69 0.14 -48.11 48.40
CA GLU D 69 -0.35 -49.13 49.30
C GLU D 69 -0.62 -48.51 50.68
N ALA D 70 0.31 -47.67 51.13
CA ALA D 70 0.17 -46.95 52.38
C ALA D 70 -1.09 -46.12 52.37
N LEU D 71 -1.39 -45.57 51.20
CA LEU D 71 -2.64 -44.85 50.92
C LEU D 71 -3.87 -45.69 51.22
N THR D 72 -3.85 -46.93 50.77
CA THR D 72 -4.96 -47.82 51.00
C THR D 72 -5.03 -48.21 52.47
N ILE D 73 -3.88 -48.49 53.07
CA ILE D 73 -3.86 -48.87 54.47
C ILE D 73 -4.39 -47.73 55.34
N ASP D 74 -3.71 -46.59 55.30
CA ASP D 74 -4.14 -45.43 56.08
C ASP D 74 -4.62 -44.29 55.17
N MET D 75 -5.90 -44.32 54.81
CA MET D 75 -6.49 -43.38 53.87
C MET D 75 -6.58 -41.97 54.40
N LYS D 76 -6.51 -41.82 55.71
CA LYS D 76 -6.70 -40.50 56.31
C LYS D 76 -5.48 -39.93 57.02
N SER D 77 -4.29 -40.44 56.70
CA SER D 77 -3.07 -39.87 57.25
C SER D 77 -2.49 -38.85 56.29
N TYR D 78 -2.22 -37.64 56.80
CA TYR D 78 -1.67 -36.57 55.96
C TYR D 78 -0.28 -36.94 55.42
N ILE D 79 0.45 -37.74 56.19
CA ILE D 79 1.82 -38.10 55.79
C ILE D 79 1.84 -38.94 54.53
N CYS D 80 1.02 -40.00 54.50
CA CYS D 80 0.92 -40.86 53.32
C CYS D 80 0.53 -40.07 52.07
N TRP D 81 -0.46 -39.18 52.20
CA TRP D 81 -0.87 -38.37 51.07
C TRP D 81 0.22 -37.39 50.68
N HIS D 82 0.93 -36.88 51.68
CA HIS D 82 2.00 -35.94 51.43
C HIS D 82 3.17 -36.58 50.70
N VAL D 83 3.55 -37.77 51.14
CA VAL D 83 4.61 -38.50 50.46
C VAL D 83 4.24 -38.81 49.02
N TYR D 84 3.00 -39.20 48.80
CA TYR D 84 2.48 -39.50 47.46
C TYR D 84 2.66 -38.28 46.55
N GLY D 85 2.23 -37.13 47.05
CA GLY D 85 2.43 -35.89 46.32
C GLY D 85 3.90 -35.62 46.03
N ILE D 86 4.73 -35.81 47.04
CA ILE D 86 6.19 -35.63 46.89
C ILE D 86 6.77 -36.49 45.78
N LEU D 87 6.41 -37.77 45.76
CA LEU D 87 6.84 -38.66 44.67
C LEU D 87 6.37 -38.13 43.32
N TYR D 88 5.10 -37.72 43.21
CA TYR D 88 4.62 -37.17 41.94
C TYR D 88 5.42 -35.92 41.59
N ARG D 89 5.70 -35.08 42.58
CA ARG D 89 6.44 -33.87 42.29
C ARG D 89 7.85 -34.17 41.77
N THR D 90 8.54 -35.11 42.42
CA THR D 90 9.90 -35.45 41.97
C THR D 90 9.88 -36.12 40.59
N ASN D 91 8.80 -36.81 40.25
CA ASN D 91 8.67 -37.35 38.89
C ASN D 91 7.99 -36.40 37.91
N LYS D 92 7.98 -35.12 38.24
CA LYS D 92 7.51 -34.08 37.34
C LYS D 92 6.02 -34.21 36.94
N ASN D 93 5.22 -34.91 37.73
CA ASN D 93 3.77 -34.97 37.50
C ASN D 93 3.01 -34.05 38.47
N PHE D 94 3.00 -32.76 38.13
CA PHE D 94 2.49 -31.76 39.03
C PHE D 94 0.97 -31.83 39.14
N ASP D 95 0.30 -32.30 38.11
CA ASP D 95 -1.17 -32.36 38.13
C ASP D 95 -1.65 -33.40 39.12
N GLU D 96 -0.97 -34.54 39.18
CA GLU D 96 -1.35 -35.58 40.13
C GLU D 96 -0.82 -35.25 41.52
N ALA D 97 0.25 -34.46 41.55
CA ALA D 97 0.84 -33.98 42.79
C ALA D 97 -0.10 -33.00 43.51
N ILE D 98 -0.60 -32.00 42.78
CA ILE D 98 -1.57 -31.07 43.31
C ILE D 98 -2.74 -31.80 44.00
N LYS D 99 -3.23 -32.87 43.39
CA LYS D 99 -4.35 -33.63 43.98
C LYS D 99 -3.98 -34.26 45.33
N ALA D 100 -2.76 -34.78 45.46
CA ALA D 100 -2.33 -35.38 46.73
C ALA D 100 -2.11 -34.33 47.82
N TYR D 101 -1.35 -33.27 47.48
CA TYR D 101 -1.10 -32.18 48.38
C TYR D 101 -2.39 -31.56 48.93
N LYS D 102 -3.35 -31.39 48.02
CA LYS D 102 -4.64 -30.81 48.36
C LYS D 102 -5.34 -31.57 49.48
N PHE D 103 -5.23 -32.89 49.43
CA PHE D 103 -5.94 -33.72 50.40
C PHE D 103 -5.09 -33.91 51.65
N ALA D 104 -3.78 -33.99 51.48
CA ALA D 104 -2.90 -34.03 52.63
C ALA D 104 -3.16 -32.76 53.45
N LEU D 105 -3.26 -31.62 52.77
CA LEU D 105 -3.56 -30.37 53.44
C LEU D 105 -4.94 -30.40 54.12
N LYS D 106 -5.91 -30.98 53.44
CA LYS D 106 -7.25 -31.08 54.02
C LYS D 106 -7.21 -31.88 55.33
N LEU D 107 -6.36 -32.90 55.39
CA LEU D 107 -6.17 -33.68 56.61
C LEU D 107 -5.38 -32.95 57.70
N GLU D 108 -4.46 -32.08 57.30
CA GLU D 108 -3.57 -31.39 58.24
C GLU D 108 -3.49 -29.91 57.89
N PRO D 109 -4.59 -29.18 58.13
CA PRO D 109 -4.73 -27.78 57.68
C PRO D 109 -3.65 -26.88 58.25
N GLU D 110 -3.05 -27.27 59.36
CA GLU D 110 -2.07 -26.43 60.02
C GLU D 110 -0.71 -26.42 59.30
N SER D 111 -0.53 -27.35 58.38
CA SER D 111 0.76 -27.52 57.73
C SER D 111 1.12 -26.36 56.79
N HIS D 112 2.10 -25.56 57.20
CA HIS D 112 2.56 -24.46 56.36
C HIS D 112 3.33 -25.00 55.16
N GLN D 113 4.09 -26.07 55.37
CA GLN D 113 4.90 -26.63 54.30
C GLN D 113 4.03 -27.15 53.15
N ILE D 114 3.02 -27.94 53.48
CA ILE D 114 2.14 -28.53 52.49
C ILE D 114 1.38 -27.42 51.75
N GLN D 115 0.81 -26.49 52.51
CA GLN D 115 0.12 -25.36 51.89
C GLN D 115 1.02 -24.53 50.99
N ARG D 116 2.24 -24.32 51.44
CA ARG D 116 3.20 -23.52 50.70
C ARG D 116 3.58 -24.23 49.39
N ASP D 117 3.90 -25.52 49.47
CA ASP D 117 4.36 -26.27 48.32
C ASP D 117 3.24 -26.55 47.30
N LEU D 118 2.00 -26.72 47.79
CA LEU D 118 0.82 -26.79 46.94
C LEU D 118 0.61 -25.53 46.08
N ALA D 119 0.70 -24.38 46.73
CA ALA D 119 0.50 -23.12 46.01
C ALA D 119 1.43 -23.00 44.79
N VAL D 120 2.72 -23.24 44.98
CA VAL D 120 3.61 -23.01 43.84
C VAL D 120 3.34 -24.07 42.76
N LEU D 121 3.03 -25.30 43.15
CA LEU D 121 2.59 -26.31 42.18
C LEU D 121 1.35 -25.84 41.41
N GLN D 122 0.47 -25.12 42.10
CA GLN D 122 -0.75 -24.66 41.46
C GLN D 122 -0.51 -23.56 40.43
N ILE D 123 0.29 -22.54 40.77
CA ILE D 123 0.53 -21.49 39.78
C ILE D 123 1.38 -22.01 38.61
N GLN D 124 2.32 -22.90 38.91
CA GLN D 124 3.16 -23.50 37.86
C GLN D 124 2.32 -24.21 36.81
N MET D 125 1.20 -24.81 37.21
CA MET D 125 0.36 -25.48 36.22
C MET D 125 -0.77 -24.58 35.72
N ARG D 126 -0.79 -23.36 36.25
CA ARG D 126 -1.79 -22.35 35.88
C ARG D 126 -3.20 -22.77 36.30
N ASP D 127 -3.28 -23.46 37.45
CA ASP D 127 -4.54 -23.71 38.14
C ASP D 127 -4.91 -22.45 38.91
N TYR D 128 -5.40 -21.46 38.18
CA TYR D 128 -5.55 -20.12 38.72
C TYR D 128 -6.47 -20.11 39.94
N ALA D 129 -7.57 -20.84 39.84
CA ALA D 129 -8.55 -20.89 40.91
C ALA D 129 -7.97 -21.53 42.16
N GLY D 130 -7.17 -22.58 41.97
CA GLY D 130 -6.47 -23.20 43.09
C GLY D 130 -5.53 -22.23 43.77
N TYR D 131 -4.75 -21.52 42.96
CA TYR D 131 -3.74 -20.60 43.46
C TYR D 131 -4.38 -19.47 44.27
N VAL D 132 -5.50 -18.94 43.78
CA VAL D 132 -6.23 -17.91 44.52
C VAL D 132 -6.60 -18.41 45.91
N GLN D 133 -7.21 -19.59 45.98
CA GLN D 133 -7.63 -20.16 47.26
C GLN D 133 -6.42 -20.38 48.22
N SER D 134 -5.37 -21.03 47.72
CA SER D 134 -4.13 -21.19 48.49
C SER D 134 -3.56 -19.85 49.03
N ARG D 135 -3.39 -18.89 48.14
CA ARG D 135 -2.88 -17.59 48.53
C ARG D 135 -3.83 -16.92 49.50
N LEU D 136 -5.14 -17.05 49.28
CA LEU D 136 -6.14 -16.52 50.19
C LEU D 136 -5.96 -17.08 51.60
N ASN D 137 -5.93 -18.41 51.72
CA ASN D 137 -5.73 -19.04 53.01
C ASN D 137 -4.39 -18.68 53.64
N MET D 138 -3.34 -18.62 52.82
CA MET D 138 -2.02 -18.23 53.32
C MET D 138 -2.04 -16.84 53.93
N LEU D 139 -2.73 -15.92 53.25
CA LEU D 139 -2.86 -14.53 53.74
C LEU D 139 -3.63 -14.48 55.04
N LYS D 140 -4.77 -15.17 55.12
CA LYS D 140 -5.52 -15.25 56.39
C LYS D 140 -4.65 -15.73 57.56
N ALA D 141 -3.75 -16.68 57.30
CA ALA D 141 -2.88 -17.22 58.34
C ALA D 141 -1.81 -16.23 58.78
N ARG D 142 -1.18 -15.56 57.83
CA ARG D 142 -0.11 -14.62 58.15
C ARG D 142 -0.34 -13.25 57.49
N PRO D 143 -1.35 -12.50 57.96
CA PRO D 143 -1.71 -11.21 57.36
C PRO D 143 -0.72 -10.08 57.64
N GLN D 144 0.18 -10.25 58.61
N GLN D 144 0.18 -10.26 58.60
CA GLN D 144 1.16 -9.22 58.96
CA GLN D 144 1.16 -9.23 58.97
C GLN D 144 2.21 -9.03 57.86
C GLN D 144 2.26 -9.07 57.92
N ILE D 145 2.36 -10.02 57.00
CA ILE D 145 3.44 -10.01 56.02
C ILE D 145 2.95 -9.59 54.63
N ARG D 146 3.58 -8.54 54.10
CA ARG D 146 3.11 -7.87 52.89
C ARG D 146 3.18 -8.73 51.61
N GLN D 147 4.17 -9.60 51.54
CA GLN D 147 4.25 -10.57 50.46
C GLN D 147 2.96 -11.35 50.28
N ASN D 148 2.25 -11.59 51.37
CA ASN D 148 1.05 -12.43 51.29
C ASN D 148 -0.10 -11.67 50.65
N TRP D 149 -0.18 -10.36 50.90
CA TRP D 149 -1.12 -9.50 50.18
C TRP D 149 -0.80 -9.45 48.69
N THR D 150 0.44 -9.08 48.39
CA THR D 150 0.90 -9.03 47.01
C THR D 150 0.66 -10.37 46.31
N ALA D 151 0.98 -11.46 47.00
CA ALA D 151 0.80 -12.79 46.46
C ALA D 151 -0.64 -13.03 46.03
N LEU D 152 -1.60 -12.70 46.91
CA LEU D 152 -3.00 -12.84 46.57
C LEU D 152 -3.42 -11.91 45.44
N ALA D 153 -2.92 -10.67 45.43
CA ALA D 153 -3.23 -9.77 44.30
C ALA D 153 -2.75 -10.36 42.99
N ILE D 154 -1.54 -10.92 42.99
CA ILE D 154 -1.02 -11.55 41.77
C ILE D 154 -1.91 -12.71 41.30
N ALA D 155 -2.37 -13.54 42.24
CA ALA D 155 -3.25 -14.66 41.92
C ALA D 155 -4.56 -14.20 41.29
N TYR D 156 -5.24 -13.25 41.93
CA TYR D 156 -6.43 -12.66 41.31
C TYR D 156 -6.14 -12.05 39.94
N HIS D 157 -5.00 -11.37 39.80
CA HIS D 157 -4.68 -10.67 38.56
C HIS D 157 -4.49 -11.67 37.42
N LEU D 158 -3.64 -12.66 37.65
CA LEU D 158 -3.41 -13.74 36.69
C LEU D 158 -4.70 -14.49 36.36
N GLU D 159 -5.60 -14.61 37.34
CA GLU D 159 -6.86 -15.30 37.12
C GLU D 159 -7.72 -14.52 36.14
N GLY D 160 -7.54 -13.19 36.12
CA GLY D 160 -8.32 -12.31 35.26
C GLY D 160 -9.29 -11.45 36.05
N ASN D 161 -9.24 -11.57 37.36
CA ASN D 161 -10.10 -10.78 38.24
C ASN D 161 -9.37 -9.50 38.66
N LEU D 162 -9.24 -8.56 37.72
CA LEU D 162 -8.44 -7.35 37.95
C LEU D 162 -8.98 -6.51 39.10
N GLU D 163 -10.30 -6.42 39.20
CA GLU D 163 -10.92 -5.59 40.21
C GLU D 163 -10.52 -6.07 41.61
N LYS D 164 -10.61 -7.36 41.85
CA LYS D 164 -10.25 -7.90 43.15
C LYS D 164 -8.72 -7.77 43.39
N ALA D 165 -7.94 -7.92 42.33
CA ALA D 165 -6.49 -7.76 42.45
C ALA D 165 -6.11 -6.36 43.00
N GLU D 166 -6.79 -5.33 42.48
CA GLU D 166 -6.56 -3.97 42.94
C GLU D 166 -7.11 -3.76 44.35
N HIS D 167 -8.24 -4.40 44.65
CA HIS D 167 -8.85 -4.36 45.96
C HIS D 167 -7.88 -4.81 47.05
N ILE D 168 -7.14 -5.90 46.79
CA ILE D 168 -6.21 -6.44 47.78
C ILE D 168 -5.01 -5.51 47.98
N LEU D 169 -4.54 -4.94 46.88
CA LEU D 169 -3.43 -4.00 46.91
C LEU D 169 -3.76 -2.72 47.69
N THR D 170 -4.89 -2.09 47.36
CA THR D 170 -5.35 -0.91 48.05
C THR D 170 -5.61 -1.21 49.53
N THR D 171 -6.15 -2.39 49.81
CA THR D 171 -6.44 -2.75 51.19
C THR D 171 -5.18 -2.74 52.04
N TYR D 172 -4.10 -3.31 51.52
CA TYR D 172 -2.87 -3.32 52.29
C TYR D 172 -2.43 -1.88 52.57
N GLU D 173 -2.32 -1.08 51.52
CA GLU D 173 -1.92 0.32 51.65
C GLU D 173 -2.67 1.08 52.74
N LYS D 174 -3.98 0.88 52.81
CA LYS D 174 -4.81 1.63 53.75
C LYS D 174 -4.53 1.23 55.20
N SER D 175 -3.93 0.05 55.40
CA SER D 175 -3.63 -0.40 56.76
C SER D 175 -2.41 0.34 57.31
N LEU D 176 -1.55 0.82 56.42
CA LEU D 176 -0.37 1.57 56.82
C LEU D 176 -0.75 2.83 57.60
N THR D 177 -0.35 2.87 58.86
CA THR D 177 -0.58 4.06 59.67
C THR D 177 0.39 5.18 59.27
N THR D 178 1.61 4.80 58.89
CA THR D 178 2.64 5.74 58.45
C THR D 178 3.05 5.48 57.02
N PRO D 179 3.26 6.55 56.24
CA PRO D 179 3.70 6.40 54.85
C PRO D 179 5.10 5.79 54.78
N PRO D 180 5.29 4.79 53.90
CA PRO D 180 6.62 4.23 53.68
C PRO D 180 7.58 5.26 53.10
N PRO D 181 8.85 5.21 53.52
CA PRO D 181 9.85 6.12 52.95
C PRO D 181 10.03 5.82 51.48
N LYS D 182 10.42 6.83 50.71
CA LYS D 182 10.58 6.69 49.27
C LYS D 182 11.69 5.73 48.89
N THR D 183 12.49 5.35 49.87
CA THR D 183 13.59 4.41 49.66
C THR D 183 13.12 2.94 49.67
N ASP D 184 11.91 2.70 50.12
CA ASP D 184 11.33 1.37 50.19
C ASP D 184 10.97 0.86 48.81
N LEU D 185 11.87 0.10 48.19
CA LEU D 185 11.65 -0.42 46.85
C LEU D 185 10.41 -1.34 46.75
N GLU D 186 10.12 -2.07 47.82
CA GLU D 186 8.98 -2.99 47.78
C GLU D 186 7.68 -2.22 47.60
N HIS D 187 7.54 -1.14 48.36
CA HIS D 187 6.36 -0.27 48.30
C HIS D 187 6.31 0.47 46.98
N SER D 188 7.45 0.96 46.53
CA SER D 188 7.53 1.60 45.22
C SER D 188 7.01 0.71 44.11
N GLU D 189 7.49 -0.54 44.12
CA GLU D 189 7.15 -1.51 43.10
C GLU D 189 5.70 -1.94 43.19
N ALA D 190 5.15 -1.99 44.41
CA ALA D 190 3.76 -2.35 44.57
C ALA D 190 2.82 -1.23 44.08
N LEU D 191 3.26 0.02 44.23
CA LEU D 191 2.51 1.17 43.69
C LEU D 191 2.47 1.15 42.16
N LEU D 192 3.62 0.90 41.53
CA LEU D 192 3.65 0.78 40.08
C LEU D 192 2.83 -0.43 39.61
N TYR D 193 2.92 -1.56 40.31
CA TYR D 193 2.11 -2.75 39.93
C TYR D 193 0.61 -2.44 39.95
N LYS D 194 0.14 -1.86 41.04
CA LYS D 194 -1.24 -1.42 41.13
C LYS D 194 -1.59 -0.47 39.96
N ASN D 195 -0.64 0.37 39.56
CA ASN D 195 -0.91 1.30 38.47
C ASN D 195 -1.20 0.60 37.14
N THR D 196 -0.38 -0.38 36.82
CA THR D 196 -0.55 -1.13 35.58
C THR D 196 -1.88 -1.86 35.59
N ILE D 197 -2.29 -2.34 36.76
CA ILE D 197 -3.58 -3.04 36.87
C ILE D 197 -4.74 -2.08 36.58
N ILE D 198 -4.67 -0.87 37.11
CA ILE D 198 -5.70 0.14 36.83
C ILE D 198 -5.83 0.36 35.33
N ALA D 199 -4.69 0.45 34.64
CA ALA D 199 -4.71 0.62 33.21
C ALA D 199 -5.18 -0.65 32.45
N GLU D 200 -4.84 -1.84 32.94
CA GLU D 200 -5.35 -3.05 32.28
C GLU D 200 -6.85 -3.18 32.46
N ARG D 201 -7.41 -2.45 33.42
CA ARG D 201 -8.87 -2.45 33.56
C ARG D 201 -9.47 -1.48 32.57
N GLY D 202 -8.65 -0.55 32.07
CA GLY D 202 -9.09 0.36 31.03
C GLY D 202 -9.27 1.80 31.48
N ASP D 203 -8.98 2.07 32.75
CA ASP D 203 -9.08 3.42 33.30
C ASP D 203 -7.82 4.23 33.02
N ILE D 204 -7.62 4.64 31.79
CA ILE D 204 -6.42 5.40 31.47
C ILE D 204 -6.38 6.69 32.28
N GLU D 205 -7.51 7.39 32.28
CA GLU D 205 -7.71 8.56 33.12
C GLU D 205 -7.33 8.29 34.57
N ARG D 206 -7.94 7.25 35.16
CA ARG D 206 -7.67 6.95 36.57
C ARG D 206 -6.22 6.53 36.81
N ALA D 207 -5.63 5.83 35.86
CA ALA D 207 -4.26 5.39 36.01
C ALA D 207 -3.30 6.58 36.01
N LEU D 208 -3.58 7.55 35.14
CA LEU D 208 -2.76 8.75 35.04
C LEU D 208 -2.83 9.55 36.31
N GLN D 209 -4.04 9.72 36.82
CA GLN D 209 -4.24 10.35 38.11
C GLN D 209 -3.47 9.64 39.23
N HIS D 210 -3.57 8.31 39.26
CA HIS D 210 -2.92 7.54 40.31
C HIS D 210 -1.41 7.67 40.21
N LEU D 211 -0.91 7.66 38.98
CA LEU D 211 0.50 7.83 38.69
C LEU D 211 1.04 9.13 39.29
N GLU D 212 0.42 10.24 38.92
CA GLU D 212 0.91 11.56 39.34
C GLU D 212 0.65 11.85 40.80
N THR D 213 -0.33 11.17 41.39
CA THR D 213 -0.65 11.36 42.79
C THR D 213 0.18 10.48 43.71
N ASP D 214 0.32 9.21 43.36
CA ASP D 214 0.90 8.26 44.28
C ASP D 214 2.25 7.69 43.86
N CYS D 215 2.57 7.72 42.57
CA CYS D 215 3.76 7.04 42.05
C CYS D 215 4.84 8.00 41.56
N LYS D 216 4.60 9.29 41.74
CA LYS D 216 5.44 10.34 41.19
C LYS D 216 6.91 10.17 41.53
N HIS D 217 7.20 9.61 42.70
CA HIS D 217 8.56 9.45 43.17
C HIS D 217 9.00 7.99 43.19
N CYS D 218 8.35 7.12 42.44
CA CYS D 218 8.75 5.72 42.43
C CYS D 218 10.17 5.60 41.90
N LEU D 219 10.91 4.62 42.42
CA LEU D 219 12.33 4.47 42.11
C LEU D 219 12.61 4.03 40.70
N ASP D 220 11.67 3.31 40.07
CA ASP D 220 11.81 2.90 38.68
C ASP D 220 11.44 4.07 37.75
N ARG D 221 12.44 4.90 37.47
CA ARG D 221 12.21 6.15 36.78
C ARG D 221 11.65 5.95 35.38
N LEU D 222 12.22 4.98 34.66
CA LEU D 222 11.84 4.72 33.28
C LEU D 222 10.36 4.29 33.22
N ALA D 223 9.94 3.51 34.22
CA ALA D 223 8.57 3.05 34.28
C ALA D 223 7.58 4.23 34.40
N VAL D 224 7.84 5.09 35.39
CA VAL D 224 7.02 6.28 35.62
C VAL D 224 6.95 7.14 34.35
N MET D 225 8.09 7.31 33.70
CA MET D 225 8.17 8.20 32.54
C MET D 225 7.47 7.62 31.33
N GLU D 226 7.64 6.33 31.09
CA GLU D 226 6.97 5.71 29.96
C GLU D 226 5.45 5.66 30.09
N LEU D 227 4.95 5.28 31.27
CA LEU D 227 3.52 5.32 31.55
C LEU D 227 2.93 6.74 31.40
N ARG D 228 3.63 7.74 31.91
CA ARG D 228 3.16 9.11 31.77
C ARG D 228 2.94 9.46 30.30
N ALA D 229 3.96 9.21 29.46
CA ALA D 229 3.87 9.50 28.03
C ALA D 229 2.74 8.71 27.39
N SER D 230 2.64 7.43 27.77
CA SER D 230 1.63 6.55 27.23
C SER D 230 0.22 7.02 27.52
N TYR D 231 -0.05 7.27 28.81
CA TYR D 231 -1.37 7.69 29.24
C TYR D 231 -1.76 9.03 28.63
N LEU D 232 -0.78 9.93 28.51
CA LEU D 232 -1.06 11.26 28.00
C LEU D 232 -1.44 11.21 26.53
N SER D 233 -0.77 10.37 25.75
CA SER D 233 -1.10 10.30 24.33
C SER D 233 -2.45 9.64 24.16
N LYS D 234 -2.67 8.55 24.88
CA LYS D 234 -3.99 7.90 24.91
C LYS D 234 -5.10 8.87 25.27
N LEU D 235 -4.82 9.83 26.15
CA LEU D 235 -5.84 10.80 26.53
C LEU D 235 -5.86 12.01 25.58
N ALA D 236 -5.03 11.96 24.55
CA ALA D 236 -4.94 13.04 23.56
C ALA D 236 -4.53 14.37 24.16
N ARG D 237 -3.74 14.32 25.23
CA ARG D 237 -3.17 15.54 25.78
C ARG D 237 -1.82 15.78 25.11
N LYS D 238 -1.87 16.41 23.94
CA LYS D 238 -0.73 16.49 23.04
C LYS D 238 0.45 17.28 23.60
N ASP D 239 0.20 18.46 24.12
CA ASP D 239 1.27 19.28 24.70
C ASP D 239 2.00 18.57 25.85
N GLU D 240 1.25 18.03 26.79
CA GLU D 240 1.83 17.29 27.92
C GLU D 240 2.57 16.05 27.42
N ALA D 241 2.01 15.39 26.41
CA ALA D 241 2.62 14.19 25.83
C ALA D 241 3.96 14.50 25.19
N ALA D 242 4.01 15.64 24.49
CA ALA D 242 5.22 16.09 23.81
C ALA D 242 6.34 16.35 24.81
N LYS D 243 5.96 16.89 25.97
CA LYS D 243 6.91 17.14 27.03
C LYS D 243 7.42 15.84 27.63
N ALA D 244 6.53 14.87 27.75
CA ALA D 244 6.91 13.58 28.31
C ALA D 244 7.84 12.83 27.35
N TYR D 245 7.55 12.92 26.06
CA TYR D 245 8.40 12.24 25.06
C TYR D 245 9.76 12.92 24.89
N ARG D 246 9.81 14.23 25.10
CA ARG D 246 11.09 14.93 25.09
C ARG D 246 11.96 14.43 26.23
N ALA D 247 11.36 14.23 27.40
CA ALA D 247 12.10 13.80 28.58
C ALA D 247 12.66 12.39 28.36
N LEU D 248 11.88 11.54 27.70
CA LEU D 248 12.36 10.19 27.35
C LEU D 248 13.49 10.24 26.31
N LEU D 249 13.37 11.12 25.32
CA LEU D 249 14.42 11.26 24.33
C LEU D 249 15.71 11.71 24.98
N ASP D 250 15.62 12.60 25.96
CA ASP D 250 16.80 13.05 26.69
C ASP D 250 17.44 11.91 27.50
N ARG D 251 16.62 11.04 28.06
CA ARG D 251 17.12 9.90 28.79
C ARG D 251 17.70 8.83 27.86
N ASN D 252 17.06 8.61 26.71
CA ASN D 252 17.52 7.60 25.76
C ASN D 252 17.23 7.99 24.30
N PRO D 253 18.15 8.77 23.70
CA PRO D 253 18.07 9.24 22.32
C PRO D 253 18.12 8.13 21.28
N GLU D 254 18.30 6.90 21.71
CA GLU D 254 18.50 5.80 20.78
C GLU D 254 17.25 4.91 20.65
N HIS D 255 16.14 5.37 21.20
CA HIS D 255 14.92 4.58 21.21
C HIS D 255 13.86 5.12 20.23
N MET D 256 13.78 4.48 19.07
CA MET D 256 12.88 4.80 17.96
C MET D 256 11.48 5.34 18.34
N ASP D 257 10.79 4.65 19.25
CA ASP D 257 9.41 4.99 19.60
C ASP D 257 9.23 6.35 20.23
N TYR D 258 10.23 6.85 20.95
CA TYR D 258 10.07 8.18 21.55
C TYR D 258 9.96 9.27 20.47
N TYR D 259 10.68 9.11 19.36
CA TYR D 259 10.56 10.06 18.26
C TYR D 259 9.14 10.01 17.67
N LYS D 260 8.61 8.79 17.45
CA LYS D 260 7.24 8.63 16.97
C LYS D 260 6.24 9.24 17.96
N GLY D 261 6.49 9.07 19.25
CA GLY D 261 5.67 9.70 20.27
C GLY D 261 5.69 11.22 20.23
N LEU D 262 6.89 11.79 20.17
CA LEU D 262 7.04 13.25 20.11
C LEU D 262 6.35 13.83 18.88
N ILE D 263 6.65 13.22 17.75
CA ILE D 263 6.20 13.69 16.46
C ILE D 263 4.69 13.66 16.34
N SER D 264 4.10 12.58 16.84
CA SER D 264 2.66 12.45 16.91
C SER D 264 2.08 13.52 17.82
N ALA D 265 2.72 13.73 18.97
CA ALA D 265 2.23 14.70 19.93
C ALA D 265 2.30 16.12 19.38
N LEU D 266 3.16 16.35 18.39
CA LEU D 266 3.35 17.67 17.80
C LEU D 266 2.41 17.90 16.63
N ASP D 267 1.66 16.86 16.29
CA ASP D 267 0.72 16.91 15.17
C ASP D 267 1.41 17.19 13.85
N ILE D 268 2.58 16.62 13.64
CA ILE D 268 3.23 16.74 12.36
C ILE D 268 2.69 15.68 11.39
N SER D 269 2.15 16.16 10.28
CA SER D 269 1.65 15.32 9.20
C SER D 269 2.69 14.30 8.76
N ALA D 270 2.24 13.08 8.48
CA ALA D 270 3.12 12.01 8.02
C ALA D 270 3.73 12.34 6.68
N ASP D 271 3.05 13.17 5.90
CA ASP D 271 3.54 13.62 4.59
C ASP D 271 4.70 14.56 4.72
N ASP D 272 4.80 15.21 5.87
CA ASP D 272 5.76 16.29 6.04
C ASP D 272 7.13 15.76 6.44
N GLU D 273 7.89 15.29 5.46
CA GLU D 273 9.19 14.70 5.71
C GLU D 273 10.17 15.68 6.35
N GLU D 274 10.19 16.92 5.88
CA GLU D 274 11.12 17.90 6.42
C GLU D 274 10.79 18.25 7.86
N ALA D 275 9.52 18.47 8.16
CA ALA D 275 9.14 18.75 9.54
C ALA D 275 9.56 17.62 10.49
N GLN D 276 9.52 16.38 10.02
CA GLN D 276 9.92 15.26 10.86
C GLN D 276 11.42 15.19 11.02
N LYS D 277 12.14 15.31 9.91
CA LYS D 277 13.60 15.33 9.98
C LYS D 277 14.11 16.41 10.96
N ALA D 278 13.46 17.57 10.99
CA ALA D 278 13.93 18.66 11.82
C ALA D 278 13.92 18.29 13.29
N VAL D 279 12.91 17.54 13.71
CA VAL D 279 12.84 17.02 15.08
C VAL D 279 14.05 16.14 15.39
N TYR D 280 14.37 15.18 14.51
CA TYR D 280 15.58 14.37 14.70
C TYR D 280 16.86 15.22 14.66
N ASP D 281 16.91 16.17 13.73
CA ASP D 281 18.06 17.07 13.60
C ASP D 281 18.38 17.76 14.92
N GLU D 282 17.34 18.19 15.65
CA GLU D 282 17.56 18.92 16.88
C GLU D 282 18.19 18.00 17.91
N TYR D 283 17.80 16.72 17.93
CA TYR D 283 18.40 15.79 18.88
C TYR D 283 19.79 15.35 18.43
N ALA D 284 20.04 15.31 17.12
CA ALA D 284 21.40 15.07 16.62
C ALA D 284 22.37 16.16 17.08
N ALA D 285 21.93 17.40 17.10
CA ALA D 285 22.77 18.48 17.66
C ALA D 285 22.96 18.29 19.16
N LYS D 286 21.88 17.94 19.82
CA LYS D 286 21.87 17.80 21.27
C LYS D 286 22.67 16.57 21.72
N TYR D 287 22.69 15.55 20.87
CA TYR D 287 23.36 14.29 21.18
C TYR D 287 24.13 13.79 19.96
N PRO D 288 25.34 14.35 19.75
CA PRO D 288 26.21 14.06 18.61
C PRO D 288 26.61 12.59 18.46
N ARG D 289 26.58 11.79 19.53
CA ARG D 289 27.00 10.37 19.45
C ARG D 289 25.82 9.44 19.21
N SER D 290 24.64 10.01 19.02
CA SER D 290 23.46 9.23 18.72
C SER D 290 23.37 8.93 17.25
N ASP D 291 23.55 7.65 16.89
CA ASP D 291 23.41 7.26 15.50
C ASP D 291 21.96 7.37 15.05
N ALA D 292 21.03 7.03 15.94
CA ALA D 292 19.61 7.00 15.58
C ALA D 292 19.11 8.38 15.12
N ALA D 293 19.57 9.43 15.80
CA ALA D 293 19.12 10.78 15.49
C ALA D 293 19.58 11.17 14.09
N LYS D 294 20.67 10.57 13.62
CA LYS D 294 21.17 10.83 12.27
C LYS D 294 20.60 9.88 11.22
N ARG D 295 20.36 8.63 11.62
CA ARG D 295 20.10 7.53 10.68
C ARG D 295 18.61 7.24 10.49
N LEU D 296 17.81 7.34 11.55
CA LEU D 296 16.38 7.02 11.47
C LEU D 296 15.59 7.79 10.39
N PRO D 297 15.92 9.08 10.14
CA PRO D 297 15.14 9.81 9.13
C PRO D 297 15.20 9.15 7.75
N LEU D 298 16.27 8.40 7.49
CA LEU D 298 16.37 7.66 6.23
C LEU D 298 15.20 6.69 6.06
N ASN D 299 14.51 6.39 7.15
CA ASN D 299 13.38 5.46 7.09
C ASN D 299 12.21 6.03 6.30
N PHE D 300 12.00 7.35 6.39
CA PHE D 300 10.84 7.98 5.79
C PHE D 300 11.18 9.08 4.77
N LEU D 301 12.46 9.44 4.66
CA LEU D 301 12.89 10.36 3.62
C LEU D 301 12.83 9.65 2.27
N SER D 302 12.37 10.37 1.26
CA SER D 302 12.23 9.81 -0.06
C SER D 302 12.86 10.70 -1.11
N GLY D 303 12.93 10.18 -2.33
CA GLY D 303 13.42 10.95 -3.46
C GLY D 303 14.75 11.65 -3.20
N GLU D 304 14.86 12.91 -3.63
CA GLU D 304 16.11 13.65 -3.48
C GLU D 304 16.42 14.01 -2.04
N ARG D 305 15.38 14.13 -1.20
CA ARG D 305 15.61 14.33 0.22
C ARG D 305 16.34 13.14 0.83
N PHE D 306 15.94 11.93 0.44
CA PHE D 306 16.65 10.73 0.85
C PHE D 306 18.10 10.74 0.32
N ARG D 307 18.28 10.97 -0.98
CA ARG D 307 19.61 10.95 -1.59
C ARG D 307 20.62 11.85 -0.86
N THR D 308 20.27 13.12 -0.68
CA THR D 308 21.13 14.10 -0.04
C THR D 308 21.53 13.63 1.36
N THR D 309 20.55 13.17 2.11
CA THR D 309 20.77 12.87 3.50
C THR D 309 21.57 11.58 3.65
N ALA D 310 21.31 10.64 2.76
CA ALA D 310 22.03 9.37 2.75
C ALA D 310 23.50 9.59 2.37
N LYS D 311 23.73 10.43 1.36
CA LYS D 311 25.10 10.77 0.96
C LYS D 311 25.91 11.31 2.13
N ALA D 312 25.31 12.25 2.85
CA ALA D 312 25.92 12.83 4.04
C ALA D 312 26.33 11.74 5.04
N TYR D 313 25.39 10.83 5.30
CA TYR D 313 25.57 9.79 6.31
C TYR D 313 26.60 8.75 5.87
N LEU D 314 26.58 8.38 4.60
CA LEU D 314 27.54 7.42 4.09
C LEU D 314 28.95 8.01 4.09
N THR D 315 29.07 9.33 3.91
CA THR D 315 30.38 9.95 3.84
C THR D 315 30.99 9.95 5.22
N LEU D 316 30.12 10.17 6.20
CA LEU D 316 30.50 10.16 7.61
C LEU D 316 30.94 8.75 8.02
N MET D 317 30.14 7.75 7.70
CA MET D 317 30.47 6.37 8.10
C MET D 317 31.66 5.82 7.32
N PHE D 318 31.69 6.00 6.01
CA PHE D 318 32.86 5.54 5.25
C PHE D 318 34.15 6.18 5.74
N ASP D 319 34.15 7.50 5.96
CA ASP D 319 35.31 8.22 6.50
C ASP D 319 35.76 7.65 7.84
N LYS D 320 34.80 7.25 8.66
CA LYS D 320 35.08 6.63 9.94
C LYS D 320 35.68 5.24 9.76
N GLY D 321 35.30 4.56 8.69
CA GLY D 321 35.82 3.23 8.41
C GLY D 321 35.02 2.11 9.06
N VAL D 322 33.86 2.46 9.62
CA VAL D 322 32.96 1.51 10.26
C VAL D 322 32.65 0.30 9.36
N PRO D 323 32.87 -0.92 9.88
CA PRO D 323 32.58 -2.14 9.10
C PRO D 323 31.10 -2.51 9.11
N SER D 324 30.39 -2.07 10.15
CA SER D 324 28.99 -2.45 10.33
C SER D 324 28.02 -1.57 9.54
N THR D 325 28.56 -0.69 8.69
CA THR D 325 27.73 0.29 8.01
C THR D 325 26.61 -0.33 7.17
N PHE D 326 26.94 -1.39 6.44
CA PHE D 326 25.94 -2.03 5.61
C PHE D 326 24.83 -2.69 6.44
N ALA D 327 25.18 -3.41 7.51
CA ALA D 327 24.18 -4.06 8.35
C ALA D 327 23.24 -3.01 8.94
N ASN D 328 23.77 -1.81 9.15
CA ASN D 328 22.98 -0.73 9.71
C ASN D 328 22.03 -0.12 8.70
N LEU D 329 22.25 -0.36 7.41
CA LEU D 329 21.39 0.19 6.37
C LEU D 329 20.53 -0.84 5.60
N LYS D 330 20.92 -2.12 5.64
CA LYS D 330 20.31 -3.13 4.75
C LYS D 330 18.77 -3.21 4.79
N HIS D 331 18.18 -2.83 5.91
CA HIS D 331 16.74 -2.95 6.05
C HIS D 331 15.97 -1.87 5.30
N LEU D 332 16.68 -0.93 4.69
CA LEU D 332 16.07 0.01 3.76
C LEU D 332 15.83 -0.63 2.39
N TYR D 333 16.55 -1.70 2.09
CA TYR D 333 16.58 -2.27 0.73
C TYR D 333 15.25 -2.83 0.22
N SER D 334 14.26 -2.95 1.09
CA SER D 334 12.93 -3.36 0.65
C SER D 334 12.35 -2.28 -0.27
N ASP D 335 12.85 -1.05 -0.12
CA ASP D 335 12.57 0.04 -1.05
C ASP D 335 13.59 -0.08 -2.19
N SER D 336 13.10 -0.31 -3.39
CA SER D 336 14.01 -0.52 -4.52
C SER D 336 14.81 0.76 -4.77
N PHE D 337 14.13 1.89 -4.67
CA PHE D 337 14.74 3.19 -4.94
C PHE D 337 15.85 3.48 -3.94
N LYS D 338 15.63 3.18 -2.66
CA LYS D 338 16.64 3.43 -1.62
C LYS D 338 17.84 2.51 -1.80
N LYS D 339 17.53 1.25 -2.13
CA LYS D 339 18.53 0.25 -2.47
C LYS D 339 19.49 0.74 -3.56
N GLU D 340 18.92 1.09 -4.71
CA GLU D 340 19.71 1.57 -5.84
C GLU D 340 20.47 2.85 -5.51
N THR D 341 19.80 3.76 -4.82
CA THR D 341 20.39 5.05 -4.47
C THR D 341 21.66 4.86 -3.61
N LEU D 342 21.58 3.99 -2.62
CA LEU D 342 22.71 3.76 -1.73
C LEU D 342 23.91 3.19 -2.47
N ALA D 343 23.67 2.30 -3.43
CA ALA D 343 24.76 1.72 -4.19
C ALA D 343 25.38 2.78 -5.08
N SER D 344 24.52 3.60 -5.67
CA SER D 344 24.97 4.74 -6.46
C SER D 344 25.85 5.68 -5.64
N LEU D 345 25.40 6.04 -4.45
CA LEU D 345 26.18 6.96 -3.62
C LEU D 345 27.55 6.35 -3.26
N ALA D 346 27.54 5.09 -2.85
CA ALA D 346 28.74 4.36 -2.48
C ALA D 346 29.75 4.32 -3.62
N GLU D 347 29.25 4.29 -4.84
CA GLU D 347 30.14 4.30 -5.99
C GLU D 347 30.67 5.69 -6.24
N GLU D 348 29.84 6.70 -6.00
CA GLU D 348 30.27 8.08 -6.22
C GLU D 348 31.41 8.39 -5.28
N TYR D 349 31.27 7.95 -4.03
CA TYR D 349 32.31 8.09 -3.01
C TYR D 349 33.61 7.46 -3.49
N LEU D 350 33.48 6.31 -4.14
CA LEU D 350 34.63 5.54 -4.62
C LEU D 350 35.33 6.15 -5.85
N ASN D 351 34.59 6.90 -6.66
CA ASN D 351 35.21 7.60 -7.79
C ASN D 351 35.81 8.93 -7.35
N GLU D 352 35.15 9.60 -6.41
CA GLU D 352 35.62 10.87 -5.89
C GLU D 352 36.89 10.61 -5.11
N TYR D 353 37.02 9.38 -4.63
CA TYR D 353 38.21 8.95 -3.90
C TYR D 353 39.42 8.85 -4.83
N VAL D 354 39.20 8.32 -6.03
CA VAL D 354 40.27 8.20 -7.02
C VAL D 354 40.89 9.55 -7.36
N GLY D 367 44.72 8.99 3.55
CA GLY D 367 43.93 7.95 4.19
C GLY D 367 43.59 6.84 3.21
N SER D 368 43.18 5.69 3.75
CA SER D 368 42.88 4.53 2.92
C SER D 368 41.66 3.76 3.42
N LYS D 369 41.25 4.03 4.65
CA LYS D 369 40.18 3.25 5.29
C LYS D 369 38.80 3.62 4.76
N GLY D 370 38.70 4.75 4.07
CA GLY D 370 37.44 5.17 3.47
C GLY D 370 37.12 4.37 2.22
N LYS D 371 38.17 4.10 1.43
CA LYS D 371 38.04 3.30 0.22
C LYS D 371 37.67 1.86 0.58
N GLY D 372 38.28 1.35 1.65
CA GLY D 372 37.98 0.01 2.12
C GLY D 372 36.56 -0.12 2.62
N ALA D 373 36.12 0.86 3.40
CA ALA D 373 34.77 0.88 3.94
C ALA D 373 33.73 0.85 2.82
N ALA D 374 33.99 1.57 1.73
CA ALA D 374 33.09 1.65 0.58
C ALA D 374 33.11 0.41 -0.33
N LEU D 375 34.29 -0.11 -0.63
CA LEU D 375 34.39 -1.38 -1.35
C LEU D 375 33.66 -2.48 -0.60
N TYR D 376 33.88 -2.53 0.72
CA TYR D 376 33.29 -3.55 1.56
C TYR D 376 31.77 -3.42 1.59
N TYR D 377 31.28 -2.18 1.58
CA TYR D 377 29.85 -1.95 1.51
C TYR D 377 29.30 -2.55 0.22
N LEU D 378 29.97 -2.25 -0.89
CA LEU D 378 29.49 -2.70 -2.18
C LEU D 378 29.60 -4.23 -2.33
N ALA D 379 30.59 -4.83 -1.70
CA ALA D 379 30.72 -6.28 -1.68
C ALA D 379 29.52 -6.90 -0.97
N GLN D 380 29.08 -6.27 0.11
CA GLN D 380 27.95 -6.78 0.86
C GLN D 380 26.66 -6.52 0.10
N HIS D 381 26.62 -5.38 -0.55
CA HIS D 381 25.45 -4.97 -1.30
C HIS D 381 25.07 -5.99 -2.36
N TYR D 382 26.04 -6.36 -3.20
CA TYR D 382 25.77 -7.26 -4.30
C TYR D 382 25.75 -8.73 -3.89
N ASN D 383 26.04 -9.00 -2.62
CA ASN D 383 25.96 -10.36 -2.10
C ASN D 383 24.59 -10.61 -1.46
N TYR D 384 24.01 -9.54 -0.94
CA TYR D 384 22.69 -9.55 -0.31
C TYR D 384 21.61 -9.97 -1.28
N TYR D 385 20.69 -10.82 -0.85
CA TYR D 385 19.76 -11.43 -1.79
C TYR D 385 18.82 -10.44 -2.49
N MET D 386 18.56 -9.28 -1.89
CA MET D 386 17.65 -8.31 -2.48
C MET D 386 18.31 -7.50 -3.60
N SER D 387 19.63 -7.58 -3.70
CA SER D 387 20.33 -6.87 -4.75
C SER D 387 21.51 -7.69 -5.24
N ARG D 388 21.29 -9.00 -5.35
CA ARG D 388 22.37 -9.96 -5.53
C ARG D 388 23.01 -9.88 -6.91
N ASP D 389 24.33 -9.91 -6.93
CA ASP D 389 25.11 -10.02 -8.15
C ASP D 389 26.45 -10.59 -7.75
N LEU D 390 26.48 -11.90 -7.52
CA LEU D 390 27.60 -12.56 -6.87
C LEU D 390 28.90 -12.31 -7.61
N THR D 391 28.84 -12.23 -8.93
CA THR D 391 30.02 -11.94 -9.73
C THR D 391 30.68 -10.61 -9.33
N ARG D 392 29.89 -9.55 -9.25
CA ARG D 392 30.40 -8.23 -8.86
C ARG D 392 30.80 -8.24 -7.40
N ALA D 393 30.05 -8.99 -6.60
CA ALA D 393 30.34 -9.12 -5.18
C ALA D 393 31.78 -9.61 -4.94
N LEU D 394 32.19 -10.62 -5.69
CA LEU D 394 33.54 -11.16 -5.57
C LEU D 394 34.61 -10.16 -6.01
N GLU D 395 34.35 -9.41 -7.07
CA GLU D 395 35.27 -8.38 -7.54
C GLU D 395 35.48 -7.26 -6.51
N TYR D 396 34.40 -6.80 -5.89
CA TYR D 396 34.54 -5.74 -4.90
C TYR D 396 35.29 -6.20 -3.65
N VAL D 397 35.01 -7.41 -3.20
CA VAL D 397 35.63 -7.89 -1.96
C VAL D 397 37.09 -8.23 -2.18
N GLU D 398 37.45 -8.65 -3.38
CA GLU D 398 38.83 -8.98 -3.71
C GLU D 398 39.66 -7.72 -3.75
N LYS D 399 39.06 -6.63 -4.23
CA LYS D 399 39.72 -5.35 -4.20
C LYS D 399 39.88 -4.93 -2.77
N ALA D 400 38.84 -5.18 -1.98
CA ALA D 400 38.87 -4.89 -0.56
C ALA D 400 39.98 -5.67 0.12
N ILE D 401 40.00 -6.98 -0.08
CA ILE D 401 41.02 -7.82 0.55
C ILE D 401 42.42 -7.39 0.14
N GLU D 402 42.59 -7.06 -1.12
CA GLU D 402 43.87 -6.56 -1.62
C GLU D 402 44.35 -5.35 -0.82
N LEU D 403 43.42 -4.50 -0.40
CA LEU D 403 43.77 -3.30 0.32
C LEU D 403 44.12 -3.60 1.78
N ASP D 404 43.47 -4.62 2.35
CA ASP D 404 43.61 -4.96 3.77
C ASP D 404 43.60 -6.47 3.93
N PRO D 405 44.72 -7.12 3.57
CA PRO D 405 44.75 -8.58 3.43
C PRO D 405 44.31 -9.35 4.66
N LYS D 406 44.59 -8.85 5.85
CA LYS D 406 44.32 -9.60 7.08
C LYS D 406 42.93 -9.32 7.67
N ASN D 407 42.12 -8.55 6.95
CA ASN D 407 40.82 -8.13 7.47
C ASN D 407 39.87 -9.30 7.62
N VAL D 408 39.53 -9.63 8.86
CA VAL D 408 38.67 -10.78 9.15
C VAL D 408 37.30 -10.66 8.49
N ASP D 409 36.76 -9.45 8.47
CA ASP D 409 35.42 -9.22 7.93
C ASP D 409 35.35 -9.34 6.43
N PHE D 410 36.42 -8.95 5.73
CA PHE D 410 36.42 -9.04 4.28
C PHE D 410 36.40 -10.50 3.88
N HIS D 411 37.17 -11.31 4.60
CA HIS D 411 37.27 -12.72 4.30
C HIS D 411 35.97 -13.44 4.66
N MET D 412 35.35 -12.99 5.75
CA MET D 412 34.08 -13.54 6.17
C MET D 412 33.05 -13.33 5.06
N THR D 413 33.12 -12.18 4.39
CA THR D 413 32.13 -11.84 3.37
C THR D 413 32.42 -12.59 2.07
N LYS D 414 33.69 -12.78 1.76
CA LYS D 414 34.08 -13.57 0.59
C LYS D 414 33.57 -15.00 0.71
N ALA D 415 33.56 -15.51 1.94
CA ALA D 415 33.07 -16.87 2.19
C ALA D 415 31.57 -16.96 1.97
N ARG D 416 30.84 -15.95 2.42
CA ARG D 416 29.39 -15.97 2.29
C ARG D 416 28.99 -15.88 0.80
N ILE D 417 29.87 -15.31 0.00
CA ILE D 417 29.61 -15.20 -1.43
C ILE D 417 29.74 -16.57 -2.08
N PHE D 418 30.76 -17.32 -1.67
CA PHE D 418 30.91 -18.71 -2.11
C PHE D 418 29.71 -19.57 -1.74
N LYS D 419 29.21 -19.40 -0.52
CA LYS D 419 28.00 -20.09 -0.10
C LYS D 419 26.87 -19.85 -1.09
N HIS D 420 26.67 -18.58 -1.44
CA HIS D 420 25.59 -18.21 -2.33
C HIS D 420 25.80 -18.75 -3.74
N GLN D 421 27.05 -18.84 -4.16
CA GLN D 421 27.36 -19.43 -5.46
C GLN D 421 27.08 -20.94 -5.43
N GLY D 422 27.14 -21.54 -4.24
CA GLY D 422 26.83 -22.94 -4.08
C GLY D 422 28.03 -23.80 -3.69
N ASP D 423 29.21 -23.19 -3.74
CA ASP D 423 30.45 -23.86 -3.39
C ASP D 423 30.59 -23.91 -1.87
N LEU D 424 29.94 -24.88 -1.24
CA LEU D 424 29.93 -24.97 0.21
C LEU D 424 31.30 -25.30 0.77
N ALA D 425 32.07 -26.08 0.02
CA ALA D 425 33.42 -26.47 0.46
C ALA D 425 34.33 -25.26 0.57
N LYS D 426 34.34 -24.43 -0.46
CA LYS D 426 35.17 -23.23 -0.46
C LYS D 426 34.67 -22.26 0.61
N ALA D 427 33.36 -22.20 0.75
CA ALA D 427 32.73 -21.33 1.74
C ALA D 427 33.22 -21.70 3.14
N ALA D 428 33.25 -23.00 3.43
CA ALA D 428 33.65 -23.48 4.77
C ALA D 428 35.15 -23.33 4.95
N GLU D 429 35.89 -23.52 3.87
CA GLU D 429 37.34 -23.35 3.90
C GLU D 429 37.72 -21.90 4.20
N THR D 430 37.13 -20.97 3.46
CA THR D 430 37.39 -19.55 3.60
C THR D 430 36.97 -19.01 4.98
N MET D 431 35.79 -19.39 5.46
CA MET D 431 35.34 -18.92 6.76
C MET D 431 36.26 -19.40 7.87
N ASP D 432 36.74 -20.63 7.75
CA ASP D 432 37.69 -21.21 8.70
C ASP D 432 38.98 -20.39 8.72
N TYR D 433 39.40 -19.96 7.53
CA TYR D 433 40.57 -19.11 7.39
C TYR D 433 40.38 -17.79 8.13
N ALA D 434 39.26 -17.11 7.84
CA ALA D 434 38.87 -15.90 8.53
C ALA D 434 39.00 -16.03 10.04
N ARG D 435 38.53 -17.18 10.55
CA ARG D 435 38.59 -17.48 11.97
C ARG D 435 40.01 -17.53 12.50
N SER D 436 40.92 -18.10 11.70
CA SER D 436 42.32 -18.27 12.11
C SER D 436 43.01 -16.92 12.30
N LEU D 437 42.47 -15.89 11.63
CA LEU D 437 43.00 -14.54 11.75
C LEU D 437 42.63 -13.88 13.08
N ASP D 438 41.67 -14.45 13.79
CA ASP D 438 41.20 -13.86 15.04
C ASP D 438 40.75 -14.96 15.99
N PRO D 439 41.70 -15.79 16.46
CA PRO D 439 41.37 -17.01 17.19
C PRO D 439 40.79 -16.78 18.60
N LYS D 440 40.71 -15.54 19.05
CA LYS D 440 40.19 -15.25 20.37
C LYS D 440 38.75 -14.76 20.34
N ASP D 441 38.19 -14.66 19.15
CA ASP D 441 36.83 -14.14 19.01
C ASP D 441 35.84 -15.26 18.72
N ARG D 442 34.85 -15.41 19.58
CA ARG D 442 33.95 -16.54 19.45
C ARG D 442 33.00 -16.42 18.26
N TYR D 443 32.67 -15.19 17.86
CA TYR D 443 31.70 -15.03 16.78
C TYR D 443 32.22 -15.64 15.48
N ILE D 444 33.44 -15.29 15.08
CA ILE D 444 34.02 -15.85 13.87
C ILE D 444 34.23 -17.37 14.02
N ASN D 445 34.28 -17.86 15.25
CA ASN D 445 34.47 -19.28 15.49
C ASN D 445 33.15 -20.03 15.32
N SER D 446 32.06 -19.47 15.83
CA SER D 446 30.73 -20.04 15.61
C SER D 446 30.37 -20.10 14.12
N LYS D 447 30.63 -19.01 13.40
CA LYS D 447 30.34 -18.95 11.97
C LYS D 447 31.10 -20.03 11.20
N ALA D 448 32.37 -20.18 11.51
CA ALA D 448 33.20 -21.22 10.90
C ALA D 448 32.58 -22.58 11.15
N ALA D 449 32.21 -22.83 12.40
CA ALA D 449 31.63 -24.10 12.79
C ALA D 449 30.37 -24.38 11.98
N LYS D 450 29.49 -23.39 11.92
CA LYS D 450 28.23 -23.51 11.18
C LYS D 450 28.48 -23.79 9.71
N TYR D 451 29.47 -23.12 9.13
CA TYR D 451 29.76 -23.30 7.71
C TYR D 451 30.25 -24.74 7.47
N GLN D 452 30.94 -25.31 8.44
CA GLN D 452 31.40 -26.69 8.35
C GLN D 452 30.24 -27.69 8.49
N LEU D 453 29.25 -27.35 9.32
CA LEU D 453 28.02 -28.13 9.40
C LEU D 453 27.21 -28.07 8.11
N ARG D 454 27.21 -26.91 7.45
CA ARG D 454 26.50 -26.80 6.19
C ARG D 454 27.17 -27.67 5.14
N ASN D 455 28.46 -27.92 5.32
CA ASN D 455 29.18 -28.81 4.44
C ASN D 455 29.19 -30.25 4.98
N ASN D 456 28.28 -30.51 5.92
CA ASN D 456 28.13 -31.85 6.46
C ASN D 456 29.39 -32.39 7.14
N GLU D 457 30.23 -31.49 7.61
CA GLU D 457 31.44 -31.89 8.31
C GLU D 457 31.25 -31.76 9.83
N ASN D 458 30.30 -32.53 10.37
CA ASN D 458 29.96 -32.49 11.79
C ASN D 458 31.18 -32.60 12.70
N GLU D 459 31.96 -33.65 12.53
CA GLU D 459 33.07 -33.91 13.46
C GLU D 459 34.08 -32.76 13.41
N LYS D 460 34.35 -32.24 12.21
CA LYS D 460 35.22 -31.08 12.07
C LYS D 460 34.63 -29.87 12.79
N ALA D 461 33.33 -29.65 12.61
CA ALA D 461 32.65 -28.52 13.21
C ALA D 461 32.73 -28.55 14.73
N LEU D 462 32.49 -29.73 15.28
CA LEU D 462 32.52 -29.95 16.73
C LEU D 462 33.89 -29.65 17.32
N ALA D 463 34.95 -30.06 16.63
CA ALA D 463 36.31 -29.75 17.09
C ALA D 463 36.57 -28.25 17.09
N THR D 464 36.03 -27.56 16.08
CA THR D 464 36.14 -26.10 16.01
C THR D 464 35.45 -25.43 17.20
N MET D 465 34.19 -25.79 17.45
CA MET D 465 33.48 -25.34 18.65
C MET D 465 34.31 -25.64 19.88
N GLY D 466 35.00 -26.78 19.83
CA GLY D 466 35.86 -27.26 20.91
C GLY D 466 36.91 -26.28 21.38
N LEU D 467 37.27 -25.32 20.53
CA LEU D 467 38.23 -24.27 20.87
C LEU D 467 37.74 -23.30 21.94
N PHE D 468 36.43 -23.31 22.20
CA PHE D 468 35.82 -22.34 23.11
C PHE D 468 34.99 -22.99 24.22
N THR D 469 34.77 -24.29 24.14
CA THR D 469 34.08 -25.00 25.21
C THR D 469 35.05 -25.33 26.33
N ARG D 470 34.53 -25.62 27.51
CA ARG D 470 35.37 -25.96 28.65
C ARG D 470 36.18 -27.22 28.39
N ALA D 471 37.51 -27.08 28.51
CA ALA D 471 38.44 -28.13 28.13
C ALA D 471 38.20 -29.43 28.89
N GLU D 472 38.01 -29.33 30.20
CA GLU D 472 37.92 -30.52 31.04
C GLU D 472 36.47 -30.95 31.26
N THR D 473 35.59 -30.59 30.33
CA THR D 473 34.21 -31.06 30.40
C THR D 473 34.14 -32.53 30.01
N ALA D 474 33.60 -33.36 30.88
CA ALA D 474 33.38 -34.76 30.54
C ALA D 474 32.38 -34.86 29.38
N GLY D 475 32.69 -35.68 28.39
CA GLY D 475 31.79 -35.88 27.26
C GLY D 475 32.07 -34.91 26.13
N GLY D 476 33.17 -34.18 26.26
CA GLY D 476 33.64 -33.27 25.22
C GLY D 476 32.76 -32.07 25.00
N PRO D 477 33.04 -31.32 23.92
CA PRO D 477 32.30 -30.11 23.58
C PRO D 477 30.79 -30.33 23.45
N LEU D 478 30.37 -31.49 22.93
CA LEU D 478 28.94 -31.75 22.81
C LEU D 478 28.24 -31.67 24.16
N ALA D 479 28.88 -32.17 25.20
CA ALA D 479 28.31 -32.13 26.54
C ALA D 479 28.15 -30.69 27.04
N ASP D 480 29.21 -29.89 26.93
CA ASP D 480 29.18 -28.53 27.42
C ASP D 480 28.14 -27.69 26.66
N LEU D 481 28.17 -27.78 25.33
CA LEU D 481 27.17 -27.11 24.51
C LEU D 481 25.73 -27.53 24.89
N THR D 482 25.55 -28.80 25.21
CA THR D 482 24.24 -29.29 25.64
C THR D 482 23.87 -28.73 27.02
N ASP D 483 24.83 -28.78 27.92
CA ASP D 483 24.70 -28.16 29.22
C ASP D 483 24.35 -26.68 29.13
N MET D 484 24.98 -25.98 28.18
CA MET D 484 24.79 -24.54 28.06
C MET D 484 23.60 -24.21 27.12
N GLN D 485 22.82 -25.23 26.79
CA GLN D 485 21.55 -25.00 26.09
C GLN D 485 21.73 -24.30 24.74
N CYS D 486 22.79 -24.68 24.02
CA CYS D 486 23.08 -24.06 22.74
C CYS D 486 22.24 -24.65 21.60
N ILE D 487 21.05 -24.12 21.44
CA ILE D 487 20.06 -24.60 20.47
C ILE D 487 20.47 -24.41 19.00
N TRP D 488 21.24 -23.38 18.71
CA TRP D 488 21.63 -23.15 17.33
C TRP D 488 22.55 -24.28 16.87
N PHE D 489 23.49 -24.69 17.71
CA PHE D 489 24.39 -25.77 17.32
C PHE D 489 23.68 -27.12 17.30
N LEU D 490 22.82 -27.38 18.28
CA LEU D 490 22.14 -28.68 18.33
C LEU D 490 21.22 -28.87 17.12
N THR D 491 20.56 -27.79 16.73
CA THR D 491 19.64 -27.84 15.61
C THR D 491 20.39 -28.02 14.28
N GLU D 492 21.47 -27.28 14.07
CA GLU D 492 22.25 -27.42 12.83
C GLU D 492 22.93 -28.79 12.75
N ASP D 493 23.51 -29.22 13.87
CA ASP D 493 24.12 -30.54 13.99
C ASP D 493 23.12 -31.62 13.62
N GLY D 494 21.91 -31.53 14.14
CA GLY D 494 20.86 -32.49 13.81
C GLY D 494 20.53 -32.56 12.32
N GLU D 495 20.27 -31.40 11.72
CA GLU D 495 19.98 -31.31 10.30
C GLU D 495 21.12 -31.86 9.45
N ALA D 496 22.36 -31.56 9.83
CA ALA D 496 23.52 -32.05 9.09
C ALA D 496 23.64 -33.58 9.19
N TRP D 497 23.39 -34.13 10.38
CA TRP D 497 23.36 -35.58 10.54
C TRP D 497 22.25 -36.20 9.70
N GLN D 498 21.06 -35.58 9.75
CA GLN D 498 19.92 -36.07 8.98
C GLN D 498 20.28 -36.12 7.51
N ARG D 499 20.92 -35.06 7.05
CA ARG D 499 21.43 -34.97 5.69
C ARG D 499 22.30 -36.17 5.39
N ARG D 500 23.13 -36.55 6.36
CA ARG D 500 24.07 -37.64 6.17
C ARG D 500 23.39 -38.99 6.43
N GLY D 501 22.09 -38.96 6.72
CA GLY D 501 21.29 -40.16 6.86
C GLY D 501 21.36 -40.82 8.23
N ASN D 502 21.93 -40.13 9.20
CA ASN D 502 22.05 -40.70 10.54
C ASN D 502 20.81 -40.36 11.36
N THR D 503 19.79 -41.20 11.22
CA THR D 503 18.50 -40.96 11.86
C THR D 503 18.56 -40.94 13.39
N ALA D 504 19.45 -41.72 13.99
CA ALA D 504 19.59 -41.74 15.45
C ALA D 504 20.06 -40.39 16.00
N LEU D 505 21.16 -39.86 15.46
CA LEU D 505 21.73 -38.61 15.97
C LEU D 505 20.83 -37.40 15.71
N ALA D 506 20.25 -37.36 14.52
CA ALA D 506 19.32 -36.31 14.14
C ALA D 506 18.15 -36.23 15.13
N LEU D 507 17.53 -37.37 15.38
CA LEU D 507 16.47 -37.47 16.37
C LEU D 507 16.97 -37.09 17.76
N LYS D 508 18.16 -37.57 18.10
CA LYS D 508 18.74 -37.26 19.40
C LYS D 508 18.83 -35.74 19.65
N ARG D 509 19.40 -35.02 18.70
CA ARG D 509 19.56 -33.57 18.79
C ARG D 509 18.21 -32.86 18.87
N TYR D 510 17.27 -33.24 18.00
CA TYR D 510 15.95 -32.63 17.99
C TYR D 510 15.27 -32.85 19.34
N HIS D 511 15.38 -34.05 19.88
CA HIS D 511 14.85 -34.37 21.20
C HIS D 511 15.56 -33.57 22.30
N THR D 512 16.84 -33.34 22.11
CA THR D 512 17.59 -32.54 23.07
C THR D 512 17.05 -31.11 23.13
N VAL D 513 16.83 -30.48 21.97
CA VAL D 513 16.23 -29.15 21.92
C VAL D 513 14.85 -29.16 22.59
N PHE D 514 14.07 -30.19 22.34
CA PHE D 514 12.78 -30.37 22.99
C PHE D 514 12.93 -30.31 24.52
N SER D 515 13.87 -31.10 25.05
CA SER D 515 14.16 -31.13 26.49
C SER D 515 14.60 -29.78 27.08
N ILE D 516 15.34 -29.01 26.30
CA ILE D 516 15.78 -27.70 26.73
C ILE D 516 14.58 -26.79 26.96
N PHE D 517 13.55 -26.89 26.12
CA PHE D 517 12.35 -26.11 26.34
C PHE D 517 11.55 -26.63 27.55
N ASP D 518 11.56 -27.95 27.77
CA ASP D 518 10.99 -28.48 29.02
C ASP D 518 11.65 -27.80 30.22
N THR D 519 12.95 -27.61 30.13
CA THR D 519 13.75 -27.02 31.20
C THR D 519 13.37 -25.57 31.40
N TRP D 520 13.26 -24.82 30.30
CA TRP D 520 12.89 -23.43 30.38
C TRP D 520 11.50 -23.26 31.04
N GLN D 521 10.60 -24.21 30.81
CA GLN D 521 9.27 -24.13 31.40
C GLN D 521 9.33 -24.32 32.90
N GLU D 522 10.24 -25.20 33.32
CA GLU D 522 10.38 -25.50 34.74
C GLU D 522 11.26 -24.48 35.48
N ASP D 523 12.03 -23.70 34.73
CA ASP D 523 12.97 -22.73 35.32
C ASP D 523 12.23 -21.67 36.14
N GLN D 524 10.96 -21.41 35.81
CA GLN D 524 10.17 -20.41 36.53
C GLN D 524 9.69 -20.89 37.91
N PHE D 525 9.93 -22.17 38.23
CA PHE D 525 9.34 -22.80 39.41
C PHE D 525 9.77 -22.15 40.73
N ASP D 526 11.04 -21.84 40.87
CA ASP D 526 11.51 -21.17 42.09
C ASP D 526 11.14 -19.69 42.19
N PHE D 527 10.77 -19.08 41.07
CA PHE D 527 10.51 -17.64 41.06
C PHE D 527 9.10 -17.29 41.53
N HIS D 528 8.23 -18.29 41.56
CA HIS D 528 6.91 -18.09 42.13
C HIS D 528 7.00 -17.59 43.58
N SER D 529 8.01 -18.04 44.30
CA SER D 529 8.23 -17.58 45.69
C SER D 529 9.26 -16.46 45.78
N PHE D 530 10.26 -16.55 44.91
CA PHE D 530 11.41 -15.69 45.01
C PHE D 530 11.08 -14.26 44.61
N SER D 531 10.25 -14.11 43.58
CA SER D 531 9.80 -12.79 43.14
C SER D 531 9.09 -12.03 44.26
N LEU D 532 8.31 -12.73 45.08
CA LEU D 532 7.65 -12.10 46.22
C LEU D 532 8.67 -11.51 47.20
N ARG D 533 9.79 -12.19 47.39
CA ARG D 533 10.79 -11.71 48.31
C ARG D 533 11.54 -10.52 47.71
N LYS D 534 11.75 -10.51 46.40
CA LYS D 534 12.38 -9.37 45.74
C LYS D 534 11.43 -8.18 45.61
N GLY D 535 10.15 -8.46 45.40
CA GLY D 535 9.15 -7.41 45.26
C GLY D 535 8.92 -6.85 43.86
N GLN D 536 9.70 -7.29 42.88
CA GLN D 536 9.58 -6.79 41.50
C GLN D 536 8.45 -7.49 40.73
N ILE D 537 7.22 -7.08 41.00
CA ILE D 537 6.05 -7.83 40.57
C ILE D 537 5.78 -7.76 39.08
N ARG D 538 5.76 -6.56 38.53
CA ARG D 538 5.63 -6.42 37.08
C ARG D 538 6.58 -7.32 36.27
N ALA D 539 7.84 -7.45 36.69
CA ALA D 539 8.75 -8.35 36.00
C ALA D 539 8.29 -9.81 36.07
N TYR D 540 7.76 -10.20 37.21
CA TYR D 540 7.32 -11.58 37.40
C TYR D 540 6.14 -11.87 36.47
N VAL D 541 5.13 -10.99 36.49
CA VAL D 541 3.99 -11.10 35.61
C VAL D 541 4.44 -11.15 34.15
N ASP D 542 5.47 -10.38 33.83
CA ASP D 542 6.02 -10.43 32.49
C ASP D 542 6.53 -11.83 32.20
N MET D 543 7.23 -12.44 33.17
CA MET D 543 7.75 -13.76 32.89
C MET D 543 6.66 -14.84 32.71
N VAL D 544 5.61 -14.84 33.54
CA VAL D 544 4.61 -15.89 33.40
C VAL D 544 3.86 -15.72 32.09
N ARG D 545 3.70 -14.48 31.66
CA ARG D 545 3.01 -14.22 30.39
C ARG D 545 3.82 -14.71 29.22
N TRP D 546 5.15 -14.59 29.30
CA TRP D 546 6.02 -15.14 28.27
C TRP D 546 6.06 -16.69 28.30
N GLU D 547 6.18 -17.27 29.50
CA GLU D 547 6.16 -18.72 29.63
C GLU D 547 4.88 -19.29 29.07
N ASP D 548 3.77 -18.60 29.31
CA ASP D 548 2.46 -18.99 28.76
C ASP D 548 2.44 -19.25 27.27
N ARG D 549 3.36 -18.64 26.53
CA ARG D 549 3.43 -18.86 25.09
C ARG D 549 4.88 -19.24 24.71
N LEU D 550 5.55 -19.92 25.62
CA LEU D 550 6.98 -20.20 25.49
C LEU D 550 7.41 -20.85 24.18
N ARG D 551 6.71 -21.90 23.78
CA ARG D 551 7.16 -22.71 22.66
C ARG D 551 6.67 -22.20 21.31
N GLU D 552 6.27 -20.93 21.27
CA GLU D 552 5.93 -20.27 20.02
C GLU D 552 7.20 -19.74 19.40
N HIS D 553 8.25 -19.68 20.22
CA HIS D 553 9.54 -19.18 19.79
C HIS D 553 10.09 -20.04 18.65
N PRO D 554 10.63 -19.41 17.61
CA PRO D 554 11.18 -20.15 16.47
C PRO D 554 12.30 -21.15 16.84
N PHE D 555 12.99 -20.91 17.96
CA PHE D 555 13.99 -21.85 18.46
C PHE D 555 13.37 -23.21 18.75
N TYR D 556 12.09 -23.22 19.09
CA TYR D 556 11.37 -24.48 19.24
C TYR D 556 10.84 -24.96 17.91
N PHE D 557 10.25 -24.05 17.16
CA PHE D 557 9.54 -24.43 15.94
C PHE D 557 10.45 -25.18 14.97
N ARG D 558 11.65 -24.66 14.74
CA ARG D 558 12.54 -25.27 13.76
C ARG D 558 12.92 -26.74 14.04
N ALA D 559 13.49 -27.02 15.21
CA ALA D 559 13.86 -28.39 15.56
C ALA D 559 12.64 -29.31 15.67
N ALA D 560 11.51 -28.76 16.13
CA ALA D 560 10.30 -29.58 16.27
C ALA D 560 9.71 -29.94 14.93
N LEU D 561 9.82 -29.03 13.96
CA LEU D 561 9.32 -29.30 12.62
C LEU D 561 10.23 -30.30 11.90
N ASP D 562 11.53 -30.23 12.18
CA ASP D 562 12.47 -31.22 11.67
C ASP D 562 12.09 -32.61 12.21
N ALA D 563 11.87 -32.67 13.51
CA ALA D 563 11.52 -33.92 14.17
C ALA D 563 10.30 -34.55 13.54
N VAL D 564 9.26 -33.75 13.29
CA VAL D 564 8.02 -34.28 12.74
C VAL D 564 8.21 -34.78 11.30
N ASN D 565 8.93 -34.03 10.48
CA ASN D 565 9.19 -34.45 9.10
C ASN D 565 10.03 -35.72 9.02
N LEU D 566 10.99 -35.84 9.92
CA LEU D 566 11.84 -37.03 9.98
C LEU D 566 11.01 -38.27 10.33
N TYR D 567 10.04 -38.10 11.24
CA TYR D 567 9.20 -39.20 11.66
C TYR D 567 8.24 -39.63 10.55
N LEU D 568 7.75 -38.66 9.78
CA LEU D 568 6.90 -38.97 8.64
C LEU D 568 7.64 -39.80 7.61
N SER D 569 8.91 -39.49 7.38
CA SER D 569 9.72 -40.27 6.43
C SER D 569 9.91 -41.67 6.98
N MET D 570 10.16 -41.76 8.28
CA MET D 570 10.32 -43.05 8.94
C MET D 570 9.08 -43.94 8.79
N TYR D 571 7.89 -43.34 8.92
CA TYR D 571 6.64 -44.09 8.79
C TYR D 571 6.41 -44.50 7.36
N ASP D 572 6.86 -43.67 6.42
CA ASP D 572 6.62 -43.94 5.01
C ASP D 572 7.60 -44.96 4.43
N LYS D 573 8.72 -45.16 5.09
CA LYS D 573 9.79 -46.02 4.58
C LYS D 573 9.39 -47.51 4.49
N PRO D 574 9.04 -48.11 5.64
CA PRO D 574 8.66 -49.53 5.68
C PRO D 574 7.14 -49.75 5.56
N LYS D 639 24.72 -42.25 32.51
CA LYS D 639 23.37 -42.61 32.95
C LYS D 639 22.34 -42.55 31.82
N ASP D 640 22.70 -41.89 30.73
CA ASP D 640 21.78 -41.78 29.59
C ASP D 640 21.46 -43.15 29.06
N ASP D 641 20.17 -43.48 29.02
CA ASP D 641 19.76 -44.77 28.51
C ASP D 641 20.04 -44.93 27.00
N ASP D 642 19.88 -43.84 26.24
CA ASP D 642 20.03 -43.89 24.78
C ASP D 642 20.84 -42.71 24.25
N PRO D 643 22.16 -42.76 24.43
CA PRO D 643 23.04 -41.60 24.21
C PRO D 643 23.19 -41.19 22.74
N ASN D 644 23.20 -42.16 21.83
CA ASN D 644 23.33 -41.85 20.41
C ASN D 644 22.00 -41.94 19.69
N GLY D 645 20.93 -42.04 20.45
CA GLY D 645 19.59 -42.03 19.90
C GLY D 645 19.20 -43.25 19.08
N GLU D 646 19.97 -44.34 19.19
CA GLU D 646 19.69 -45.55 18.42
C GLU D 646 18.30 -46.12 18.72
N LYS D 647 17.86 -45.99 19.97
CA LYS D 647 16.52 -46.42 20.35
C LYS D 647 15.45 -45.50 19.78
N LEU D 648 15.76 -44.21 19.64
CA LEU D 648 14.83 -43.28 19.04
C LEU D 648 14.55 -43.68 17.59
N ALA D 649 15.60 -44.12 16.91
CA ALA D 649 15.52 -44.48 15.50
C ALA D 649 14.80 -45.81 15.28
N ALA D 650 14.81 -46.67 16.30
CA ALA D 650 14.26 -48.03 16.18
C ALA D 650 12.79 -48.10 16.59
N THR D 651 12.13 -46.95 16.63
CA THR D 651 10.77 -46.87 17.13
C THR D 651 9.80 -47.64 16.24
N LYS D 652 8.80 -48.26 16.84
CA LYS D 652 7.74 -48.97 16.10
C LYS D 652 6.48 -48.11 15.98
N ASP D 653 6.59 -46.85 16.37
CA ASP D 653 5.47 -45.91 16.28
C ASP D 653 5.98 -44.48 16.08
N PRO D 654 6.34 -44.14 14.84
CA PRO D 654 6.96 -42.85 14.59
C PRO D 654 5.94 -41.70 14.65
N LEU D 655 4.77 -41.91 14.06
CA LEU D 655 3.71 -40.91 14.13
C LEU D 655 3.25 -40.71 15.57
N GLY D 656 3.33 -41.78 16.37
CA GLY D 656 3.08 -41.65 17.80
C GLY D 656 4.10 -40.75 18.48
N ASP D 657 5.37 -40.97 18.18
CA ASP D 657 6.46 -40.24 18.84
C ASP D 657 6.51 -38.79 18.39
N ALA D 658 6.00 -38.51 17.20
CA ALA D 658 6.06 -37.15 16.67
C ALA D 658 5.02 -36.24 17.33
N MET D 659 3.95 -36.85 17.82
CA MET D 659 2.84 -36.13 18.46
C MET D 659 3.29 -35.06 19.48
N LYS D 660 4.21 -35.46 20.35
CA LYS D 660 4.87 -34.60 21.32
C LYS D 660 5.27 -33.24 20.73
N PHE D 661 5.90 -33.32 19.56
CA PHE D 661 6.40 -32.16 18.87
C PHE D 661 5.26 -31.44 18.20
N LEU D 662 4.40 -32.22 17.55
CA LEU D 662 3.36 -31.65 16.70
C LEU D 662 2.37 -30.85 17.53
N ASN D 663 2.04 -31.36 18.71
CA ASN D 663 1.10 -30.68 19.60
C ASN D 663 1.50 -29.23 19.81
N TYR D 664 2.75 -29.03 20.21
CA TYR D 664 3.24 -27.69 20.52
C TYR D 664 3.27 -26.80 19.28
N ILE D 665 3.63 -27.39 18.15
CA ILE D 665 3.66 -26.65 16.91
C ILE D 665 2.27 -26.09 16.58
N LEU D 666 1.28 -26.98 16.52
CA LEU D 666 -0.09 -26.58 16.21
C LEU D 666 -0.68 -25.67 17.30
N GLN D 667 -0.30 -25.89 18.55
CA GLN D 667 -0.86 -25.09 19.62
C GLN D 667 -0.27 -23.67 19.75
N PHE D 668 1.02 -23.50 19.45
CA PHE D 668 1.66 -22.20 19.68
C PHE D 668 2.13 -21.51 18.40
N SER D 669 2.09 -22.22 17.28
CA SER D 669 2.46 -21.62 16.03
C SER D 669 1.41 -21.91 14.98
N PRO D 670 0.13 -21.78 15.34
CA PRO D 670 -0.90 -22.13 14.35
C PRO D 670 -0.83 -21.27 13.09
N LYS D 671 -0.44 -20.01 13.21
CA LYS D 671 -0.39 -19.11 12.05
C LYS D 671 0.73 -19.50 11.07
N ASN D 672 1.41 -20.59 11.37
CA ASN D 672 2.61 -20.96 10.65
C ASN D 672 2.34 -22.13 9.74
N ILE D 673 2.16 -21.85 8.45
CA ILE D 673 1.58 -22.80 7.50
C ILE D 673 2.37 -24.11 7.29
N ASP D 674 3.68 -24.07 7.52
CA ASP D 674 4.47 -25.29 7.36
C ASP D 674 4.09 -26.34 8.42
N GLY D 675 3.63 -25.87 9.58
CA GLY D 675 3.19 -26.75 10.64
C GLY D 675 1.86 -27.43 10.36
N GLN D 676 0.91 -26.66 9.86
CA GLN D 676 -0.43 -27.17 9.52
C GLN D 676 -0.33 -28.20 8.41
N ILE D 677 0.58 -27.97 7.48
CA ILE D 677 0.87 -28.91 6.42
C ILE D 677 1.36 -30.25 6.98
N ALA D 678 2.38 -30.18 7.83
CA ALA D 678 2.87 -31.38 8.50
C ALA D 678 1.78 -32.03 9.35
N GLY D 679 1.03 -31.20 10.08
CA GLY D 679 -0.10 -31.66 10.86
C GLY D 679 -1.06 -32.53 10.06
N PHE D 680 -1.39 -32.09 8.86
CA PHE D 680 -2.28 -32.85 7.99
C PHE D 680 -1.68 -34.23 7.69
N GLU D 681 -0.40 -34.24 7.33
CA GLU D 681 0.25 -35.47 6.91
C GLU D 681 0.29 -36.51 8.04
N VAL D 682 0.51 -36.05 9.26
CA VAL D 682 0.51 -36.95 10.42
C VAL D 682 -0.89 -37.50 10.74
N TYR D 683 -1.89 -36.64 10.63
CA TYR D 683 -3.25 -36.99 11.01
C TYR D 683 -3.93 -37.84 9.96
N ILE D 684 -3.49 -37.68 8.71
CA ILE D 684 -4.11 -38.42 7.63
C ILE D 684 -3.77 -39.91 7.77
N ARG D 685 -2.52 -40.19 8.13
CA ARG D 685 -2.04 -41.55 8.35
C ARG D 685 -2.55 -42.12 9.67
N LYS D 686 -2.78 -41.23 10.62
CA LYS D 686 -3.21 -41.59 11.95
C LYS D 686 -4.70 -41.93 11.95
N LYS D 687 -5.32 -41.83 10.78
CA LYS D 687 -6.74 -42.14 10.59
C LYS D 687 -7.68 -41.15 11.29
N LYS D 688 -7.18 -39.96 11.62
CA LYS D 688 -7.96 -38.97 12.34
C LYS D 688 -8.33 -37.80 11.42
N TYR D 689 -9.28 -38.05 10.53
CA TYR D 689 -9.56 -37.16 9.40
C TYR D 689 -10.22 -35.84 9.78
N LEU D 690 -10.75 -35.78 10.99
CA LEU D 690 -11.35 -34.55 11.48
C LEU D 690 -10.25 -33.59 11.88
N LEU D 691 -9.28 -34.11 12.64
CA LEU D 691 -8.09 -33.35 13.03
C LEU D 691 -7.22 -33.06 11.81
N ALA D 692 -7.25 -33.97 10.84
CA ALA D 692 -6.57 -33.75 9.57
C ALA D 692 -7.20 -32.54 8.88
N LEU D 693 -8.54 -32.54 8.81
CA LEU D 693 -9.30 -31.45 8.18
C LEU D 693 -9.03 -30.10 8.83
N ARG D 694 -8.93 -30.09 10.15
CA ARG D 694 -8.64 -28.87 10.89
C ARG D 694 -7.33 -28.24 10.44
N CYS D 695 -6.31 -29.08 10.26
CA CYS D 695 -5.02 -28.62 9.74
C CYS D 695 -5.16 -28.10 8.32
N LEU D 696 -6.11 -28.65 7.58
CA LEU D 696 -6.24 -28.25 6.19
C LEU D 696 -6.95 -26.90 6.10
N LYS D 697 -7.90 -26.69 7.00
CA LYS D 697 -8.65 -25.43 7.05
C LYS D 697 -7.76 -24.30 7.51
N ALA D 698 -7.00 -24.55 8.57
CA ALA D 698 -6.07 -23.56 9.10
C ALA D 698 -5.06 -23.15 8.04
N ALA D 699 -4.44 -24.12 7.38
CA ALA D 699 -3.44 -23.84 6.35
C ALA D 699 -4.05 -23.04 5.20
N SER D 700 -5.25 -23.44 4.79
CA SER D 700 -5.91 -22.77 3.68
C SER D 700 -6.21 -21.32 4.01
N ALA D 701 -6.63 -21.07 5.24
CA ALA D 701 -6.87 -19.70 5.68
C ALA D 701 -5.60 -18.87 5.62
N ILE D 702 -4.45 -19.54 5.68
CA ILE D 702 -3.16 -18.85 5.64
C ILE D 702 -2.75 -18.52 4.20
N ASP D 703 -2.82 -19.52 3.33
CA ASP D 703 -2.51 -19.32 1.91
C ASP D 703 -3.39 -20.26 1.11
N LYS D 704 -4.46 -19.70 0.55
CA LYS D 704 -5.46 -20.51 -0.13
C LYS D 704 -4.88 -21.18 -1.36
N ASN D 705 -3.82 -20.59 -1.92
CA ASN D 705 -3.32 -21.03 -3.21
C ASN D 705 -2.02 -21.82 -3.13
N HIS D 706 -1.59 -22.11 -1.91
CA HIS D 706 -0.39 -22.91 -1.66
C HIS D 706 -0.50 -24.27 -2.32
N PRO D 707 0.48 -24.62 -3.16
CA PRO D 707 0.49 -25.86 -3.95
C PRO D 707 0.20 -27.11 -3.11
N LYS D 708 0.83 -27.21 -1.95
CA LYS D 708 0.69 -28.39 -1.10
C LYS D 708 -0.71 -28.50 -0.50
N VAL D 709 -1.24 -27.37 -0.02
CA VAL D 709 -2.61 -27.30 0.52
C VAL D 709 -3.62 -27.90 -0.45
N LEU D 710 -3.59 -27.42 -1.68
CA LEU D 710 -4.45 -27.93 -2.75
C LEU D 710 -4.26 -29.43 -2.92
N GLU D 711 -3.01 -29.87 -2.91
CA GLU D 711 -2.72 -31.29 -3.04
C GLU D 711 -3.30 -32.08 -1.87
N GLN D 712 -3.13 -31.57 -0.65
CA GLN D 712 -3.69 -32.23 0.53
C GLN D 712 -5.21 -32.28 0.43
N ALA D 713 -5.81 -31.18 -0.04
CA ALA D 713 -7.25 -31.14 -0.30
C ALA D 713 -7.67 -32.31 -1.21
N ALA D 714 -6.95 -32.49 -2.31
CA ALA D 714 -7.31 -33.52 -3.27
C ALA D 714 -7.26 -34.89 -2.61
N LYS D 715 -6.29 -35.08 -1.74
CA LYS D 715 -6.12 -36.37 -1.09
C LYS D 715 -7.27 -36.63 -0.09
N LEU D 716 -7.55 -35.63 0.75
CA LEU D 716 -8.61 -35.73 1.74
C LEU D 716 -9.98 -36.05 1.14
N ARG D 717 -10.38 -35.30 0.12
CA ARG D 717 -11.65 -35.54 -0.55
C ARG D 717 -11.72 -36.98 -1.04
N LYS D 718 -10.60 -37.46 -1.57
CA LYS D 718 -10.54 -38.78 -2.16
C LYS D 718 -10.53 -39.89 -1.12
N ILE D 719 -9.89 -39.64 0.02
CA ILE D 719 -9.78 -40.66 1.04
C ILE D 719 -11.12 -40.87 1.73
N VAL D 720 -11.77 -39.76 2.06
CA VAL D 720 -13.04 -39.74 2.79
C VAL D 720 -14.16 -40.50 2.10
N SER D 721 -14.27 -40.35 0.79
CA SER D 721 -15.33 -41.02 0.03
C SER D 721 -15.26 -42.53 0.22
N SER D 722 -14.04 -43.02 0.43
CA SER D 722 -13.79 -44.44 0.59
C SER D 722 -14.31 -44.96 1.93
N ALA D 723 -13.95 -44.26 3.00
CA ALA D 723 -14.26 -44.71 4.35
C ALA D 723 -15.47 -43.99 4.95
N LEU D 724 -16.39 -43.55 4.10
CA LEU D 724 -17.57 -42.84 4.55
C LEU D 724 -18.51 -43.76 5.34
N ASP D 725 -18.74 -44.96 4.81
CA ASP D 725 -19.55 -45.98 5.48
C ASP D 725 -19.00 -46.38 6.84
N SER D 726 -17.68 -46.31 6.98
CA SER D 726 -17.04 -46.65 8.24
C SER D 726 -17.21 -45.58 9.32
N MET D 727 -17.68 -44.40 8.92
CA MET D 727 -17.78 -43.28 9.86
C MET D 727 -19.03 -43.34 10.72
N ALA D 728 -18.94 -42.75 11.91
CA ALA D 728 -20.13 -42.53 12.73
C ALA D 728 -21.01 -41.53 12.02
N PRO D 729 -22.34 -41.63 12.21
CA PRO D 729 -23.25 -40.71 11.51
C PRO D 729 -22.84 -39.23 11.65
N LYS D 730 -22.47 -38.82 12.85
CA LYS D 730 -22.17 -37.42 13.10
C LYS D 730 -20.83 -36.98 12.52
N LEU D 731 -19.89 -37.91 12.43
CA LEU D 731 -18.62 -37.66 11.75
C LEU D 731 -18.85 -37.40 10.27
N ARG D 732 -19.64 -38.28 9.67
CA ARG D 732 -20.08 -38.13 8.29
C ARG D 732 -20.53 -36.69 8.06
N GLU D 733 -21.52 -36.27 8.84
CA GLU D 733 -22.12 -34.95 8.69
C GLU D 733 -21.13 -33.77 8.82
N VAL D 734 -20.39 -33.72 9.92
CA VAL D 734 -19.48 -32.60 10.14
C VAL D 734 -18.41 -32.52 9.06
N ILE D 735 -17.87 -33.67 8.66
CA ILE D 735 -16.78 -33.68 7.68
C ILE D 735 -17.25 -33.31 6.28
N GLN D 736 -18.38 -33.84 5.85
CA GLN D 736 -18.84 -33.50 4.50
C GLN D 736 -19.21 -32.03 4.42
N ALA D 737 -19.82 -31.51 5.48
CA ALA D 737 -20.19 -30.10 5.56
C ALA D 737 -18.96 -29.19 5.43
N GLU D 738 -18.06 -29.30 6.39
CA GLU D 738 -16.91 -28.42 6.49
C GLU D 738 -15.85 -28.64 5.41
N LEU D 739 -15.97 -29.74 4.67
CA LEU D 739 -14.92 -30.15 3.74
C LEU D 739 -14.95 -29.34 2.45
N VAL D 740 -16.17 -29.00 2.03
CA VAL D 740 -16.39 -28.34 0.75
C VAL D 740 -15.51 -27.10 0.51
N GLY D 741 -15.08 -26.43 1.58
CA GLY D 741 -14.19 -25.29 1.45
C GLY D 741 -12.78 -25.67 1.02
N FME E 1 19.97 0.66 14.81
CN FME E 1 19.16 0.72 13.70
O1 FME E 1 18.16 -0.01 13.57
CA FME E 1 19.71 -0.26 15.88
CB FME E 1 20.92 -1.07 16.39
CG FME E 1 21.66 -1.75 15.28
SD FME E 1 20.60 -2.92 14.46
CE FME E 1 20.85 -2.59 12.75
C FME E 1 19.06 0.41 17.09
O FME E 1 19.40 1.48 17.56
N ASP E 2 18.06 -0.30 17.62
CA ASP E 2 17.23 0.22 18.70
C ASP E 2 17.72 -0.22 20.08
N ILE E 3 17.74 0.72 21.02
CA ILE E 3 18.16 0.38 22.37
C ILE E 3 16.99 0.50 23.36
N ARG E 4 16.75 -0.57 24.10
CA ARG E 4 15.61 -0.63 25.01
C ARG E 4 15.84 -1.60 26.15
N LEU E 5 15.04 -1.45 27.19
CA LEU E 5 15.07 -2.32 28.36
C LEU E 5 14.86 -3.80 27.98
N LEU E 6 15.54 -4.69 28.70
CA LEU E 6 15.38 -6.14 28.55
C LEU E 6 13.97 -6.55 28.89
N ARG E 7 13.43 -7.49 28.13
CA ARG E 7 12.18 -8.17 28.47
C ARG E 7 12.51 -9.64 28.68
N PRO E 8 11.85 -10.27 29.65
CA PRO E 8 12.02 -11.71 29.86
C PRO E 8 11.87 -12.51 28.57
N SER E 9 10.93 -12.13 27.72
CA SER E 9 10.75 -12.87 26.47
C SER E 9 11.95 -12.69 25.50
N ASP E 10 12.81 -11.71 25.76
CA ASP E 10 14.06 -11.57 25.02
C ASP E 10 15.13 -12.61 25.40
N ILE E 11 14.96 -13.25 26.56
CA ILE E 11 16.08 -14.00 27.15
C ILE E 11 16.67 -15.10 26.26
N PRO E 12 15.83 -15.89 25.58
CA PRO E 12 16.42 -16.93 24.72
C PRO E 12 17.38 -16.37 23.67
N LEU E 13 17.05 -15.22 23.09
CA LEU E 13 17.90 -14.60 22.07
C LEU E 13 19.06 -13.79 22.65
N ILE E 14 18.93 -13.35 23.91
CA ILE E 14 20.07 -12.77 24.62
C ILE E 14 21.09 -13.87 24.92
N GLN E 15 20.59 -14.99 25.43
CA GLN E 15 21.42 -16.16 25.69
C GLN E 15 22.14 -16.63 24.43
N HIS E 16 21.39 -16.70 23.34
CA HIS E 16 21.98 -17.04 22.05
C HIS E 16 23.11 -16.06 21.72
N ALA E 17 22.89 -14.78 21.98
CA ALA E 17 23.89 -13.75 21.64
C ALA E 17 25.14 -13.93 22.49
N ASN E 18 24.96 -14.19 23.78
CA ASN E 18 26.06 -14.59 24.64
C ASN E 18 26.83 -15.81 24.10
N LEU E 19 26.12 -16.88 23.75
CA LEU E 19 26.74 -18.10 23.23
C LEU E 19 27.58 -17.87 21.97
N GLU E 20 27.20 -16.90 21.16
CA GLU E 20 27.96 -16.61 19.94
C GLU E 20 29.21 -15.76 20.20
N ASN E 21 29.12 -14.82 21.12
CA ASN E 21 30.12 -13.76 21.25
C ASN E 21 31.11 -13.89 22.42
N LEU E 22 30.74 -14.65 23.43
CA LEU E 22 31.51 -14.75 24.66
C LEU E 22 31.79 -16.20 25.04
N PRO E 23 32.99 -16.47 25.59
CA PRO E 23 33.29 -17.83 26.05
C PRO E 23 32.65 -18.14 27.41
N GLU E 24 32.25 -17.12 28.15
CA GLU E 24 31.55 -17.31 29.41
C GLU E 24 30.02 -17.39 29.19
N ASN E 25 29.43 -18.56 29.47
CA ASN E 25 28.01 -18.80 29.22
C ASN E 25 27.28 -19.23 30.49
N TYR E 26 25.95 -19.19 30.46
CA TYR E 26 25.13 -19.40 31.66
C TYR E 26 23.82 -20.11 31.33
N PHE E 27 23.20 -20.73 32.33
CA PHE E 27 21.87 -21.33 32.17
C PHE E 27 20.85 -20.24 31.98
N LEU E 28 19.76 -20.55 31.28
CA LEU E 28 18.67 -19.60 31.08
C LEU E 28 18.24 -19.07 32.44
N LYS E 29 18.04 -19.98 33.37
CA LYS E 29 17.67 -19.63 34.74
C LYS E 29 18.47 -18.43 35.31
N TYR E 30 19.76 -18.31 35.00
CA TYR E 30 20.58 -17.22 35.53
C TYR E 30 20.15 -15.87 34.95
N TYR E 31 19.77 -15.88 33.66
CA TYR E 31 19.18 -14.72 33.02
C TYR E 31 17.87 -14.31 33.70
N LEU E 32 17.07 -15.31 34.06
CA LEU E 32 15.78 -15.06 34.70
C LEU E 32 16.00 -14.37 36.02
N TYR E 33 17.04 -14.82 36.71
CA TYR E 33 17.34 -14.35 38.03
C TYR E 33 17.72 -12.86 38.01
N HIS E 34 18.37 -12.42 36.93
CA HIS E 34 18.65 -10.99 36.75
C HIS E 34 17.37 -10.24 36.45
N ALA E 35 16.66 -10.74 35.43
CA ALA E 35 15.44 -10.12 34.92
C ALA E 35 14.41 -9.92 36.01
N LEU E 36 14.39 -10.84 36.99
CA LEU E 36 13.42 -10.75 38.07
C LEU E 36 13.97 -10.12 39.33
N SER E 37 15.28 -9.94 39.42
CA SER E 37 15.87 -9.29 40.60
C SER E 37 16.13 -7.80 40.36
N TRP E 38 16.61 -7.47 39.17
CA TRP E 38 16.91 -6.08 38.82
C TRP E 38 16.40 -5.76 37.40
N PRO E 39 15.06 -5.70 37.23
CA PRO E 39 14.56 -5.52 35.87
C PRO E 39 14.89 -4.13 35.29
N GLN E 40 15.21 -3.14 36.12
CA GLN E 40 15.59 -1.81 35.60
C GLN E 40 17.01 -1.75 35.03
N LEU E 41 17.83 -2.79 35.19
CA LEU E 41 19.27 -2.63 34.97
C LEU E 41 19.84 -3.22 33.70
N SER E 42 19.06 -4.07 33.03
CA SER E 42 19.57 -4.74 31.84
C SER E 42 18.91 -4.23 30.54
N PHE E 43 19.73 -4.08 29.50
CA PHE E 43 19.29 -3.47 28.27
C PHE E 43 19.72 -4.31 27.08
N VAL E 44 18.95 -4.21 26.01
CA VAL E 44 19.22 -4.90 24.76
C VAL E 44 19.33 -3.91 23.61
N ALA E 45 20.13 -4.25 22.62
CA ALA E 45 20.11 -3.56 21.34
C ALA E 45 19.33 -4.42 20.37
N VAL E 46 18.36 -3.84 19.66
CA VAL E 46 17.51 -4.63 18.76
C VAL E 46 17.57 -4.17 17.31
N ASP E 47 17.58 -5.13 16.39
CA ASP E 47 17.52 -4.86 14.97
C ASP E 47 16.05 -4.77 14.55
N VAL E 48 15.39 -3.69 14.97
CA VAL E 48 13.93 -3.58 14.91
C VAL E 48 13.38 -3.63 13.50
N SER E 49 14.10 -3.07 12.54
CA SER E 49 13.61 -3.03 11.16
C SER E 49 13.90 -4.31 10.36
N ARG E 50 14.36 -5.36 11.02
CA ARG E 50 14.52 -6.65 10.35
C ARG E 50 13.15 -7.21 9.92
N PRO E 51 13.01 -7.52 8.63
CA PRO E 51 11.76 -8.10 8.13
C PRO E 51 11.51 -9.51 8.69
N ALA E 52 10.32 -9.74 9.22
CA ALA E 52 10.05 -10.99 9.94
C ALA E 52 9.83 -12.16 8.98
N LYS E 53 10.50 -13.28 9.28
CA LYS E 53 10.43 -14.47 8.43
C LYS E 53 9.24 -15.36 8.82
N SER E 54 8.64 -15.11 9.97
CA SER E 54 7.41 -15.80 10.38
C SER E 54 6.54 -14.92 11.26
N PRO E 55 5.28 -15.31 11.44
CA PRO E 55 4.37 -14.59 12.32
C PRO E 55 4.83 -14.59 13.76
N TYR E 56 5.83 -15.42 14.08
CA TYR E 56 6.26 -15.59 15.46
C TYR E 56 7.71 -15.16 15.71
N ASP E 57 8.31 -14.47 14.74
CA ASP E 57 9.67 -13.99 14.93
C ASP E 57 9.80 -13.15 16.21
N TYR E 58 10.87 -13.35 16.94
CA TYR E 58 11.10 -12.56 18.15
C TYR E 58 12.04 -11.41 17.79
N PRO E 59 12.14 -10.40 18.64
CA PRO E 59 13.07 -9.29 18.36
C PRO E 59 14.51 -9.78 18.26
N LYS E 60 15.17 -9.35 17.20
CA LYS E 60 16.52 -9.78 16.90
C LYS E 60 17.53 -9.01 17.77
N ILE E 61 18.03 -9.67 18.83
CA ILE E 61 18.99 -9.07 19.75
C ILE E 61 20.40 -9.09 19.19
N VAL E 62 20.98 -7.91 18.92
CA VAL E 62 22.33 -7.83 18.38
C VAL E 62 23.31 -7.29 19.42
N GLY E 63 22.83 -7.08 20.65
CA GLY E 63 23.68 -6.62 21.73
C GLY E 63 22.90 -6.59 23.03
N TYR E 64 23.61 -6.64 24.16
CA TYR E 64 22.93 -6.66 25.46
C TYR E 64 23.90 -6.27 26.57
N VAL E 65 23.37 -5.75 27.67
CA VAL E 65 24.14 -5.64 28.89
C VAL E 65 23.31 -6.24 30.00
N LEU E 66 23.91 -7.21 30.66
CA LEU E 66 23.27 -7.97 31.72
C LEU E 66 23.92 -7.55 33.04
N ALA E 67 23.18 -6.79 33.84
CA ALA E 67 23.76 -6.11 34.99
C ALA E 67 23.06 -6.51 36.28
N LYS E 68 23.71 -6.26 37.41
CA LYS E 68 23.11 -6.55 38.70
C LYS E 68 23.57 -5.61 39.81
N MET E 69 22.90 -5.66 40.95
CA MET E 69 23.39 -5.00 42.14
C MET E 69 24.01 -6.07 43.00
N GLU E 70 25.22 -5.81 43.48
CA GLU E 70 25.85 -6.71 44.41
C GLU E 70 25.07 -6.63 45.70
N GLU E 71 24.29 -7.67 45.98
CA GLU E 71 23.45 -7.73 47.17
C GLU E 71 24.30 -7.79 48.43
N GLU E 72 25.57 -8.11 48.25
CA GLU E 72 26.54 -8.03 49.34
C GLU E 72 27.57 -6.95 49.06
N PRO E 73 27.27 -5.72 49.48
CA PRO E 73 28.21 -4.60 49.34
C PRO E 73 29.30 -4.61 50.42
N ALA E 74 30.55 -4.43 50.01
CA ALA E 74 31.67 -4.31 50.95
C ALA E 74 31.54 -3.01 51.74
N ASP E 75 31.55 -3.11 53.07
CA ASP E 75 31.35 -1.97 53.95
C ASP E 75 29.91 -1.46 53.92
N GLY E 76 29.02 -2.21 53.28
CA GLY E 76 27.62 -1.84 53.21
C GLY E 76 27.31 -0.72 52.22
N VAL E 77 28.20 -0.49 51.27
CA VAL E 77 27.99 0.53 50.24
C VAL E 77 27.50 -0.09 48.93
N PRO E 78 26.27 0.26 48.51
CA PRO E 78 25.67 -0.38 47.34
C PRO E 78 26.47 -0.09 46.06
N HIS E 79 26.69 -1.13 45.27
CA HIS E 79 27.40 -0.97 44.01
C HIS E 79 26.87 -1.98 43.00
N GLY E 80 26.92 -1.61 41.73
CA GLY E 80 26.44 -2.49 40.69
C GLY E 80 27.59 -3.28 40.11
N HIS E 81 27.23 -4.25 39.28
CA HIS E 81 28.21 -5.11 38.64
C HIS E 81 27.67 -5.55 37.28
N ILE E 82 28.52 -5.45 36.27
CA ILE E 82 28.19 -5.98 34.96
C ILE E 82 28.46 -7.47 34.88
N THR E 83 27.41 -8.28 34.73
CA THR E 83 27.59 -9.71 34.60
C THR E 83 28.13 -10.02 33.20
N SER E 84 27.53 -9.42 32.18
CA SER E 84 27.92 -9.70 30.82
C SER E 84 27.55 -8.53 29.89
N LEU E 85 28.44 -8.23 28.96
CA LEU E 85 28.24 -7.21 27.95
C LEU E 85 28.79 -7.72 26.61
N SER E 86 28.00 -7.60 25.56
CA SER E 86 28.34 -8.18 24.28
C SER E 86 27.58 -7.58 23.10
N VAL E 87 28.28 -7.39 21.98
CA VAL E 87 27.67 -7.00 20.73
C VAL E 87 28.07 -7.93 19.59
N MET E 88 27.07 -8.41 18.87
CA MET E 88 27.23 -9.24 17.70
C MET E 88 28.32 -8.63 16.80
N ARG E 89 29.22 -9.45 16.26
CA ARG E 89 30.39 -8.91 15.55
C ARG E 89 29.99 -8.05 14.36
N THR E 90 28.86 -8.41 13.77
CA THR E 90 28.34 -7.72 12.60
C THR E 90 27.89 -6.30 12.92
N HIS E 91 27.74 -6.00 14.20
CA HIS E 91 27.19 -4.71 14.64
C HIS E 91 28.11 -3.92 15.58
N ARG E 92 29.40 -4.28 15.61
CA ARG E 92 30.36 -3.56 16.44
C ARG E 92 30.74 -2.22 15.80
N ARG E 93 31.38 -1.36 16.59
CA ARG E 93 31.80 -0.02 16.18
C ARG E 93 30.62 0.83 15.68
N LEU E 94 29.45 0.66 16.27
CA LEU E 94 28.30 1.53 16.01
C LEU E 94 27.96 2.37 17.27
N GLY E 95 28.77 2.25 18.31
CA GLY E 95 28.57 2.97 19.54
C GLY E 95 27.56 2.30 20.44
N ILE E 96 27.31 1.02 20.20
CA ILE E 96 26.22 0.34 20.90
C ILE E 96 26.55 -0.05 22.33
N ALA E 97 27.69 -0.68 22.55
CA ALA E 97 28.07 -1.09 23.90
C ALA E 97 28.11 0.16 24.80
N GLU E 98 28.59 1.28 24.27
CA GLU E 98 28.63 2.51 25.05
C GLU E 98 27.24 2.98 25.51
N LYS E 99 26.24 2.92 24.61
CA LYS E 99 24.90 3.34 25.01
C LYS E 99 24.27 2.38 26.05
N LEU E 100 24.46 1.07 25.85
CA LEU E 100 23.97 0.04 26.78
C LEU E 100 24.47 0.27 28.19
N MET E 101 25.79 0.45 28.32
CA MET E 101 26.43 0.75 29.59
C MET E 101 25.88 2.00 30.32
N ARG E 102 25.70 3.10 29.58
CA ARG E 102 25.24 4.36 30.19
C ARG E 102 23.80 4.27 30.68
N GLN E 103 22.94 3.56 29.95
CA GLN E 103 21.58 3.27 30.42
C GLN E 103 21.63 2.49 31.73
N SER E 104 22.40 1.41 31.75
CA SER E 104 22.52 0.61 32.95
C SER E 104 23.08 1.42 34.13
N GLN E 105 24.12 2.20 33.88
CA GLN E 105 24.69 3.02 34.94
C GLN E 105 23.67 4.01 35.50
N LEU E 106 22.87 4.60 34.62
CA LEU E 106 21.87 5.56 35.08
C LEU E 106 20.82 4.92 36.01
N ALA E 107 20.21 3.82 35.59
CA ALA E 107 19.22 3.15 36.43
C ALA E 107 19.84 2.63 37.74
N MET E 108 21.13 2.28 37.72
CA MET E 108 21.81 1.86 38.94
C MET E 108 21.85 2.99 39.97
N VAL E 109 22.16 4.21 39.52
CA VAL E 109 22.19 5.32 40.45
C VAL E 109 20.78 5.64 40.94
N GLU E 110 19.85 5.77 39.99
CA GLU E 110 18.49 6.20 40.31
C GLU E 110 17.74 5.23 41.21
N THR E 111 17.66 3.97 40.79
CA THR E 111 16.85 2.98 41.47
C THR E 111 17.51 2.38 42.71
N TYR E 112 18.84 2.28 42.71
CA TYR E 112 19.54 1.51 43.74
C TYR E 112 20.62 2.30 44.46
N ASN E 113 20.73 3.58 44.11
CA ASN E 113 21.72 4.46 44.73
C ASN E 113 23.14 3.90 44.73
N ALA E 114 23.52 3.27 43.61
CA ALA E 114 24.86 2.71 43.47
C ALA E 114 25.93 3.81 43.57
N HIS E 115 26.95 3.56 44.37
CA HIS E 115 28.06 4.48 44.52
C HIS E 115 29.13 4.22 43.45
N TYR E 116 29.12 3.01 42.90
CA TYR E 116 30.03 2.66 41.81
C TYR E 116 29.56 1.40 41.07
N VAL E 117 30.20 1.09 39.96
CA VAL E 117 29.90 -0.15 39.24
C VAL E 117 31.21 -0.82 38.86
N SER E 118 31.26 -2.14 39.00
CA SER E 118 32.50 -2.88 38.76
C SER E 118 32.29 -3.97 37.72
N LEU E 119 33.40 -4.50 37.19
CA LEU E 119 33.35 -5.58 36.21
C LEU E 119 34.69 -6.29 36.11
N HIS E 120 34.67 -7.48 35.51
CA HIS E 120 35.90 -8.18 35.13
C HIS E 120 36.11 -8.22 33.61
N VAL E 121 37.36 -8.14 33.16
CA VAL E 121 37.67 -8.22 31.72
C VAL E 121 39.01 -8.92 31.48
N ARG E 122 39.08 -9.80 30.49
CA ARG E 122 40.33 -10.43 30.09
C ARG E 122 41.39 -9.36 29.87
N VAL E 123 42.64 -9.66 30.25
CA VAL E 123 43.66 -8.64 30.19
C VAL E 123 44.05 -8.39 28.75
N SER E 124 43.72 -9.31 27.86
CA SER E 124 44.05 -9.16 26.44
C SER E 124 42.88 -8.58 25.64
N ASN E 125 41.76 -8.35 26.30
CA ASN E 125 40.58 -7.82 25.61
C ASN E 125 40.70 -6.32 25.34
N LYS E 126 41.48 -6.01 24.31
CA LYS E 126 41.81 -4.63 24.00
C LYS E 126 40.60 -3.76 23.66
N ALA E 127 39.67 -4.30 22.87
CA ALA E 127 38.48 -3.54 22.51
C ALA E 127 37.65 -3.13 23.74
N ALA E 128 37.44 -4.08 24.67
CA ALA E 128 36.62 -3.81 25.84
C ALA E 128 37.30 -2.88 26.82
N ILE E 129 38.60 -3.08 27.03
CA ILE E 129 39.37 -2.22 27.92
C ILE E 129 39.32 -0.78 27.41
N HIS E 130 39.33 -0.59 26.09
CA HIS E 130 39.26 0.76 25.56
C HIS E 130 37.90 1.38 25.87
N LEU E 131 36.85 0.60 25.64
CA LEU E 131 35.50 0.99 25.98
C LEU E 131 35.42 1.46 27.44
N TYR E 132 35.85 0.60 28.37
CA TYR E 132 35.76 0.88 29.80
C TYR E 132 36.68 2.00 30.29
N ARG E 133 37.97 1.93 29.97
CA ARG E 133 38.88 2.94 30.49
C ARG E 133 38.72 4.29 29.79
N ASP E 134 38.85 4.28 28.47
CA ASP E 134 38.94 5.50 27.68
C ASP E 134 37.60 6.17 27.43
N THR E 135 36.57 5.38 27.11
CA THR E 135 35.26 5.93 26.83
C THR E 135 34.42 6.14 28.08
N LEU E 136 34.33 5.16 28.97
CA LEU E 136 33.41 5.26 30.11
C LEU E 136 34.06 5.71 31.42
N GLY E 137 35.38 5.84 31.43
CA GLY E 137 36.08 6.31 32.62
C GLY E 137 36.33 5.31 33.74
N PHE E 138 36.37 4.01 33.41
CA PHE E 138 36.68 2.99 34.41
C PHE E 138 38.16 3.04 34.81
N LYS E 139 38.43 2.74 36.08
CA LYS E 139 39.81 2.68 36.56
C LYS E 139 40.15 1.28 37.01
N THR E 140 41.43 0.92 36.98
CA THR E 140 41.82 -0.45 37.31
C THR E 140 41.93 -0.63 38.82
N GLU E 141 41.33 -1.71 39.33
CA GLU E 141 41.33 -1.93 40.77
C GLU E 141 42.34 -3.01 41.19
N LYS E 142 42.39 -4.12 40.46
CA LYS E 142 43.32 -5.21 40.74
C LYS E 142 43.34 -6.20 39.57
N VAL E 143 44.16 -7.23 39.69
CA VAL E 143 44.15 -8.31 38.72
C VAL E 143 43.80 -9.61 39.43
N GLU E 144 42.80 -10.32 38.91
CA GLU E 144 42.45 -11.63 39.44
C GLU E 144 43.10 -12.69 38.58
N ALA E 145 44.07 -13.41 39.13
CA ALA E 145 44.80 -14.38 38.34
C ALA E 145 43.90 -15.56 37.98
N LYS E 146 44.04 -16.02 36.74
CA LYS E 146 43.40 -17.23 36.26
C LYS E 146 41.90 -17.20 36.54
N TYR E 147 41.32 -16.04 36.33
CA TYR E 147 39.92 -15.82 36.60
C TYR E 147 39.03 -16.58 35.59
N TYR E 148 39.44 -16.57 34.32
CA TYR E 148 38.67 -17.25 33.30
C TYR E 148 39.02 -18.72 33.18
N ALA E 149 38.13 -19.48 32.55
CA ALA E 149 38.23 -20.93 32.51
C ALA E 149 39.52 -21.43 31.87
N ASP E 150 39.95 -20.78 30.80
CA ASP E 150 41.18 -21.15 30.10
C ASP E 150 42.43 -20.64 30.85
N GLY E 151 42.22 -20.04 32.02
CA GLY E 151 43.33 -19.57 32.82
C GLY E 151 43.75 -18.12 32.62
N GLU E 152 43.13 -17.41 31.69
CA GLU E 152 43.48 -16.00 31.49
C GLU E 152 43.09 -15.12 32.70
N ASP E 153 43.96 -14.18 33.02
CA ASP E 153 43.77 -13.24 34.10
C ASP E 153 42.69 -12.23 33.73
N ALA E 154 42.05 -11.63 34.73
CA ALA E 154 41.14 -10.52 34.46
C ALA E 154 41.55 -9.26 35.20
N TYR E 155 41.35 -8.11 34.56
CA TYR E 155 41.34 -6.84 35.27
C TYR E 155 39.99 -6.72 35.94
N CYS E 156 39.98 -6.33 37.21
CA CYS E 156 38.77 -5.87 37.85
C CYS E 156 38.78 -4.37 37.70
N MET E 157 37.77 -3.84 37.02
CA MET E 157 37.69 -2.40 36.77
C MET E 157 36.50 -1.79 37.51
N LYS E 158 36.67 -0.56 37.97
CA LYS E 158 35.63 0.13 38.74
C LYS E 158 35.39 1.53 38.17
N LEU E 159 34.12 1.95 38.17
CA LEU E 159 33.73 3.31 37.80
C LEU E 159 33.07 4.01 38.98
N ASP E 160 33.70 5.06 39.48
CA ASP E 160 33.10 5.93 40.49
C ASP E 160 31.87 6.66 39.92
N LEU E 161 30.73 6.53 40.58
CA LEU E 161 29.49 7.11 40.09
C LEU E 161 29.11 8.33 40.93
N THR E 162 30.08 8.85 41.66
CA THR E 162 29.87 10.02 42.50
C THR E 162 29.38 11.23 41.68
N ALA E 163 30.04 11.47 40.56
CA ALA E 163 29.65 12.59 39.71
C ALA E 163 28.26 12.40 39.11
N LEU E 164 27.91 11.16 38.78
CA LEU E 164 26.59 10.91 38.19
C LEU E 164 25.50 11.06 39.23
N ARG E 165 25.81 10.67 40.47
CA ARG E 165 24.88 10.86 41.56
C ARG E 165 24.61 12.37 41.74
N GLU E 166 25.68 13.16 41.75
CA GLU E 166 25.60 14.61 41.89
C GLU E 166 24.91 15.26 40.70
N GLN E 167 25.23 14.77 39.49
CA GLN E 167 24.60 15.25 38.27
C GLN E 167 23.09 15.03 38.31
N ILE E 168 22.67 13.92 38.95
CA ILE E 168 21.25 13.56 39.07
C ILE E 168 20.56 14.37 40.15
N ALA E 169 21.25 14.60 41.26
CA ALA E 169 20.74 15.41 42.37
C ALA E 169 20.39 16.79 41.88
N ALA E 170 21.26 17.34 41.03
CA ALA E 170 21.09 18.69 40.51
C ALA E 170 19.87 18.79 39.59
N GLN E 171 19.71 17.79 38.74
CA GLN E 171 18.53 17.72 37.88
C GLN E 171 17.27 17.54 38.73
N ARG E 172 17.45 16.93 39.89
CA ARG E 172 16.33 16.67 40.81
C ARG E 172 15.88 17.94 41.50
N GLU E 173 16.82 18.83 41.81
CA GLU E 173 16.49 20.08 42.51
C GLU E 173 15.74 21.06 41.61
N LYS E 174 16.00 20.97 40.30
CA LYS E 174 15.25 21.73 39.31
C LYS E 174 13.82 21.18 39.17
N GLU E 175 13.67 19.86 39.28
CA GLU E 175 12.36 19.23 39.22
C GLU E 175 11.45 19.76 40.32
N LEU E 176 12.04 19.91 41.51
CA LEU E 176 11.27 20.21 42.72
C LEU E 176 10.80 21.65 42.82
N GLU E 177 11.52 22.57 42.19
CA GLU E 177 11.18 23.99 42.22
C GLU E 177 9.81 24.27 41.62
N GLU E 178 9.54 23.71 40.44
CA GLU E 178 8.28 23.91 39.75
C GLU E 178 8.00 22.74 38.82
N MET F 3 -24.07 -27.39 34.35
CA MET F 3 -25.47 -27.74 34.49
C MET F 3 -26.11 -28.05 33.14
N GLY F 4 -25.27 -28.34 32.14
CA GLY F 4 -25.75 -28.77 30.84
C GLY F 4 -25.57 -30.27 30.69
N LYS F 5 -26.64 -30.97 30.35
CA LYS F 5 -26.56 -32.42 30.19
C LYS F 5 -25.88 -32.81 28.87
N VAL F 6 -24.95 -33.76 28.96
CA VAL F 6 -24.23 -34.26 27.78
C VAL F 6 -24.45 -35.76 27.56
N ASP F 7 -24.29 -36.18 26.30
CA ASP F 7 -24.51 -37.58 25.96
C ASP F 7 -23.21 -38.37 26.04
N PRO F 8 -23.23 -39.47 26.82
CA PRO F 8 -22.05 -40.33 26.98
C PRO F 8 -21.43 -40.74 25.66
N ALA F 9 -22.23 -41.19 24.70
CA ALA F 9 -21.72 -41.59 23.40
C ALA F 9 -21.04 -40.43 22.67
N ASP F 10 -21.58 -39.22 22.84
CA ASP F 10 -21.00 -38.03 22.20
C ASP F 10 -19.58 -37.77 22.72
N VAL F 11 -19.42 -37.86 24.03
CA VAL F 11 -18.12 -37.64 24.65
C VAL F 11 -17.06 -38.61 24.10
N ASN F 12 -17.37 -39.89 24.02
CA ASN F 12 -16.46 -40.86 23.41
C ASN F 12 -16.08 -40.44 21.99
N LEU F 13 -17.06 -40.00 21.23
CA LEU F 13 -16.81 -39.62 19.85
C LEU F 13 -15.75 -38.53 19.76
N LEU F 14 -15.91 -37.45 20.53
CA LEU F 14 -14.94 -36.36 20.50
C LEU F 14 -13.58 -36.78 21.06
N VAL F 15 -13.58 -37.67 22.05
CA VAL F 15 -12.34 -38.18 22.60
C VAL F 15 -11.52 -38.88 21.51
N GLU F 16 -12.18 -39.70 20.70
CA GLU F 16 -11.51 -40.46 19.65
C GLU F 16 -11.16 -39.64 18.42
N GLU F 17 -12.04 -38.70 18.04
CA GLU F 17 -11.89 -38.00 16.77
C GLU F 17 -11.12 -36.69 16.88
N LEU F 18 -11.11 -36.10 18.07
CA LEU F 18 -10.36 -34.87 18.32
C LEU F 18 -9.21 -35.13 19.30
N GLU F 19 -9.07 -36.39 19.69
CA GLU F 19 -8.02 -36.79 20.62
C GLU F 19 -7.97 -35.86 21.82
N LEU F 20 -9.14 -35.59 22.39
CA LEU F 20 -9.24 -34.90 23.65
C LEU F 20 -9.47 -35.89 24.78
N SER F 21 -9.03 -35.48 25.96
CA SER F 21 -9.38 -36.18 27.19
C SER F 21 -10.89 -36.08 27.40
N LYS F 22 -11.40 -36.92 28.28
CA LYS F 22 -12.83 -36.95 28.56
C LYS F 22 -13.28 -35.57 29.06
N ALA F 23 -12.42 -34.92 29.84
CA ALA F 23 -12.78 -33.67 30.49
C ALA F 23 -12.92 -32.54 29.49
N LYS F 24 -11.91 -32.42 28.62
CA LYS F 24 -11.94 -31.46 27.52
C LYS F 24 -13.11 -31.73 26.56
N ALA F 25 -13.36 -33.00 26.27
CA ALA F 25 -14.45 -33.37 25.40
C ALA F 25 -15.77 -32.86 25.99
N THR F 26 -15.94 -33.11 27.28
CA THR F 26 -17.17 -32.75 27.99
C THR F 26 -17.37 -31.24 28.11
N GLU F 27 -16.28 -30.52 28.37
CA GLU F 27 -16.33 -29.07 28.38
C GLU F 27 -16.74 -28.53 27.02
N LEU F 28 -16.05 -28.99 25.98
CA LEU F 28 -16.34 -28.54 24.62
C LEU F 28 -17.81 -28.78 24.30
N LEU F 29 -18.26 -29.98 24.63
CA LEU F 29 -19.65 -30.36 24.41
C LEU F 29 -20.62 -29.44 25.17
N LYS F 30 -20.31 -29.18 26.44
CA LYS F 30 -21.22 -28.41 27.30
C LYS F 30 -21.21 -26.93 26.90
N ALA F 31 -20.15 -26.52 26.22
CA ALA F 31 -20.08 -25.17 25.67
C ALA F 31 -20.99 -25.02 24.46
N HIS F 32 -21.38 -26.12 23.83
CA HIS F 32 -22.23 -26.00 22.65
C HIS F 32 -23.60 -26.61 22.89
N ASP F 33 -24.05 -26.50 24.13
CA ASP F 33 -25.40 -26.90 24.51
C ASP F 33 -25.58 -28.41 24.36
N GLY F 34 -24.47 -29.14 24.39
CA GLY F 34 -24.47 -30.57 24.19
C GLY F 34 -24.54 -30.99 22.73
N ASP F 35 -24.55 -30.03 21.82
CA ASP F 35 -24.71 -30.32 20.40
C ASP F 35 -23.41 -30.81 19.78
N ALA F 36 -23.27 -32.13 19.65
CA ALA F 36 -22.03 -32.77 19.22
C ALA F 36 -21.55 -32.30 17.83
N ILE F 37 -22.49 -32.02 16.94
CA ILE F 37 -22.12 -31.58 15.60
C ILE F 37 -21.72 -30.11 15.61
N LYS F 38 -22.43 -29.34 16.41
CA LYS F 38 -22.10 -27.94 16.60
C LYS F 38 -20.69 -27.81 17.18
N ALA F 39 -20.40 -28.62 18.19
CA ALA F 39 -19.10 -28.56 18.86
C ALA F 39 -17.96 -28.95 17.93
N MET F 40 -18.14 -30.02 17.17
CA MET F 40 -17.11 -30.49 16.24
C MET F 40 -16.85 -29.46 15.16
N LYS F 41 -17.92 -28.88 14.60
CA LYS F 41 -17.78 -27.85 13.59
C LYS F 41 -16.99 -26.66 14.15
N ALA F 42 -17.31 -26.28 15.38
CA ALA F 42 -16.71 -25.11 16.00
C ALA F 42 -15.22 -25.31 16.28
N TYR F 43 -14.84 -26.53 16.67
CA TYR F 43 -13.46 -26.79 17.07
C TYR F 43 -12.48 -26.76 15.90
N ILE F 44 -12.94 -27.07 14.69
CA ILE F 44 -12.04 -27.12 13.53
C ILE F 44 -11.98 -25.82 12.73
N GLN F 45 -12.68 -24.79 13.20
CA GLN F 45 -12.52 -23.45 12.61
C GLN F 45 -11.25 -22.82 13.15
N PRO F 46 -10.42 -22.31 12.23
CA PRO F 46 -9.15 -21.65 12.57
C PRO F 46 -9.33 -20.36 13.36
N ALA F 47 -8.26 -19.92 14.04
CA ALA F 47 -8.24 -18.64 14.76
C ALA F 47 -8.50 -17.47 13.83
N SER G 1 6.32 19.83 -17.28
CA SER G 1 4.97 19.96 -16.87
C SER G 1 4.87 21.08 -15.81
N GLU G 2 3.71 21.93 -15.85
CA GLU G 2 3.47 23.01 -14.95
C GLU G 2 2.87 22.48 -13.67
N SER G 3 3.40 22.95 -12.42
CA SER G 3 2.95 22.53 -11.13
C SER G 3 1.50 22.87 -10.81
N SER G 4 0.89 22.10 -9.71
CA SER G 4 -0.46 22.25 -9.25
C SER G 4 -1.39 22.12 -10.43
N SER H 1 32.81 -9.79 31.43
CA SER H 1 32.23 -11.08 31.48
C SER H 1 32.49 -11.75 32.83
N GLU H 2 31.39 -12.38 33.50
CA GLU H 2 31.60 -13.04 34.73
C GLU H 2 31.96 -14.47 34.37
N SER H 3 33.09 -15.09 35.01
CA SER H 3 33.52 -16.43 34.70
C SER H 3 32.49 -17.50 35.09
N SER H 4 32.41 -18.73 34.27
CA SER H 4 31.52 -19.84 34.49
C SER H 4 30.35 -19.78 33.53
C1 GOL I . -9.29 25.66 -35.45
O1 GOL I . -9.74 25.15 -36.69
C2 GOL I . -8.50 26.96 -35.60
O2 GOL I . -7.12 26.70 -35.46
C3 GOL I . -8.93 27.94 -34.50
O3 GOL I . -8.70 29.29 -34.87
C1 GOL J . -9.28 -4.34 -21.51
O1 GOL J . -9.48 -5.05 -20.31
C2 GOL J . -8.42 -3.12 -21.20
O2 GOL J . -7.27 -3.17 -22.00
C3 GOL J . -9.19 -1.84 -21.51
O3 GOL J . -10.39 -1.84 -20.78
C1 GOL K . -9.94 23.79 -40.48
O1 GOL K . -11.07 24.60 -40.67
C2 GOL K . -8.74 24.71 -40.30
O2 GOL K . -9.18 26.02 -40.55
C3 GOL K . -7.69 24.32 -41.33
O3 GOL K . -7.41 22.95 -41.17
C1 GOL L . -15.46 38.18 -50.78
O1 GOL L . -14.35 38.76 -50.09
C2 GOL L . -15.09 36.82 -51.38
O2 GOL L . -16.27 36.10 -51.71
C3 GOL L . -14.21 36.98 -52.61
O3 GOL L . -13.63 35.76 -53.04
C1 GOL M . -23.13 38.10 -48.45
O1 GOL M . -23.43 36.90 -47.77
C2 GOL M . -21.67 38.04 -48.90
O2 GOL M . -21.60 37.83 -50.30
C3 GOL M . -20.90 39.29 -48.48
O3 GOL M . -19.51 39.08 -48.61
C1 GOL N . -27.03 40.14 -47.02
O1 GOL N . -28.28 39.86 -46.42
C2 GOL N . -26.93 39.33 -48.30
O2 GOL N . -28.21 39.29 -48.89
C3 GOL N . -25.96 40.03 -49.26
O3 GOL N . -25.88 39.28 -50.46
C1 GOL O . 20.67 -7.42 -38.94
O1 GOL O . 20.41 -8.63 -38.25
C2 GOL O . 20.07 -7.44 -40.34
O2 GOL O . 18.67 -7.36 -40.27
C3 GOL O . 20.60 -6.29 -41.19
O3 GOL O . 19.79 -6.14 -42.34
C1 GOL P . 6.31 -12.20 -9.73
O1 GOL P . 6.29 -11.32 -8.62
C2 GOL P . 6.72 -11.41 -10.96
O2 GOL P . 7.12 -10.13 -10.55
C3 GOL P . 7.90 -12.08 -11.64
O3 GOL P . 8.38 -11.19 -12.62
C1 GOL Q . -6.84 3.31 -17.87
O1 GOL Q . -7.55 3.16 -19.08
C2 GOL Q . -5.72 2.28 -17.82
O2 GOL Q . -5.31 2.00 -19.14
C3 GOL Q . -4.56 2.82 -17.00
O3 GOL Q . -3.62 1.79 -16.77
C1 GOL R . -16.26 11.19 -33.98
O1 GOL R . -17.03 10.15 -33.40
C2 GOL R . -15.54 12.02 -32.92
O2 GOL R . -14.16 11.90 -33.11
C3 GOL R . -15.92 13.50 -32.99
O3 GOL R . -15.08 14.23 -33.87
C1 GOL S . -28.98 15.41 -31.54
O1 GOL S . -29.23 16.15 -30.35
C2 GOL S . -27.58 14.81 -31.48
O2 GOL S . -27.60 13.46 -31.91
C3 GOL S . -26.61 15.60 -32.34
O3 GOL S . -25.36 14.95 -32.34
C1 GOL T . -14.01 25.26 -37.38
O1 GOL T . -14.87 24.19 -37.72
C2 GOL T . -14.20 26.42 -38.34
O2 GOL T . -13.58 26.01 -39.54
C3 GOL T . -15.71 26.63 -38.53
O3 GOL T . -15.99 27.78 -39.29
P PO4 U . -4.27 -3.61 -20.28
O1 PO4 U . -3.75 -4.70 -19.38
O2 PO4 U . -5.33 -4.19 -21.19
O3 PO4 U . -4.89 -2.49 -19.45
O4 PO4 U . -3.12 -3.05 -21.08
C1 GOL V . 5.68 7.19 -34.32
O1 GOL V . 4.57 6.37 -34.62
C2 GOL V . 5.78 8.32 -35.33
O2 GOL V . 4.48 8.59 -35.81
C3 GOL V . 6.37 9.57 -34.70
O3 GOL V . 7.77 9.58 -34.85
C1 GOL W . -61.66 11.33 -28.54
O1 GOL W . -60.90 10.25 -29.08
C2 GOL W . -60.99 12.66 -28.82
O2 GOL W . -61.53 13.26 -29.98
C3 GOL W . -61.16 13.62 -27.65
O3 GOL W . -60.96 14.93 -28.13
C1 GOL X . -61.27 18.88 -28.94
O1 GOL X . -61.26 17.47 -28.84
C2 GOL X . -60.29 19.34 -30.02
O2 GOL X . -59.96 18.26 -30.88
C3 GOL X . -60.85 20.48 -30.84
O3 GOL X . -60.72 20.18 -32.21
C1 GOL Y . 24.26 19.81 24.13
O1 GOL Y . 23.80 18.89 25.10
C2 GOL Y . 25.69 19.53 23.68
O2 GOL Y . 25.78 19.22 22.29
C3 GOL Y . 26.69 20.63 24.11
O3 GOL Y . 26.15 21.93 23.96
C1 GOL Z . 22.87 14.47 9.76
O1 GOL Z . 24.06 14.37 10.49
C2 GOL Z . 23.08 13.79 8.43
O2 GOL Z . 24.32 13.11 8.49
C3 GOL Z . 21.96 12.78 8.22
O3 GOL Z . 20.76 13.26 8.80
C1 GOL AA . 6.74 -11.72 22.41
O1 GOL AA . 6.26 -10.58 23.09
C2 GOL AA . 6.74 -11.46 20.91
O2 GOL AA . 8.05 -11.66 20.45
C3 GOL AA . 5.81 -12.43 20.21
O3 GOL AA . 5.85 -12.19 18.82
C1 GOL BA . 21.02 -17.77 5.86
O1 GOL BA . 22.11 -18.67 5.72
C2 GOL BA . 20.33 -18.11 7.16
O2 GOL BA . 20.74 -19.39 7.58
C3 GOL BA . 20.70 -17.07 8.22
O3 GOL BA . 19.78 -15.99 8.20
C1 GOL CA . 20.05 15.55 -7.16
O1 GOL CA . 19.54 16.56 -6.31
C2 GOL CA . 19.34 15.59 -8.51
O2 GOL CA . 20.28 15.44 -9.55
C3 GOL CA . 18.33 14.46 -8.64
O3 GOL CA . 18.76 13.51 -9.60
C1 GOL DA . 21.74 9.37 30.50
O1 GOL DA . 21.31 9.50 29.15
C2 GOL DA . 23.17 8.79 30.62
O2 GOL DA . 24.14 9.65 30.05
C3 GOL DA . 23.54 8.58 32.10
O3 GOL DA . 24.63 7.67 32.27
P PO4 EA . 25.18 -16.69 7.38
O1 PO4 EA . 24.97 -17.22 8.77
O2 PO4 EA . 24.44 -17.57 6.40
O3 PO4 EA . 24.66 -15.27 7.31
O4 PO4 EA . 26.66 -16.69 7.06
P PO4 FA . 7.21 -35.34 55.49
O1 PO4 FA . 7.86 -35.85 56.75
O2 PO4 FA . 5.74 -35.69 55.49
O3 PO4 FA . 7.38 -33.83 55.44
O4 PO4 FA . 7.91 -35.96 54.30
C1 GOL GA . 24.52 8.53 26.12
O1 GOL GA . 23.84 7.75 27.08
C2 GOL GA . 23.64 9.68 25.64
O2 GOL GA . 22.51 9.82 26.49
C3 GOL GA . 23.19 9.43 24.20
O3 GOL GA . 24.27 9.52 23.30
C1 GOL HA . 36.51 -7.44 19.88
O1 GOL HA . 36.61 -8.38 20.94
C2 GOL HA . 36.75 -8.07 18.51
O2 GOL HA . 36.11 -7.33 17.49
C3 GOL HA . 38.25 -8.14 18.22
O3 GOL HA . 38.47 -8.70 16.94
C1 GOL IA . 16.58 -18.20 44.26
O1 GOL IA . 16.78 -19.15 45.30
C2 GOL IA . 16.82 -18.86 42.91
O2 GOL IA . 15.60 -18.85 42.22
C3 GOL IA . 17.89 -18.10 42.14
O3 GOL IA . 18.35 -18.86 41.04
C1 GOL JA . 9.97 -8.39 16.09
O1 GOL JA . 9.29 -9.30 16.96
C2 GOL JA . 10.25 -9.03 14.73
O2 GOL JA . 9.68 -8.25 13.69
C3 GOL JA . 11.74 -9.20 14.47
O3 GOL JA . 12.03 -9.39 13.10
C1 GOL KA . 26.37 -19.12 37.12
O1 GOL KA . 26.81 -18.77 38.42
C2 GOL KA . 25.28 -20.21 37.18
O2 GOL KA . 24.35 -19.96 38.23
C3 GOL KA . 24.53 -20.34 35.85
O3 GOL KA . 25.30 -20.98 34.84
C1 GOL LA . 25.32 -18.77 14.99
O1 GOL LA . 26.45 -19.27 14.29
C2 GOL LA . 24.05 -18.83 14.16
O2 GOL LA . 23.02 -18.12 14.81
C3 GOL LA . 24.26 -18.21 12.78
O3 GOL LA . 23.69 -19.06 11.82
P PO4 MA . 11.48 13.11 41.01
O1 PO4 MA . 11.11 12.16 42.11
O2 PO4 MA . 12.60 12.49 40.19
O3 PO4 MA . 11.96 14.42 41.58
O4 PO4 MA . 10.28 13.36 40.13
N1A CMC NA . 16.02 7.42 -21.30
C2A CMC NA . 16.93 8.34 -21.75
N3A CMC NA . 16.64 9.17 -22.77
C4A CMC NA . 15.42 9.11 -23.38
C5A CMC NA . 14.48 8.16 -22.94
C6A CMC NA . 14.81 7.31 -21.87
N6A CMC NA . 13.87 6.39 -21.42
N7A CMC NA . 13.28 8.34 -23.79
C8A CMC NA . 13.59 9.35 -24.66
N9A CMC NA . 14.82 9.74 -24.39
C1B CMC NA . 15.44 10.80 -25.12
C2B CMC NA . 16.28 10.30 -26.23
O2B CMC NA . 17.56 10.95 -26.16
C3B CMC NA . 15.63 10.75 -27.44
O3B CMC NA . 16.63 11.26 -28.35
P3B CMC NA . 17.31 10.26 -29.35
O7A CMC NA . 18.40 10.93 -30.07
O8A CMC NA . 16.25 9.62 -30.33
O9A CMC NA . 18.03 9.24 -28.61
C4B CMC NA . 14.80 11.91 -27.04
O4B CMC NA . 14.41 11.62 -25.71
C5B CMC NA . 13.59 11.93 -27.91
O5B CMC NA . 13.02 10.62 -27.75
P1A CMC NA . 11.42 10.60 -27.89
O1A CMC NA . 10.95 9.28 -28.46
O2A CMC NA . 10.99 11.71 -28.85
O3A CMC NA . 10.71 10.84 -26.45
P2A CMC NA . 9.36 10.19 -25.95
O4A CMC NA . 9.64 8.78 -25.50
O5A CMC NA . 8.37 10.16 -27.07
O6A CMC NA . 8.78 11.05 -24.78
CBP CMC NA . 8.79 11.90 -22.52
CCP CMC NA . 9.65 11.58 -23.79
CDP CMC NA . 7.71 12.93 -22.97
CEP CMC NA . 9.68 12.53 -21.39
CAP CMC NA . 8.18 10.56 -22.02
OAP CMC NA . 9.16 9.72 -21.54
C9P CMC NA . 7.10 10.69 -20.94
O9P CMC NA . 5.91 10.87 -21.25
N8P CMC NA . 7.45 10.57 -19.54
C7P CMC NA . 6.43 10.65 -18.50
C6P CMC NA . 5.70 12.03 -18.44
C5P CMC NA . 6.77 13.10 -18.36
O5P CMC NA . 7.66 12.99 -17.55
N4P CMC NA . 6.71 14.21 -19.24
C3P CMC NA . 7.75 15.22 -19.20
C2P CMC NA . 7.28 16.45 -18.42
S1P CMC NA . 8.63 17.65 -18.41
C1 CMC NA . 8.01 19.22 -19.04
C2 CMC NA . 6.57 19.35 -18.60
O21 CMC NA . 5.66 19.03 -19.35
N1A CMC OA . 39.54 -1.66 18.98
C2A CMC OA . 39.81 -0.44 19.55
N3A CMC OA . 38.82 0.32 20.10
C4A CMC OA . 37.54 -0.13 20.08
C5A CMC OA . 37.22 -1.38 19.50
C6A CMC OA . 38.26 -2.15 18.94
N6A CMC OA . 37.99 -3.40 18.37
N7A CMC OA . 35.75 -1.57 19.65
C8A CMC OA . 35.31 -0.44 20.29
N9A CMC OA . 36.38 0.34 20.52
C1B CMC OA . 36.28 1.60 21.12
C2B CMC OA . 35.47 2.46 20.21
O2B CMC OA . 36.24 3.21 19.25
C3B CMC OA . 34.81 3.39 21.10
O3B CMC OA . 35.76 4.43 21.39
P3B CMC OA . 35.42 5.92 20.94
O7A CMC OA . 34.53 6.57 21.93
O8A CMC OA . 34.80 5.91 19.48
O9A CMC OA . 36.60 6.76 21.07
C4B CMC OA . 34.55 2.59 22.34
O4B CMC OA . 35.48 1.50 22.33
C5B CMC OA . 33.14 2.03 22.34
O5B CMC OA . 32.75 1.77 20.98
P1A CMC OA . 31.43 0.87 20.78
O1A CMC OA . 30.38 1.25 21.77
O2A CMC OA . 30.86 1.01 19.39
O3A CMC OA . 31.84 -0.68 21.00
P2A CMC OA . 30.99 -1.93 20.57
O4A CMC OA . 31.46 -2.41 19.23
O5A CMC OA . 29.55 -1.55 20.48
O6A CMC OA . 31.13 -3.09 21.62
CBP CMC OA . 32.39 -4.76 22.83
CCP CMC OA . 32.35 -3.29 22.30
CDP CMC OA . 31.14 -5.05 23.70
CEP CMC OA . 33.69 -4.96 23.68
CAP CMC OA . 32.43 -5.69 21.60
OAP CMC OA . 33.66 -5.60 21.00
C9P CMC OA . 32.17 -7.16 21.91
O9P CMC OA . 31.02 -7.55 22.12
N8P CMC OA . 33.27 -8.10 21.94
C7P CMC OA . 33.07 -9.51 22.21
C6P CMC OA . 32.44 -9.81 23.59
C5P CMC OA . 33.28 -9.18 24.71
O5P CMC OA . 34.49 -9.30 24.74
N4P CMC OA . 32.60 -8.43 25.74
C3P CMC OA . 33.37 -7.80 26.80
C2P CMC OA . 33.53 -8.68 28.05
S1P CMC OA . 34.23 -7.68 29.38
C1 CMC OA . 32.90 -7.41 30.60
C2 CMC OA . 32.18 -8.75 30.69
O21 CMC OA . 31.12 -8.96 30.12
#